data_7CQU
#
_entry.id   7CQU
#
_cell.length_a   116.598
_cell.length_b   174.727
_cell.length_c   190.618
_cell.angle_alpha   90.000
_cell.angle_beta   90.000
_cell.angle_gamma   90.000
#
_symmetry.space_group_name_H-M   'I 2 2 2'
#
loop_
_entity.id
_entity.type
_entity.pdbx_description
1 polymer 'Type III glutamate--ammonia ligase'
2 non-polymer 'MAGNESIUM ION'
3 non-polymer "ADENOSINE-5'-DIPHOSPHATE"
4 non-polymer 'L-METHIONINE-S-SULFOXIMINE PHOSPHATE'
5 water water
#
_entity_poly.entity_id   1
_entity_poly.type   'polypeptide(L)'
_entity_poly.pdbx_seq_one_letter_code
;MGSSHHHHHHSSGLVPRGSHMTDLASIAREKGIEFFLISFTDLLGVQRAKLVPARAIADMAVNGAGFAGFAAWLDMSPAD
ADILAIPDPESLIQLPWKPSVGWLAADVHFEGRPFPKAPRVALKSVLARAAGKDMHLKHGVECEFFLIQPDGSAISDPAD
TQAKPCYDQDALMRRFDVIAEICSYMVDLGWGPYQNDHEDANGQFEMNWDYADALVTADRHAFFKFMVKSVAERHGLRAT
FMPKPFAHLTGNGCHTHLSMWTAAGDNLFEGDGELGLSPTAYAFLGGLIGHAKGLTAVVNPTVNSYKRLNAPVTVSGATW
SPNTITYGGNNRTHMVRIPDAGRLELRLPDGAANPYLMPAAILAAGLDGIETQADPGQRLDIDMYVEGHSVEAEQLPLNL
LDAVRALEADEVLAGGLGAAAAAFAKFKRAEWADYKSQLTEWERRTTLDC
;
_entity_poly.pdbx_strand_id   A,B,C
#
loop_
_chem_comp.id
_chem_comp.type
_chem_comp.name
_chem_comp.formula
ADP non-polymer ADENOSINE-5'-DIPHOSPHATE 'C10 H15 N5 O10 P2'
MG non-polymer 'MAGNESIUM ION' 'Mg 2'
P3S non-polymer 'L-METHIONINE-S-SULFOXIMINE PHOSPHATE' 'C5 H13 N2 O6 P S'
#
# COMPACT_ATOMS: atom_id res chain seq x y z
N THR A 22 5.17 26.10 31.34
CA THR A 22 5.32 24.74 31.86
C THR A 22 6.74 24.23 31.66
N ASP A 23 7.39 23.81 32.75
CA ASP A 23 8.78 23.41 32.70
C ASP A 23 8.96 21.88 32.67
N LEU A 24 9.07 21.32 31.46
CA LEU A 24 9.09 19.87 31.29
C LEU A 24 10.28 19.20 31.97
N ALA A 25 11.43 19.89 31.98
CA ALA A 25 12.61 19.39 32.68
C ALA A 25 12.35 19.21 34.17
N SER A 26 11.69 20.18 34.80
CA SER A 26 11.40 20.10 36.23
C SER A 26 10.35 19.04 36.53
N ILE A 27 9.30 19.02 35.71
CA ILE A 27 8.27 17.99 35.84
C ILE A 27 8.90 16.59 35.77
N ALA A 28 9.80 16.40 34.81
CA ALA A 28 10.48 15.12 34.66
C ALA A 28 11.14 14.72 35.97
N ARG A 29 11.90 15.64 36.54
CA ARG A 29 12.57 15.37 37.81
C ARG A 29 11.55 15.07 38.91
N GLU A 30 10.47 15.86 38.97
CA GLU A 30 9.47 15.71 40.02
C GLU A 30 8.66 14.41 39.94
N LYS A 31 8.19 14.09 38.74
CA LYS A 31 7.32 12.93 38.56
C LYS A 31 8.07 11.64 38.22
N GLY A 32 9.39 11.73 38.10
CA GLY A 32 10.19 10.57 37.75
C GLY A 32 10.02 10.13 36.30
N ILE A 33 9.93 11.09 35.39
CA ILE A 33 9.82 10.78 33.97
C ILE A 33 11.22 10.65 33.37
N GLU A 34 11.50 9.49 32.75
CA GLU A 34 12.83 9.21 32.23
C GLU A 34 12.93 9.46 30.73
N PHE A 35 11.81 9.36 30.03
CA PHE A 35 11.77 9.61 28.60
C PHE A 35 10.45 10.26 28.23
N PHE A 36 10.48 11.06 27.17
CA PHE A 36 9.25 11.63 26.61
C PHE A 36 9.05 11.09 25.21
N LEU A 37 7.80 10.78 24.88
CA LEU A 37 7.41 10.57 23.49
C LEU A 37 6.94 11.91 22.94
N ILE A 38 7.68 12.45 22.00
CA ILE A 38 7.22 13.63 21.28
C ILE A 38 6.50 13.13 20.04
N SER A 39 5.18 13.33 20.04
CA SER A 39 4.29 12.61 19.14
C SER A 39 3.43 13.51 18.25
N PHE A 40 3.32 13.16 16.97
CA PHE A 40 2.34 13.82 16.10
C PHE A 40 1.49 12.78 15.36
N THR A 41 0.30 13.21 14.93
CA THR A 41 -0.57 12.36 14.14
C THR A 41 -0.48 12.77 12.68
N ASP A 42 -0.27 11.81 11.80
CA ASP A 42 -0.19 12.13 10.38
C ASP A 42 -1.56 12.00 9.71
N LEU A 43 -1.61 12.25 8.40
CA LEU A 43 -2.89 12.33 7.69
C LEU A 43 -3.71 11.05 7.79
N LEU A 44 -3.03 9.92 7.95
CA LEU A 44 -3.71 8.62 7.99
C LEU A 44 -3.94 8.18 9.41
N GLY A 45 -3.67 9.06 10.36
CA GLY A 45 -3.92 8.74 11.76
C GLY A 45 -2.79 8.03 12.49
N VAL A 46 -1.71 7.73 11.77
CA VAL A 46 -0.58 7.02 12.39
C VAL A 46 0.17 7.90 13.40
N GLN A 47 0.43 7.33 14.57
CA GLN A 47 1.16 8.04 15.61
C GLN A 47 2.65 7.93 15.32
N ARG A 48 3.28 9.08 15.11
CA ARG A 48 4.69 9.17 14.77
C ARG A 48 5.37 9.79 15.98
N ALA A 49 6.53 9.27 16.38
CA ALA A 49 7.15 9.76 17.61
C ALA A 49 8.65 9.54 17.70
N LYS A 50 9.29 10.41 18.50
CA LYS A 50 10.65 10.17 18.95
C LYS A 50 10.60 10.03 20.48
N LEU A 51 11.40 9.10 20.99
CA LEU A 51 11.55 8.85 22.42
C LEU A 51 12.83 9.54 22.84
N VAL A 52 12.70 10.60 23.63
CA VAL A 52 13.84 11.41 24.01
C VAL A 52 14.09 11.31 25.51
N PRO A 53 15.35 11.14 25.90
CA PRO A 53 15.65 11.03 27.34
C PRO A 53 15.42 12.38 28.00
N ALA A 54 15.12 12.34 29.30
CA ALA A 54 14.78 13.55 30.04
C ALA A 54 15.84 14.63 29.89
N ARG A 55 17.11 14.24 29.78
CA ARG A 55 18.19 15.22 29.63
C ARG A 55 18.03 16.11 28.40
N ALA A 56 17.16 15.71 27.47
CA ALA A 56 17.07 16.43 26.21
C ALA A 56 15.74 17.17 26.02
N ILE A 57 14.83 17.06 27.00
CA ILE A 57 13.50 17.62 26.79
C ILE A 57 13.49 19.15 26.67
N ALA A 58 14.35 19.83 27.42
CA ALA A 58 14.34 21.30 27.44
C ALA A 58 14.55 21.85 26.04
N ASP A 59 15.60 21.39 25.39
CA ASP A 59 15.91 21.82 24.03
C ASP A 59 14.77 21.50 23.07
N MET A 60 14.26 20.28 23.14
CA MET A 60 13.21 19.82 22.23
C MET A 60 11.91 20.59 22.41
N ALA A 61 11.59 20.92 23.66
CA ALA A 61 10.37 21.68 23.96
C ALA A 61 10.38 23.05 23.29
N VAL A 62 11.55 23.65 23.14
CA VAL A 62 11.62 24.96 22.51
C VAL A 62 11.69 24.82 20.99
N ASN A 63 12.69 24.06 20.53
CA ASN A 63 13.02 24.00 19.11
C ASN A 63 12.27 22.93 18.32
N GLY A 64 11.73 21.95 19.04
CA GLY A 64 11.02 20.85 18.40
C GLY A 64 11.96 19.69 18.13
N ALA A 65 11.40 18.52 17.85
CA ALA A 65 12.17 17.36 17.42
C ALA A 65 12.09 17.27 15.90
N GLY A 66 13.20 17.01 15.23
CA GLY A 66 13.22 16.97 13.79
C GLY A 66 12.73 15.64 13.21
N PHE A 67 12.02 15.70 12.09
CA PHE A 67 11.64 14.50 11.36
C PHE A 67 11.79 14.76 9.88
N ALA A 68 11.99 13.70 9.10
CA ALA A 68 11.91 13.81 7.65
C ALA A 68 10.47 13.51 7.28
N GLY A 69 9.75 14.57 6.92
CA GLY A 69 8.30 14.50 6.80
C GLY A 69 7.76 13.57 5.76
N PHE A 70 8.49 13.33 4.68
CA PHE A 70 8.04 12.43 3.62
C PHE A 70 7.91 10.99 4.14
N ALA A 71 8.64 10.68 5.21
CA ALA A 71 8.60 9.32 5.77
C ALA A 71 7.31 9.04 6.53
N ALA A 72 6.52 10.09 6.79
CA ALA A 72 5.19 9.93 7.41
C ALA A 72 4.16 10.27 6.35
N TRP A 73 2.86 10.15 6.67
CA TRP A 73 1.83 10.53 5.71
C TRP A 73 1.52 12.04 5.79
N LEU A 74 2.40 12.85 5.20
CA LEU A 74 2.26 14.30 5.22
C LEU A 74 2.29 14.89 3.81
N ASP A 75 2.52 14.03 2.82
CA ASP A 75 2.61 14.42 1.41
C ASP A 75 3.73 15.44 1.16
N MET A 76 4.95 15.10 1.56
CA MET A 76 6.08 15.99 1.33
C MET A 76 7.03 15.39 0.29
N SER A 77 8.31 15.74 0.37
CA SER A 77 9.34 15.24 -0.55
C SER A 77 10.59 14.93 0.25
N PRO A 78 11.33 13.87 -0.13
CA PRO A 78 12.54 13.52 0.60
C PRO A 78 13.59 14.63 0.50
N ALA A 79 13.41 15.54 -0.45
CA ALA A 79 14.34 16.66 -0.63
C ALA A 79 14.03 17.86 0.29
N ASP A 80 12.87 17.85 0.93
CA ASP A 80 12.46 18.88 1.89
C ASP A 80 13.30 18.91 3.16
N ALA A 81 13.46 20.11 3.72
CA ALA A 81 14.09 20.27 5.02
C ALA A 81 13.28 19.55 6.11
N ASP A 82 13.95 19.19 7.22
CA ASP A 82 13.28 18.61 8.38
C ASP A 82 12.04 19.41 8.78
N ILE A 83 10.94 18.71 9.09
CA ILE A 83 9.89 19.32 9.88
C ILE A 83 10.32 19.25 11.35
N LEU A 84 9.74 20.13 12.17
CA LEU A 84 10.03 20.16 13.59
C LEU A 84 8.71 20.02 14.33
N ALA A 85 8.62 18.99 15.16
CA ALA A 85 7.41 18.74 15.93
C ALA A 85 7.58 19.37 17.28
N ILE A 86 6.84 20.45 17.52
CA ILE A 86 6.94 21.19 18.77
C ILE A 86 5.88 20.71 19.74
N PRO A 87 6.30 20.08 20.83
CA PRO A 87 5.33 19.48 21.75
C PRO A 87 4.51 20.54 22.49
N ASP A 88 3.24 20.22 22.75
CA ASP A 88 2.37 21.05 23.58
C ASP A 88 2.46 20.55 25.02
N PRO A 89 3.19 21.29 25.87
CA PRO A 89 3.42 20.83 27.25
C PRO A 89 2.12 20.61 28.02
N GLU A 90 1.03 21.27 27.60
CA GLU A 90 -0.25 21.09 28.27
C GLU A 90 -0.82 19.71 28.03
N SER A 91 -0.30 19.00 27.02
CA SER A 91 -0.86 17.70 26.65
C SER A 91 -0.20 16.56 27.39
N LEU A 92 0.76 16.89 28.27
CA LEU A 92 1.57 15.84 28.90
C LEU A 92 0.71 14.76 29.57
N ILE A 93 0.98 13.50 29.25
CA ILE A 93 0.39 12.37 29.93
C ILE A 93 1.49 11.38 30.31
N GLN A 94 1.67 11.12 31.60
CA GLN A 94 2.55 10.02 32.01
C GLN A 94 1.80 8.73 31.72
N LEU A 95 2.36 7.89 30.86
CA LEU A 95 1.73 6.60 30.54
C LEU A 95 1.32 5.90 31.83
N PRO A 96 0.02 5.74 32.03
CA PRO A 96 -0.42 5.12 33.29
C PRO A 96 0.16 3.72 33.49
N TRP A 97 0.41 2.99 32.40
CA TRP A 97 0.96 1.64 32.50
C TRP A 97 2.48 1.62 32.53
N LYS A 98 3.10 2.80 32.41
CA LYS A 98 4.55 2.90 32.39
C LYS A 98 4.97 4.33 32.68
N PRO A 99 4.81 4.79 33.93
CA PRO A 99 4.88 6.21 34.31
C PRO A 99 6.25 6.86 34.10
N SER A 100 7.29 6.09 33.83
CA SER A 100 8.60 6.66 33.54
C SER A 100 8.61 7.29 32.15
N VAL A 101 7.53 7.07 31.39
CA VAL A 101 7.42 7.66 30.06
C VAL A 101 6.32 8.70 29.99
N GLY A 102 6.65 9.88 29.46
CA GLY A 102 5.66 10.93 29.25
C GLY A 102 5.33 11.15 27.79
N TRP A 103 4.05 11.15 27.45
CA TRP A 103 3.62 11.33 26.08
C TRP A 103 3.22 12.79 25.87
N LEU A 104 3.63 13.37 24.74
CA LEU A 104 3.25 14.73 24.36
C LEU A 104 2.74 14.80 22.93
N ALA A 105 1.58 15.42 22.73
CA ALA A 105 1.09 15.67 21.39
C ALA A 105 1.80 16.91 20.84
N ALA A 106 2.05 16.96 19.53
CA ALA A 106 2.85 18.06 18.98
C ALA A 106 2.27 18.61 17.70
N ASP A 107 2.60 19.87 17.42
CA ASP A 107 2.28 20.53 16.15
C ASP A 107 3.50 20.44 15.24
N VAL A 108 3.30 19.98 14.01
CA VAL A 108 4.38 19.91 13.05
C VAL A 108 4.59 21.31 12.45
N HIS A 109 5.84 21.76 12.39
CA HIS A 109 6.21 23.03 11.76
C HIS A 109 7.11 22.74 10.56
N PHE A 110 7.01 23.55 9.51
CA PHE A 110 7.89 23.40 8.35
C PHE A 110 8.30 24.80 7.88
N GLU A 111 9.60 25.00 7.68
CA GLU A 111 10.10 26.29 7.26
C GLU A 111 9.65 27.43 8.18
N GLY A 112 9.53 27.16 9.48
CA GLY A 112 9.29 28.20 10.47
C GLY A 112 7.85 28.51 10.81
N ARG A 113 6.91 27.82 10.16
CA ARG A 113 5.48 28.03 10.34
C ARG A 113 4.77 26.71 10.58
N PRO A 114 3.66 26.74 11.33
CA PRO A 114 2.87 25.51 11.49
C PRO A 114 2.58 24.92 10.12
N PHE A 115 2.73 23.60 9.99
CA PHE A 115 2.57 22.94 8.70
C PHE A 115 1.10 22.63 8.45
N PRO A 116 0.51 23.30 7.44
CA PRO A 116 -0.95 23.20 7.26
C PRO A 116 -1.47 21.80 6.92
N LYS A 117 -0.60 20.89 6.48
CA LYS A 117 -1.06 19.53 6.17
C LYS A 117 -1.12 18.62 7.41
N ALA A 118 -0.57 19.09 8.53
CA ALA A 118 -0.59 18.31 9.77
C ALA A 118 -1.96 18.41 10.41
N PRO A 119 -2.57 17.26 10.74
CA PRO A 119 -3.97 17.27 11.21
C PRO A 119 -4.21 18.16 12.43
N ARG A 120 -3.36 18.10 13.46
CA ARG A 120 -3.57 18.94 14.63
C ARG A 120 -3.51 20.43 14.27
N VAL A 121 -2.57 20.79 13.40
CA VAL A 121 -2.44 22.17 12.95
C VAL A 121 -3.70 22.59 12.19
N ALA A 122 -4.19 21.70 11.33
CA ALA A 122 -5.37 21.98 10.51
C ALA A 122 -6.59 22.18 11.39
N LEU A 123 -6.71 21.35 12.43
CA LEU A 123 -7.80 21.50 13.39
C LEU A 123 -7.73 22.85 14.14
N LYS A 124 -6.54 23.20 14.63
CA LYS A 124 -6.39 24.46 15.36
C LYS A 124 -6.74 25.68 14.51
N SER A 125 -6.48 25.61 13.21
CA SER A 125 -6.88 26.67 12.30
C SER A 125 -8.40 26.85 12.26
N VAL A 126 -9.14 25.76 12.11
CA VAL A 126 -10.59 25.85 12.11
C VAL A 126 -11.11 26.34 13.47
N LEU A 127 -10.53 25.83 14.55
CA LEU A 127 -10.93 26.26 15.88
C LEU A 127 -10.72 27.77 16.07
N ALA A 128 -9.59 28.29 15.58
CA ALA A 128 -9.31 29.72 15.67
C ALA A 128 -10.35 30.57 14.94
N ARG A 129 -10.81 30.13 13.77
CA ARG A 129 -11.82 30.90 13.04
C ARG A 129 -13.12 30.93 13.83
N ALA A 130 -13.55 29.78 14.35
CA ALA A 130 -14.79 29.72 15.12
C ALA A 130 -14.66 30.52 16.41
N ALA A 131 -13.50 30.46 17.04
CA ALA A 131 -13.23 31.21 18.26
C ALA A 131 -13.31 32.72 18.05
N GLY A 132 -12.93 33.18 16.86
CA GLY A 132 -12.99 34.59 16.57
C GLY A 132 -14.43 35.06 16.57
N LYS A 133 -15.36 34.14 16.35
CA LYS A 133 -16.77 34.48 16.34
C LYS A 133 -17.43 34.07 17.65
N ASP A 134 -16.61 33.94 18.68
CA ASP A 134 -17.06 33.48 19.99
C ASP A 134 -17.88 32.20 19.94
N MET A 135 -17.44 31.23 19.14
CA MET A 135 -18.06 29.91 19.16
C MET A 135 -16.99 28.85 19.39
N HIS A 136 -17.17 28.07 20.45
CA HIS A 136 -16.16 27.11 20.81
C HIS A 136 -16.71 25.69 20.76
N LEU A 137 -16.22 24.90 19.81
CA LEU A 137 -16.64 23.50 19.68
C LEU A 137 -16.21 22.65 20.86
N LYS A 138 -17.17 21.96 21.48
CA LYS A 138 -16.86 20.93 22.47
C LYS A 138 -17.45 19.61 21.98
N HIS A 139 -16.69 18.52 22.08
CA HIS A 139 -17.19 17.24 21.58
C HIS A 139 -16.72 16.07 22.43
N GLY A 140 -17.48 14.98 22.37
CA GLY A 140 -17.10 13.73 23.00
C GLY A 140 -17.12 12.66 21.95
N VAL A 141 -16.25 11.66 22.11
CA VAL A 141 -16.13 10.59 21.11
C VAL A 141 -16.47 9.24 21.72
N GLU A 142 -17.14 8.42 20.93
CA GLU A 142 -17.45 7.05 21.31
C GLU A 142 -16.58 6.10 20.50
N CYS A 143 -15.42 5.78 21.06
CA CYS A 143 -14.38 5.03 20.34
C CYS A 143 -14.60 3.53 20.50
N GLU A 144 -15.63 2.99 19.85
CA GLU A 144 -15.87 1.55 19.87
C GLU A 144 -14.65 0.79 19.31
N PHE A 145 -14.36 -0.37 19.91
CA PHE A 145 -13.26 -1.21 19.43
C PHE A 145 -13.58 -2.69 19.64
N PHE A 146 -12.89 -3.58 18.91
CA PHE A 146 -12.96 -5.02 19.18
C PHE A 146 -11.71 -5.50 19.91
N LEU A 147 -11.85 -6.50 20.76
CA LEU A 147 -10.69 -7.19 21.30
C LEU A 147 -10.55 -8.49 20.51
N ILE A 148 -9.40 -8.68 19.88
CA ILE A 148 -9.20 -9.80 18.96
C ILE A 148 -7.94 -10.59 19.29
N GLN A 149 -7.81 -11.76 18.67
CA GLN A 149 -6.58 -12.56 18.78
C GLN A 149 -5.44 -11.74 18.19
N PRO A 150 -4.23 -11.89 18.74
CA PRO A 150 -3.10 -11.16 18.16
C PRO A 150 -2.96 -11.35 16.65
N ASP A 151 -3.28 -12.52 16.11
CA ASP A 151 -3.10 -12.74 14.68
C ASP A 151 -4.23 -12.15 13.85
N GLY A 152 -5.21 -11.56 14.54
CA GLY A 152 -6.30 -10.88 13.86
C GLY A 152 -7.33 -11.80 13.23
N SER A 153 -7.20 -13.11 13.46
CA SER A 153 -8.05 -14.08 12.78
C SER A 153 -9.48 -14.15 13.35
N ALA A 154 -9.62 -13.88 14.65
CA ALA A 154 -10.90 -14.03 15.34
C ALA A 154 -10.98 -13.11 16.53
N ILE A 155 -12.14 -13.02 17.19
CA ILE A 155 -12.25 -12.20 18.39
C ILE A 155 -11.54 -12.92 19.54
N SER A 156 -11.25 -12.21 20.62
CA SER A 156 -10.39 -12.76 21.67
C SER A 156 -11.10 -13.81 22.54
N ASP A 157 -12.43 -13.78 22.53
CA ASP A 157 -13.23 -14.58 23.44
C ASP A 157 -14.13 -15.53 22.66
N PRO A 158 -13.73 -16.80 22.56
CA PRO A 158 -14.46 -17.78 21.76
C PRO A 158 -15.82 -18.12 22.37
N ALA A 159 -16.02 -17.77 23.62
CA ALA A 159 -17.31 -18.01 24.28
C ALA A 159 -18.33 -16.88 24.06
N ASP A 160 -17.92 -15.82 23.35
CA ASP A 160 -18.81 -14.68 23.09
C ASP A 160 -19.46 -14.95 21.73
N THR A 161 -20.63 -15.57 21.73
CA THR A 161 -21.21 -16.11 20.50
C THR A 161 -22.67 -15.82 20.22
N GLN A 162 -23.42 -15.35 21.21
CA GLN A 162 -24.86 -15.18 21.05
C GLN A 162 -25.22 -14.13 19.99
N ALA A 163 -26.42 -14.24 19.44
CA ALA A 163 -26.89 -13.36 18.37
C ALA A 163 -27.04 -11.89 18.78
N LYS A 164 -27.58 -11.64 19.96
CA LYS A 164 -27.67 -10.28 20.50
C LYS A 164 -26.80 -10.17 21.74
N PRO A 165 -25.50 -9.84 21.55
CA PRO A 165 -24.58 -9.80 22.69
C PRO A 165 -24.45 -8.40 23.32
N CYS A 166 -25.19 -7.43 22.83
CA CYS A 166 -24.96 -6.05 23.30
C CYS A 166 -25.21 -5.93 24.79
N TYR A 167 -24.33 -5.22 25.48
CA TYR A 167 -24.44 -5.07 26.94
C TYR A 167 -24.33 -6.39 27.70
N ASP A 168 -23.79 -7.43 27.05
CA ASP A 168 -23.64 -8.71 27.72
C ASP A 168 -22.82 -8.63 29.01
N GLN A 169 -23.44 -9.00 30.12
CA GLN A 169 -22.76 -8.92 31.40
C GLN A 169 -21.62 -9.94 31.48
N ASP A 170 -21.91 -11.20 31.13
CA ASP A 170 -20.91 -12.27 31.21
C ASP A 170 -19.67 -11.94 30.39
N ALA A 171 -19.87 -11.66 29.10
CA ALA A 171 -18.74 -11.39 28.21
C ALA A 171 -17.96 -10.13 28.62
N LEU A 172 -18.65 -9.12 29.13
CA LEU A 172 -17.95 -7.92 29.62
C LEU A 172 -17.04 -8.30 30.79
N MET A 173 -17.59 -9.03 31.76
CA MET A 173 -16.81 -9.34 32.96
C MET A 173 -15.69 -10.33 32.67
N ARG A 174 -15.85 -11.11 31.60
CA ARG A 174 -14.78 -11.97 31.15
C ARG A 174 -13.55 -11.15 30.71
N ARG A 175 -13.77 -9.89 30.36
CA ARG A 175 -12.63 -9.02 30.05
C ARG A 175 -12.53 -7.89 31.06
N PHE A 176 -12.98 -8.13 32.28
CA PHE A 176 -12.93 -7.11 33.32
C PHE A 176 -11.53 -6.53 33.48
N ASP A 177 -10.52 -7.39 33.59
CA ASP A 177 -9.17 -6.93 33.89
C ASP A 177 -8.66 -5.86 32.92
N VAL A 178 -8.89 -6.07 31.63
CA VAL A 178 -8.45 -5.14 30.59
C VAL A 178 -9.27 -3.87 30.68
N ILE A 179 -10.58 -4.03 30.63
CA ILE A 179 -11.51 -2.92 30.65
C ILE A 179 -11.34 -2.06 31.91
N ALA A 180 -11.30 -2.71 33.07
CA ALA A 180 -11.17 -1.99 34.33
C ALA A 180 -9.85 -1.25 34.42
N GLU A 181 -8.78 -1.89 33.95
CA GLU A 181 -7.47 -1.27 34.03
C GLU A 181 -7.48 0.05 33.27
N ILE A 182 -7.99 0.02 32.04
CA ILE A 182 -8.03 1.20 31.20
C ILE A 182 -8.94 2.28 31.78
N CYS A 183 -10.08 1.87 32.33
CA CYS A 183 -11.02 2.83 32.88
C CYS A 183 -10.41 3.55 34.07
N SER A 184 -9.79 2.79 34.97
CA SER A 184 -9.11 3.36 36.14
CA SER A 184 -9.14 3.40 36.14
C SER A 184 -8.00 4.33 35.73
N TYR A 185 -7.38 4.07 34.58
CA TYR A 185 -6.37 4.98 34.07
C TYR A 185 -7.03 6.30 33.71
N MET A 186 -8.19 6.23 33.07
CA MET A 186 -8.91 7.43 32.68
C MET A 186 -9.42 8.21 33.89
N VAL A 187 -9.78 7.49 34.95
CA VAL A 187 -10.18 8.14 36.19
C VAL A 187 -9.00 8.98 36.65
N ASP A 188 -7.84 8.34 36.76
CA ASP A 188 -6.64 8.99 37.28
C ASP A 188 -6.15 10.16 36.41
N LEU A 189 -6.38 10.08 35.10
CA LEU A 189 -5.93 11.17 34.21
C LEU A 189 -6.90 12.34 34.24
N GLY A 190 -8.06 12.14 34.86
CA GLY A 190 -9.03 13.20 35.01
C GLY A 190 -9.95 13.38 33.81
N TRP A 191 -10.09 12.34 33.00
CA TRP A 191 -10.95 12.43 31.81
C TRP A 191 -12.43 12.31 32.14
N GLY A 192 -12.75 11.92 33.37
CA GLY A 192 -14.14 11.72 33.75
C GLY A 192 -14.81 10.58 33.00
N PRO A 193 -14.24 9.38 33.04
CA PRO A 193 -14.96 8.25 32.43
C PRO A 193 -16.23 8.02 33.24
N TYR A 194 -17.29 7.44 32.65
CA TYR A 194 -18.53 7.25 33.39
C TYR A 194 -19.25 5.92 33.10
N GLN A 195 -18.88 5.23 32.03
CA GLN A 195 -19.44 3.90 31.75
C GLN A 195 -18.60 3.10 30.77
N ASN A 196 -18.74 1.78 30.86
CA ASN A 196 -18.13 0.83 29.92
C ASN A 196 -19.14 -0.25 29.66
N ASP A 197 -19.15 -0.79 28.44
CA ASP A 197 -19.96 -1.97 28.18
C ASP A 197 -19.37 -2.83 27.08
N HIS A 198 -19.99 -3.99 26.91
CA HIS A 198 -19.83 -4.79 25.73
C HIS A 198 -20.79 -4.17 24.70
N GLU A 199 -20.35 -4.04 23.46
CA GLU A 199 -21.19 -3.42 22.45
C GLU A 199 -21.95 -4.45 21.62
N ASP A 200 -22.51 -4.00 20.50
CA ASP A 200 -23.50 -4.79 19.76
C ASP A 200 -22.92 -5.96 18.97
N ALA A 201 -21.65 -5.89 18.58
CA ALA A 201 -21.00 -7.03 17.93
C ALA A 201 -20.32 -7.95 18.95
N ASN A 202 -20.27 -9.25 18.67
CA ASN A 202 -19.47 -10.13 19.50
C ASN A 202 -18.02 -9.64 19.48
N GLY A 203 -17.39 -9.52 20.65
CA GLY A 203 -16.01 -9.10 20.72
C GLY A 203 -15.78 -7.59 20.81
N GLN A 204 -16.87 -6.84 20.74
CA GLN A 204 -16.79 -5.38 20.69
C GLN A 204 -17.13 -4.72 22.02
N PHE A 205 -16.48 -3.59 22.30
CA PHE A 205 -16.60 -2.90 23.59
C PHE A 205 -16.66 -1.39 23.38
N GLU A 206 -17.13 -0.67 24.40
CA GLU A 206 -17.10 0.78 24.37
C GLU A 206 -16.85 1.37 25.75
N MET A 207 -15.94 2.32 25.83
CA MET A 207 -15.65 2.99 27.09
C MET A 207 -15.81 4.49 26.90
N ASN A 208 -16.69 5.10 27.70
CA ASN A 208 -17.04 6.50 27.49
C ASN A 208 -16.45 7.45 28.54
N TRP A 209 -16.10 8.66 28.11
CA TRP A 209 -15.60 9.69 29.03
C TRP A 209 -16.14 11.07 28.64
N ASP A 210 -16.04 12.02 29.56
CA ASP A 210 -16.60 13.36 29.41
C ASP A 210 -16.08 14.13 28.22
N TYR A 211 -17.00 14.77 27.49
CA TYR A 211 -16.63 15.72 26.44
C TYR A 211 -15.76 16.86 26.99
N ALA A 212 -15.11 17.57 26.08
CA ALA A 212 -14.20 18.65 26.44
C ALA A 212 -14.01 19.56 25.22
N ASP A 213 -13.20 20.61 25.38
CA ASP A 213 -12.84 21.44 24.24
C ASP A 213 -12.29 20.56 23.14
N ALA A 214 -12.67 20.85 21.90
CA ALA A 214 -12.32 19.96 20.80
C ALA A 214 -10.85 19.54 20.77
N LEU A 215 -9.94 20.46 21.05
CA LEU A 215 -8.53 20.11 20.93
C LEU A 215 -8.18 19.10 22.00
N VAL A 216 -8.73 19.31 23.20
CA VAL A 216 -8.50 18.42 24.32
C VAL A 216 -9.03 17.03 23.98
N THR A 217 -10.27 16.96 23.51
CA THR A 217 -10.86 15.68 23.13
C THR A 217 -10.03 15.01 22.03
N ALA A 218 -9.58 15.80 21.06
CA ALA A 218 -8.79 15.27 19.95
C ALA A 218 -7.50 14.62 20.44
N ASP A 219 -6.79 15.30 21.34
CA ASP A 219 -5.59 14.72 21.93
C ASP A 219 -5.96 13.46 22.73
N ARG A 220 -7.03 13.53 23.51
CA ARG A 220 -7.43 12.38 24.31
C ARG A 220 -7.75 11.18 23.42
N HIS A 221 -8.40 11.47 22.30
CA HIS A 221 -8.82 10.46 21.32
C HIS A 221 -7.57 9.75 20.79
N ALA A 222 -6.60 10.54 20.33
CA ALA A 222 -5.33 10.00 19.83
C ALA A 222 -4.63 9.15 20.90
N PHE A 223 -4.58 9.66 22.12
CA PHE A 223 -3.97 8.89 23.20
C PHE A 223 -4.76 7.62 23.54
N PHE A 224 -6.09 7.72 23.49
CA PHE A 224 -6.95 6.62 23.92
C PHE A 224 -6.69 5.41 23.05
N LYS A 225 -6.65 5.61 21.74
CA LYS A 225 -6.43 4.50 20.81
C LYS A 225 -5.11 3.81 21.12
N PHE A 226 -4.06 4.61 21.32
CA PHE A 226 -2.75 4.10 21.66
C PHE A 226 -2.74 3.35 23.00
N MET A 227 -3.45 3.88 23.99
CA MET A 227 -3.52 3.23 25.31
C MET A 227 -4.27 1.90 25.27
N VAL A 228 -5.35 1.84 24.52
CA VAL A 228 -6.11 0.59 24.40
C VAL A 228 -5.29 -0.50 23.71
N LYS A 229 -4.68 -0.16 22.57
CA LYS A 229 -3.85 -1.11 21.84
C LYS A 229 -2.70 -1.60 22.72
N SER A 230 -2.06 -0.68 23.43
CA SER A 230 -0.92 -1.00 24.30
C SER A 230 -1.30 -1.95 25.43
N VAL A 231 -2.36 -1.61 26.13
CA VAL A 231 -2.83 -2.42 27.26
C VAL A 231 -3.37 -3.78 26.77
N ALA A 232 -4.14 -3.77 25.69
CA ALA A 232 -4.57 -5.04 25.10
C ALA A 232 -3.38 -5.97 24.88
N GLU A 233 -2.33 -5.46 24.25
CA GLU A 233 -1.13 -6.24 23.99
C GLU A 233 -0.49 -6.79 25.26
N ARG A 234 -0.47 -5.98 26.32
CA ARG A 234 0.11 -6.41 27.58
C ARG A 234 -0.64 -7.61 28.15
N HIS A 235 -1.92 -7.72 27.82
CA HIS A 235 -2.76 -8.83 28.27
C HIS A 235 -2.78 -9.97 27.26
N GLY A 236 -1.93 -9.91 26.24
CA GLY A 236 -1.90 -10.97 25.23
C GLY A 236 -3.07 -10.88 24.26
N LEU A 237 -3.69 -9.71 24.20
CA LEU A 237 -4.80 -9.49 23.28
C LEU A 237 -4.41 -8.44 22.24
N ARG A 238 -5.36 -8.10 21.36
CA ARG A 238 -5.15 -7.08 20.34
C ARG A 238 -6.41 -6.25 20.20
N ALA A 239 -6.27 -4.93 20.13
CA ALA A 239 -7.44 -4.08 19.93
C ALA A 239 -7.45 -3.61 18.48
N THR A 240 -8.64 -3.55 17.89
CA THR A 240 -8.77 -2.92 16.57
C THR A 240 -9.96 -1.96 16.52
N PHE A 241 -9.76 -0.83 15.84
CA PHE A 241 -10.79 0.19 15.64
C PHE A 241 -11.28 0.15 14.19
N MET A 242 -10.97 -0.95 13.52
CA MET A 242 -11.34 -1.13 12.12
C MET A 242 -12.84 -0.95 11.97
N PRO A 243 -13.27 -0.21 10.94
CA PRO A 243 -14.70 0.09 10.81
C PRO A 243 -15.62 -1.13 10.66
N LYS A 244 -15.20 -2.13 9.89
CA LYS A 244 -16.04 -3.30 9.68
C LYS A 244 -15.15 -4.53 9.59
N PRO A 245 -14.71 -5.03 10.75
CA PRO A 245 -13.81 -6.19 10.77
C PRO A 245 -14.50 -7.50 10.40
N PHE A 246 -15.81 -7.59 10.61
CA PHE A 246 -16.57 -8.82 10.28
C PHE A 246 -17.81 -8.48 9.48
N ALA A 247 -18.01 -9.15 8.35
CA ALA A 247 -19.08 -8.81 7.42
C ALA A 247 -20.49 -8.89 8.01
N HIS A 248 -20.68 -9.79 8.96
CA HIS A 248 -22.04 -10.11 9.44
C HIS A 248 -22.33 -9.50 10.80
N LEU A 249 -21.36 -8.74 11.32
CA LEU A 249 -21.48 -8.15 12.64
C LEU A 249 -21.44 -6.65 12.53
N THR A 250 -22.07 -6.00 13.51
CA THR A 250 -22.03 -4.55 13.65
C THR A 250 -20.58 -4.04 13.61
N GLY A 251 -20.38 -2.86 13.03
CA GLY A 251 -19.05 -2.27 12.91
C GLY A 251 -18.66 -1.31 14.02
N ASN A 252 -17.44 -0.75 13.91
CA ASN A 252 -16.92 0.21 14.87
C ASN A 252 -17.26 1.63 14.41
N GLY A 253 -18.14 2.29 15.16
CA GLY A 253 -18.41 3.69 14.92
C GLY A 253 -17.44 4.54 15.70
N CYS A 254 -17.39 5.83 15.38
CA CYS A 254 -16.82 6.81 16.29
C CYS A 254 -17.76 8.00 16.33
N HIS A 255 -18.95 7.82 16.89
CA HIS A 255 -19.91 8.92 17.00
C HIS A 255 -19.30 10.09 17.72
N THR A 256 -19.60 11.30 17.27
CA THR A 256 -19.19 12.50 17.98
C THR A 256 -20.45 13.21 18.48
N HIS A 257 -20.51 13.47 19.78
CA HIS A 257 -21.54 14.32 20.32
C HIS A 257 -20.96 15.73 20.31
N LEU A 258 -21.77 16.71 19.90
CA LEU A 258 -21.28 18.04 19.54
C LEU A 258 -22.08 19.18 20.16
N SER A 259 -21.38 20.20 20.67
CA SER A 259 -22.05 21.44 21.06
C SER A 259 -21.12 22.65 20.90
N MET A 260 -21.69 23.84 20.79
CA MET A 260 -20.92 25.08 20.57
C MET A 260 -21.16 26.03 21.73
N TRP A 261 -20.08 26.53 22.32
CA TRP A 261 -20.17 27.35 23.53
C TRP A 261 -19.55 28.73 23.32
N THR A 262 -20.01 29.70 24.11
CA THR A 262 -19.41 31.03 24.11
C THR A 262 -18.28 31.00 25.11
N ALA A 263 -17.38 31.97 25.00
CA ALA A 263 -16.24 32.04 25.90
C ALA A 263 -16.75 32.22 27.32
N ALA A 264 -17.97 32.68 27.46
CA ALA A 264 -18.54 32.94 28.78
C ALA A 264 -19.09 31.68 29.43
N GLY A 265 -19.19 30.59 28.67
CA GLY A 265 -19.63 29.32 29.23
C GLY A 265 -21.08 28.94 28.98
N ASP A 266 -21.71 29.56 27.99
CA ASP A 266 -23.07 29.18 27.62
C ASP A 266 -23.10 28.26 26.40
N ASN A 267 -23.95 27.24 26.46
CA ASN A 267 -24.12 26.31 25.34
C ASN A 267 -25.07 26.89 24.32
N LEU A 268 -24.52 27.33 23.20
CA LEU A 268 -25.32 27.93 22.14
C LEU A 268 -26.36 26.99 21.53
N PHE A 269 -26.21 25.68 21.72
CA PHE A 269 -27.13 24.73 21.15
C PHE A 269 -28.38 24.57 22.04
N GLU A 270 -28.23 24.94 23.30
CA GLU A 270 -29.33 24.89 24.26
C GLU A 270 -30.41 25.89 23.84
N GLY A 271 -31.65 25.43 23.72
CA GLY A 271 -32.69 26.29 23.15
C GLY A 271 -34.14 25.92 23.40
N ASP A 272 -35.05 26.69 22.80
CA ASP A 272 -36.48 26.50 23.02
C ASP A 272 -37.16 25.82 21.86
N GLY A 273 -36.40 25.58 20.79
CA GLY A 273 -36.94 24.90 19.63
C GLY A 273 -37.26 23.44 19.90
N GLU A 274 -37.49 22.67 18.84
CA GLU A 274 -37.80 21.26 18.99
C GLU A 274 -36.68 20.49 19.69
N LEU A 275 -37.06 19.64 20.65
CA LEU A 275 -36.16 18.75 21.37
C LEU A 275 -35.09 19.49 22.17
N GLY A 276 -35.39 20.72 22.55
CA GLY A 276 -34.47 21.47 23.39
C GLY A 276 -33.26 22.01 22.64
N LEU A 277 -33.44 22.26 21.34
CA LEU A 277 -32.36 22.80 20.50
C LEU A 277 -32.68 24.22 20.05
N SER A 278 -31.65 25.04 19.91
CA SER A 278 -31.78 26.41 19.45
C SER A 278 -31.69 26.51 17.93
N PRO A 279 -32.05 27.68 17.37
CA PRO A 279 -31.88 27.89 15.93
C PRO A 279 -30.42 27.71 15.50
N THR A 280 -29.48 28.05 16.37
CA THR A 280 -28.07 27.88 16.05
C THR A 280 -27.72 26.39 15.90
N ALA A 281 -28.23 25.56 16.80
CA ALA A 281 -28.02 24.12 16.71
C ALA A 281 -28.52 23.61 15.38
N TYR A 282 -29.74 24.03 15.01
CA TYR A 282 -30.37 23.58 13.77
C TYR A 282 -29.69 24.08 12.51
N ALA A 283 -29.10 25.28 12.58
CA ALA A 283 -28.34 25.79 11.45
C ALA A 283 -26.99 25.06 11.34
N PHE A 284 -26.39 24.73 12.49
CA PHE A 284 -25.18 23.92 12.52
C PHE A 284 -25.50 22.57 11.88
N LEU A 285 -26.61 21.97 12.31
CA LEU A 285 -27.05 20.69 11.74
C LEU A 285 -27.26 20.82 10.23
N GLY A 286 -27.75 21.98 9.81
CA GLY A 286 -27.95 22.27 8.40
C GLY A 286 -26.65 22.22 7.60
N GLY A 287 -25.57 22.69 8.20
CA GLY A 287 -24.24 22.58 7.61
C GLY A 287 -23.80 21.12 7.48
N LEU A 288 -24.06 20.33 8.52
CA LEU A 288 -23.74 18.90 8.51
C LEU A 288 -24.44 18.17 7.37
N ILE A 289 -25.75 18.42 7.24
CA ILE A 289 -26.57 17.82 6.19
C ILE A 289 -26.09 18.31 4.81
N GLY A 290 -25.90 19.62 4.70
CA GLY A 290 -25.55 20.21 3.42
C GLY A 290 -24.21 19.72 2.91
N HIS A 291 -23.30 19.47 3.85
CA HIS A 291 -21.94 19.07 3.50
C HIS A 291 -21.62 17.59 3.70
N ALA A 292 -22.64 16.78 3.96
CA ALA A 292 -22.46 15.38 4.37
C ALA A 292 -21.63 14.55 3.39
N LYS A 293 -21.78 14.80 2.10
CA LYS A 293 -21.11 13.99 1.08
C LYS A 293 -19.60 14.11 1.16
N GLY A 294 -19.10 15.35 1.20
CA GLY A 294 -17.68 15.57 1.39
C GLY A 294 -17.20 15.18 2.78
N LEU A 295 -18.02 15.44 3.80
CA LEU A 295 -17.66 15.10 5.16
C LEU A 295 -17.38 13.59 5.26
N THR A 296 -18.18 12.79 4.56
CA THR A 296 -18.00 11.33 4.54
C THR A 296 -16.56 10.90 4.23
N ALA A 297 -15.92 11.58 3.28
CA ALA A 297 -14.57 11.23 2.89
C ALA A 297 -13.63 11.28 4.09
N VAL A 298 -13.81 12.30 4.93
CA VAL A 298 -12.89 12.52 6.04
C VAL A 298 -13.21 11.60 7.22
N VAL A 299 -14.49 11.45 7.54
CA VAL A 299 -14.87 10.71 8.75
C VAL A 299 -15.12 9.24 8.49
N ASN A 300 -15.17 8.88 7.21
CA ASN A 300 -15.16 7.49 6.76
C ASN A 300 -14.04 7.28 5.76
N PRO A 301 -12.80 7.31 6.23
CA PRO A 301 -11.62 7.55 5.39
C PRO A 301 -10.99 6.33 4.73
N THR A 302 -11.57 5.15 4.87
CA THR A 302 -10.95 3.95 4.31
C THR A 302 -11.90 3.24 3.37
N VAL A 303 -11.34 2.40 2.49
CA VAL A 303 -12.18 1.54 1.65
C VAL A 303 -13.19 0.80 2.52
N ASN A 304 -12.70 0.25 3.63
CA ASN A 304 -13.47 -0.61 4.51
C ASN A 304 -14.61 0.13 5.20
N SER A 305 -14.46 1.44 5.35
CA SER A 305 -15.49 2.30 5.95
C SER A 305 -16.85 2.13 5.26
N TYR A 306 -16.81 1.83 3.96
CA TYR A 306 -18.02 1.80 3.14
C TYR A 306 -18.69 0.43 3.19
N LYS A 307 -18.12 -0.46 4.00
CA LYS A 307 -18.82 -1.69 4.34
C LYS A 307 -19.56 -1.57 5.66
N ARG A 308 -19.27 -0.52 6.43
CA ARG A 308 -19.99 -0.26 7.68
C ARG A 308 -21.25 0.56 7.40
N LEU A 309 -21.10 1.58 6.55
CA LEU A 309 -22.21 2.38 6.03
C LEU A 309 -23.03 1.58 5.03
N ASN A 310 -24.34 1.79 5.03
CA ASN A 310 -25.21 1.11 4.08
C ASN A 310 -24.98 -0.41 4.06
N ALA A 311 -24.86 -0.97 5.26
CA ALA A 311 -24.56 -2.39 5.42
C ALA A 311 -25.83 -3.24 5.50
N PRO A 312 -25.75 -4.48 5.02
CA PRO A 312 -26.89 -5.41 5.18
C PRO A 312 -27.12 -5.69 6.65
N VAL A 313 -28.32 -6.13 7.01
CA VAL A 313 -28.62 -6.38 8.41
C VAL A 313 -27.66 -7.41 9.01
N THR A 314 -27.27 -7.17 10.25
CA THR A 314 -26.33 -8.02 10.98
C THR A 314 -27.08 -9.10 11.76
N VAL A 315 -26.32 -9.99 12.38
CA VAL A 315 -26.92 -11.05 13.19
C VAL A 315 -27.72 -10.49 14.38
N SER A 316 -27.31 -9.32 14.89
CA SER A 316 -27.96 -8.68 16.03
C SER A 316 -29.23 -7.89 15.65
N GLY A 317 -29.54 -7.80 14.37
CA GLY A 317 -30.79 -7.21 13.94
C GLY A 317 -30.75 -5.78 13.43
N ALA A 318 -29.60 -5.12 13.59
CA ALA A 318 -29.43 -3.76 13.06
C ALA A 318 -27.97 -3.37 12.97
N THR A 319 -27.61 -2.59 11.96
CA THR A 319 -26.24 -2.11 11.78
C THR A 319 -25.93 -0.93 12.70
N TRP A 320 -26.94 -0.15 13.06
CA TRP A 320 -26.76 1.03 13.92
C TRP A 320 -25.89 2.12 13.30
N SER A 321 -25.64 2.04 11.99
CA SER A 321 -24.84 3.04 11.28
C SER A 321 -25.70 3.72 10.23
N PRO A 322 -25.29 4.92 9.75
CA PRO A 322 -26.10 5.65 8.79
C PRO A 322 -26.14 5.07 7.39
N ASN A 323 -27.28 5.25 6.71
CA ASN A 323 -27.42 4.92 5.31
C ASN A 323 -27.68 6.18 4.48
N THR A 324 -28.22 7.21 5.13
CA THR A 324 -28.82 8.35 4.46
C THR A 324 -28.43 9.66 5.09
N ILE A 325 -28.55 10.74 4.31
CA ILE A 325 -28.24 12.07 4.80
C ILE A 325 -29.53 12.62 5.44
N THR A 326 -29.84 12.12 6.63
CA THR A 326 -31.08 12.47 7.32
C THR A 326 -30.80 12.61 8.80
N TYR A 327 -31.76 13.16 9.55
CA TYR A 327 -31.62 13.20 11.01
C TYR A 327 -32.91 12.84 11.72
N GLY A 328 -32.77 12.40 12.97
CA GLY A 328 -33.91 11.99 13.76
C GLY A 328 -33.86 12.67 15.11
N GLY A 329 -34.78 12.30 16.00
CA GLY A 329 -34.74 12.75 17.37
C GLY A 329 -33.82 11.79 18.09
N ASN A 330 -34.22 11.31 19.26
CA ASN A 330 -33.46 10.25 19.91
C ASN A 330 -33.75 8.93 19.21
N ASN A 331 -33.03 8.70 18.11
CA ASN A 331 -33.34 7.70 17.11
C ASN A 331 -31.99 7.35 16.47
N ARG A 332 -31.61 6.08 16.49
CA ARG A 332 -30.25 5.69 16.13
C ARG A 332 -30.14 5.20 14.70
N THR A 333 -31.15 5.47 13.87
CA THR A 333 -31.14 4.94 12.51
C THR A 333 -30.75 5.97 11.45
N HIS A 334 -30.36 7.17 11.87
CA HIS A 334 -30.05 8.25 10.91
C HIS A 334 -28.60 8.71 10.95
N MET A 335 -28.24 9.66 10.09
CA MET A 335 -26.90 10.25 10.11
C MET A 335 -26.66 11.05 11.38
N VAL A 336 -27.68 11.80 11.79
CA VAL A 336 -27.60 12.58 13.02
C VAL A 336 -28.73 12.17 13.97
N ARG A 337 -28.38 12.03 15.24
CA ARG A 337 -29.34 11.77 16.29
C ARG A 337 -29.34 12.94 17.25
N ILE A 338 -30.52 13.31 17.74
CA ILE A 338 -30.62 14.30 18.81
C ILE A 338 -30.85 13.53 20.11
N PRO A 339 -29.79 13.35 20.89
CA PRO A 339 -29.81 12.43 22.03
C PRO A 339 -30.42 13.07 23.27
N ASP A 340 -30.45 14.40 23.29
CA ASP A 340 -30.83 15.12 24.50
C ASP A 340 -30.83 16.60 24.15
N ALA A 341 -31.30 17.43 25.07
CA ALA A 341 -31.27 18.87 24.89
C ALA A 341 -29.85 19.37 24.81
N GLY A 342 -29.58 20.23 23.84
CA GLY A 342 -28.34 20.98 23.85
C GLY A 342 -27.18 20.36 23.10
N ARG A 343 -27.42 19.28 22.37
CA ARG A 343 -26.33 18.71 21.58
C ARG A 343 -26.82 17.86 20.42
N LEU A 344 -25.90 17.57 19.50
CA LEU A 344 -26.16 16.74 18.34
C LEU A 344 -25.25 15.52 18.42
N GLU A 345 -25.73 14.39 17.93
CA GLU A 345 -24.84 13.25 17.76
C GLU A 345 -24.68 12.97 16.27
N LEU A 346 -23.47 13.15 15.76
CA LEU A 346 -23.19 12.75 14.39
C LEU A 346 -22.71 11.31 14.45
N ARG A 347 -23.49 10.40 13.86
CA ARG A 347 -23.22 8.98 13.96
C ARG A 347 -22.40 8.50 12.74
N LEU A 348 -22.12 9.43 11.85
CA LEU A 348 -21.42 9.12 10.60
C LEU A 348 -20.00 8.55 10.78
N PRO A 349 -19.14 9.18 11.62
CA PRO A 349 -17.74 8.76 11.67
C PRO A 349 -17.55 7.32 12.15
N ASP A 350 -16.50 6.67 11.64
CA ASP A 350 -16.16 5.31 12.07
C ASP A 350 -14.83 5.28 12.82
N GLY A 351 -14.40 4.10 13.24
CA GLY A 351 -13.19 3.95 14.04
C GLY A 351 -11.88 4.35 13.39
N ALA A 352 -11.86 4.49 12.07
CA ALA A 352 -10.65 4.95 11.37
C ALA A 352 -10.51 6.48 11.28
N ALA A 353 -11.55 7.20 11.69
CA ALA A 353 -11.56 8.66 11.58
C ALA A 353 -10.35 9.29 12.28
N ASN A 354 -9.67 10.21 11.59
CA ASN A 354 -8.52 10.91 12.16
C ASN A 354 -8.99 11.72 13.36
N PRO A 355 -8.39 11.50 14.52
CA PRO A 355 -8.82 12.23 15.73
C PRO A 355 -8.82 13.77 15.54
N TYR A 356 -8.01 14.30 14.62
CA TYR A 356 -7.96 15.76 14.40
C TYR A 356 -8.74 16.22 13.16
N LEU A 357 -8.60 15.50 12.05
CA LEU A 357 -9.32 15.88 10.84
C LEU A 357 -10.84 15.78 11.03
N MET A 358 -11.27 14.82 11.86
CA MET A 358 -12.71 14.64 12.07
C MET A 358 -13.40 15.87 12.67
N PRO A 359 -12.96 16.33 13.86
CA PRO A 359 -13.50 17.56 14.45
C PRO A 359 -13.33 18.78 13.52
N ALA A 360 -12.18 18.87 12.85
CA ALA A 360 -11.91 20.01 11.96
C ALA A 360 -12.93 20.08 10.84
N ALA A 361 -13.20 18.95 10.19
CA ALA A 361 -14.15 18.91 9.08
C ALA A 361 -15.60 19.10 9.53
N ILE A 362 -15.95 18.50 10.66
CA ILE A 362 -17.28 18.68 11.25
C ILE A 362 -17.51 20.16 11.55
N LEU A 363 -16.51 20.82 12.14
CA LEU A 363 -16.63 22.24 12.49
C LEU A 363 -16.75 23.11 11.24
N ALA A 364 -15.91 22.86 10.24
CA ALA A 364 -16.01 23.65 9.01
C ALA A 364 -17.43 23.57 8.44
N ALA A 365 -18.00 22.37 8.44
CA ALA A 365 -19.35 22.16 7.90
C ALA A 365 -20.40 22.88 8.74
N GLY A 366 -20.30 22.73 10.05
CA GLY A 366 -21.25 23.32 10.98
C GLY A 366 -21.20 24.84 11.04
N LEU A 367 -19.99 25.41 10.95
CA LEU A 367 -19.80 26.86 10.92
C LEU A 367 -20.46 27.45 9.68
N ASP A 368 -20.32 26.75 8.55
CA ASP A 368 -20.92 27.22 7.31
C ASP A 368 -22.45 27.15 7.42
N GLY A 369 -22.94 26.11 8.09
CA GLY A 369 -24.37 26.02 8.34
C GLY A 369 -24.88 27.21 9.14
N ILE A 370 -24.19 27.53 10.23
CA ILE A 370 -24.56 28.67 11.07
C ILE A 370 -24.53 29.99 10.29
N GLU A 371 -23.45 30.19 9.53
CA GLU A 371 -23.25 31.41 8.77
C GLU A 371 -24.27 31.63 7.66
N THR A 372 -24.70 30.53 7.02
CA THR A 372 -25.66 30.63 5.92
C THR A 372 -27.07 30.30 6.38
N GLN A 373 -27.25 30.18 7.69
CA GLN A 373 -28.52 29.72 8.25
C GLN A 373 -29.11 28.56 7.45
N ALA A 374 -28.28 27.53 7.23
CA ALA A 374 -28.67 26.35 6.49
C ALA A 374 -29.88 25.65 7.12
N ASP A 375 -30.76 25.13 6.27
CA ASP A 375 -31.96 24.44 6.72
C ASP A 375 -31.68 22.95 6.68
N PRO A 376 -31.73 22.29 7.84
CA PRO A 376 -31.44 20.85 7.93
C PRO A 376 -32.54 19.99 7.34
N GLY A 377 -33.69 20.58 7.05
CA GLY A 377 -34.78 19.83 6.48
C GLY A 377 -35.67 19.25 7.58
N GLN A 378 -36.48 18.27 7.22
CA GLN A 378 -37.46 17.71 8.15
C GLN A 378 -36.90 16.55 8.98
N ARG A 379 -37.06 16.61 10.30
CA ARG A 379 -36.74 15.48 11.16
C ARG A 379 -37.57 14.26 10.78
N LEU A 380 -36.94 13.08 10.75
CA LEU A 380 -37.63 11.84 10.41
C LEU A 380 -37.77 10.97 11.66
N ASP A 381 -38.99 10.74 12.12
CA ASP A 381 -39.21 9.99 13.34
C ASP A 381 -39.55 8.54 13.02
N ILE A 382 -38.80 7.95 12.10
CA ILE A 382 -39.04 6.58 11.68
C ILE A 382 -37.73 5.82 11.75
N ASP A 383 -37.85 4.51 11.56
CA ASP A 383 -36.70 3.62 11.52
C ASP A 383 -36.28 3.56 10.06
N MET A 384 -35.18 4.26 9.74
CA MET A 384 -34.74 4.36 8.35
C MET A 384 -34.39 3.00 7.74
N TYR A 385 -34.06 2.02 8.57
CA TYR A 385 -33.72 0.70 8.06
C TYR A 385 -34.94 0.00 7.51
N VAL A 386 -36.11 0.32 8.06
CA VAL A 386 -37.33 -0.37 7.71
C VAL A 386 -38.21 0.45 6.79
N GLU A 387 -38.20 1.76 6.99
CA GLU A 387 -39.08 2.69 6.28
C GLU A 387 -38.33 3.68 5.40
N GLY A 388 -37.17 3.27 4.90
CA GLY A 388 -36.38 4.12 4.03
C GLY A 388 -37.05 4.27 2.67
N HIS A 389 -37.65 3.18 2.21
CA HIS A 389 -38.40 3.15 0.96
C HIS A 389 -39.64 4.04 1.06
N SER A 390 -40.00 4.39 2.29
CA SER A 390 -41.19 5.17 2.56
C SER A 390 -41.03 6.63 2.21
N VAL A 391 -39.79 7.12 2.25
CA VAL A 391 -39.55 8.55 2.05
C VAL A 391 -38.32 8.83 1.20
N GLU A 392 -38.41 9.89 0.39
CA GLU A 392 -37.28 10.34 -0.41
C GLU A 392 -36.20 10.88 0.51
N ALA A 393 -35.03 10.27 0.46
CA ALA A 393 -33.88 10.74 1.22
C ALA A 393 -32.65 10.53 0.38
N GLU A 394 -31.68 11.43 0.51
CA GLU A 394 -30.44 11.29 -0.22
C GLU A 394 -29.56 10.23 0.45
N GLN A 395 -28.99 9.34 -0.36
CA GLN A 395 -28.09 8.31 0.12
C GLN A 395 -26.67 8.88 0.31
N LEU A 396 -25.94 8.36 1.31
CA LEU A 396 -24.53 8.72 1.52
C LEU A 396 -23.67 8.17 0.37
N PRO A 397 -22.48 8.75 0.14
CA PRO A 397 -21.57 8.17 -0.84
C PRO A 397 -21.39 6.67 -0.56
N LEU A 398 -21.32 5.86 -1.61
CA LEU A 398 -21.32 4.41 -1.45
C LEU A 398 -19.92 3.80 -1.44
N ASN A 399 -18.90 4.59 -1.77
CA ASN A 399 -17.54 4.09 -1.79
C ASN A 399 -16.53 5.22 -1.62
N LEU A 400 -15.31 4.88 -1.24
CA LEU A 400 -14.28 5.88 -0.93
C LEU A 400 -14.01 6.86 -2.08
N LEU A 401 -13.93 6.34 -3.30
CA LEU A 401 -13.61 7.16 -4.46
C LEU A 401 -14.66 8.25 -4.69
N ASP A 402 -15.95 7.88 -4.63
CA ASP A 402 -17.02 8.87 -4.73
C ASP A 402 -17.03 9.86 -3.57
N ALA A 403 -16.73 9.39 -2.36
CA ALA A 403 -16.66 10.29 -1.21
C ALA A 403 -15.54 11.32 -1.38
N VAL A 404 -14.36 10.85 -1.78
CA VAL A 404 -13.22 11.74 -2.01
C VAL A 404 -13.52 12.77 -3.11
N ARG A 405 -14.16 12.31 -4.19
CA ARG A 405 -14.59 13.21 -5.26
C ARG A 405 -15.46 14.33 -4.69
N ALA A 406 -16.40 13.94 -3.83
CA ALA A 406 -17.29 14.91 -3.19
C ALA A 406 -16.51 15.86 -2.28
N LEU A 407 -15.52 15.36 -1.56
CA LEU A 407 -14.69 16.22 -0.72
C LEU A 407 -14.06 17.31 -1.60
N GLU A 408 -13.44 16.89 -2.70
CA GLU A 408 -12.74 17.80 -3.60
C GLU A 408 -13.67 18.89 -4.18
N ALA A 409 -14.92 18.53 -4.45
CA ALA A 409 -15.90 19.44 -5.03
C ALA A 409 -16.54 20.36 -3.99
N ASP A 410 -16.28 20.11 -2.71
CA ASP A 410 -16.91 20.90 -1.66
C ASP A 410 -16.00 22.03 -1.20
N GLU A 411 -16.31 23.25 -1.65
CA GLU A 411 -15.48 24.43 -1.40
C GLU A 411 -15.28 24.73 0.08
N VAL A 412 -16.34 24.57 0.87
CA VAL A 412 -16.25 24.86 2.29
C VAL A 412 -15.29 23.91 2.99
N LEU A 413 -15.42 22.62 2.69
CA LEU A 413 -14.58 21.62 3.33
C LEU A 413 -13.16 21.72 2.80
N ALA A 414 -13.01 21.56 1.49
CA ALA A 414 -11.68 21.62 0.88
C ALA A 414 -10.98 22.91 1.34
N GLY A 415 -11.70 24.02 1.28
CA GLY A 415 -11.16 25.29 1.71
C GLY A 415 -10.91 25.32 3.21
N GLY A 416 -11.84 24.77 3.98
CA GLY A 416 -11.72 24.78 5.43
C GLY A 416 -10.56 23.96 5.96
N LEU A 417 -10.34 22.78 5.39
CA LEU A 417 -9.23 21.93 5.82
C LEU A 417 -7.93 22.32 5.12
N GLY A 418 -8.04 23.23 4.16
CA GLY A 418 -6.88 23.71 3.44
C GLY A 418 -6.07 22.63 2.76
N ALA A 419 -4.75 22.76 2.82
CA ALA A 419 -3.89 21.79 2.14
C ALA A 419 -4.05 20.35 2.66
N ALA A 420 -4.47 20.18 3.91
CA ALA A 420 -4.66 18.81 4.40
C ALA A 420 -5.69 18.03 3.57
N ALA A 421 -6.69 18.72 3.05
CA ALA A 421 -7.72 18.04 2.25
C ALA A 421 -7.15 17.50 0.93
N ALA A 422 -6.33 18.32 0.26
CA ALA A 422 -5.73 17.90 -1.02
C ALA A 422 -4.85 16.69 -0.81
N ALA A 423 -4.03 16.73 0.23
CA ALA A 423 -3.09 15.68 0.51
C ALA A 423 -3.82 14.39 0.92
N PHE A 424 -4.83 14.53 1.78
CA PHE A 424 -5.68 13.39 2.14
C PHE A 424 -6.28 12.75 0.89
N ALA A 425 -6.84 13.56 0.00
CA ALA A 425 -7.51 13.04 -1.19
C ALA A 425 -6.51 12.27 -2.03
N LYS A 426 -5.28 12.80 -2.14
CA LYS A 426 -4.26 12.10 -2.90
C LYS A 426 -3.92 10.72 -2.33
N PHE A 427 -3.69 10.62 -1.02
CA PHE A 427 -3.37 9.30 -0.47
C PHE A 427 -4.53 8.32 -0.65
N LYS A 428 -5.74 8.78 -0.41
CA LYS A 428 -6.91 7.91 -0.53
C LYS A 428 -7.15 7.45 -1.98
N ARG A 429 -6.84 8.29 -2.95
CA ARG A 429 -6.93 7.84 -4.34
C ARG A 429 -5.93 6.73 -4.63
N ALA A 430 -4.74 6.87 -4.04
CA ALA A 430 -3.69 5.87 -4.17
C ALA A 430 -4.11 4.57 -3.50
N GLU A 431 -4.68 4.66 -2.31
CA GLU A 431 -5.24 3.49 -1.64
C GLU A 431 -6.27 2.82 -2.50
N TRP A 432 -7.15 3.61 -3.10
CA TRP A 432 -8.17 3.03 -3.97
C TRP A 432 -7.56 2.30 -5.17
N ALA A 433 -6.56 2.91 -5.81
CA ALA A 433 -5.91 2.32 -6.97
C ALA A 433 -5.35 0.95 -6.60
N ASP A 434 -4.78 0.87 -5.40
CA ASP A 434 -4.18 -0.37 -4.90
C ASP A 434 -5.27 -1.41 -4.61
N TYR A 435 -6.29 -0.97 -3.88
CA TYR A 435 -7.40 -1.84 -3.51
C TYR A 435 -8.12 -2.47 -4.70
N LYS A 436 -8.48 -1.65 -5.69
CA LYS A 436 -9.32 -2.12 -6.79
C LYS A 436 -8.69 -3.17 -7.71
N SER A 437 -7.37 -3.38 -7.60
CA SER A 437 -6.72 -4.40 -8.41
C SER A 437 -6.57 -5.74 -7.68
N GLN A 438 -7.05 -5.81 -6.43
CA GLN A 438 -6.93 -7.02 -5.63
C GLN A 438 -7.99 -8.04 -6.00
N LEU A 439 -7.58 -9.26 -6.35
CA LEU A 439 -8.54 -10.30 -6.64
C LEU A 439 -9.16 -10.80 -5.34
N THR A 440 -10.48 -10.94 -5.31
CA THR A 440 -11.15 -11.44 -4.11
C THR A 440 -11.64 -12.88 -4.29
N GLU A 441 -11.90 -13.55 -3.18
CA GLU A 441 -12.30 -14.95 -3.23
C GLU A 441 -13.70 -15.11 -3.82
N TRP A 442 -14.59 -14.18 -3.51
CA TRP A 442 -15.95 -14.17 -4.05
C TRP A 442 -15.92 -14.14 -5.59
N GLU A 443 -15.00 -13.36 -6.15
CA GLU A 443 -14.87 -13.28 -7.61
C GLU A 443 -14.45 -14.62 -8.16
N ARG A 444 -13.43 -15.23 -7.54
CA ARG A 444 -12.95 -16.54 -7.99
C ARG A 444 -14.07 -17.57 -7.92
N ARG A 445 -14.77 -17.60 -6.79
CA ARG A 445 -15.85 -18.57 -6.60
C ARG A 445 -16.99 -18.41 -7.60
N THR A 446 -17.36 -17.17 -7.91
CA THR A 446 -18.53 -16.94 -8.74
C THR A 446 -18.23 -16.71 -10.22
N THR A 447 -16.96 -16.62 -10.59
CA THR A 447 -16.63 -16.31 -11.98
C THR A 447 -15.82 -17.39 -12.69
N LEU A 448 -15.23 -18.32 -11.94
CA LEU A 448 -14.33 -19.28 -12.59
C LEU A 448 -15.08 -20.09 -13.64
N ASP A 449 -16.38 -20.27 -13.45
CA ASP A 449 -17.16 -21.10 -14.38
C ASP A 449 -17.94 -20.31 -15.42
N CYS A 450 -17.65 -19.03 -15.57
CA CYS A 450 -18.36 -18.22 -16.54
C CYS A 450 -18.16 -18.78 -17.96
N THR B 22 45.35 8.31 38.40
CA THR B 22 45.04 6.93 38.79
C THR B 22 45.37 5.93 37.66
N ASP B 23 45.82 4.74 38.05
CA ASP B 23 46.11 3.70 37.08
C ASP B 23 45.02 2.63 37.08
N LEU B 24 45.01 1.81 36.03
CA LEU B 24 43.93 0.85 35.81
C LEU B 24 43.74 -0.13 36.96
N ALA B 25 44.84 -0.52 37.59
CA ALA B 25 44.77 -1.41 38.75
C ALA B 25 44.00 -0.78 39.91
N SER B 26 44.24 0.51 40.18
CA SER B 26 43.55 1.20 41.27
C SER B 26 42.07 1.35 40.95
N ILE B 27 41.78 1.80 39.73
CA ILE B 27 40.43 1.95 39.25
C ILE B 27 39.67 0.63 39.39
N ALA B 28 40.33 -0.47 39.04
CA ALA B 28 39.69 -1.78 39.12
C ALA B 28 39.25 -2.09 40.54
N ARG B 29 40.13 -1.82 41.50
CA ARG B 29 39.82 -2.04 42.91
C ARG B 29 38.68 -1.12 43.34
N GLU B 30 38.80 0.16 42.99
CA GLU B 30 37.81 1.17 43.34
C GLU B 30 36.42 0.85 42.81
N LYS B 31 36.34 0.45 41.54
CA LYS B 31 35.06 0.30 40.86
C LYS B 31 34.57 -1.15 40.78
N GLY B 32 35.38 -2.08 41.26
CA GLY B 32 34.98 -3.48 41.29
C GLY B 32 35.10 -4.12 39.91
N ILE B 33 36.14 -3.77 39.18
CA ILE B 33 36.37 -4.41 37.89
C ILE B 33 37.21 -5.68 38.04
N GLU B 34 36.62 -6.83 37.68
CA GLU B 34 37.32 -8.10 37.83
C GLU B 34 38.07 -8.52 36.57
N PHE B 35 37.64 -8.04 35.40
CA PHE B 35 38.34 -8.36 34.16
C PHE B 35 38.33 -7.15 33.23
N PHE B 36 39.35 -7.07 32.39
CA PHE B 36 39.38 -6.06 31.34
C PHE B 36 39.38 -6.74 29.99
N LEU B 37 38.61 -6.20 29.06
CA LEU B 37 38.75 -6.54 27.66
C LEU B 37 39.71 -5.54 27.04
N ILE B 38 40.87 -6.03 26.64
CA ILE B 38 41.82 -5.23 25.89
C ILE B 38 41.49 -5.49 24.41
N SER B 39 40.92 -4.48 23.75
CA SER B 39 40.27 -4.67 22.47
C SER B 39 40.83 -3.80 21.35
N PHE B 40 40.98 -4.38 20.16
CA PHE B 40 41.31 -3.58 18.98
C PHE B 40 40.36 -3.91 17.82
N THR B 41 40.23 -2.99 16.87
CA THR B 41 39.36 -3.19 15.72
C THR B 41 40.25 -3.52 14.55
N ASP B 42 39.96 -4.60 13.83
CA ASP B 42 40.75 -4.90 12.64
C ASP B 42 40.21 -4.24 11.37
N LEU B 43 40.84 -4.54 10.24
CA LEU B 43 40.55 -3.86 8.98
C LEU B 43 39.11 -4.08 8.49
N LEU B 44 38.50 -5.19 8.90
CA LEU B 44 37.13 -5.50 8.51
C LEU B 44 36.15 -5.06 9.59
N GLY B 45 36.63 -4.31 10.56
CA GLY B 45 35.77 -3.85 11.63
C GLY B 45 35.54 -4.85 12.77
N VAL B 46 36.09 -6.06 12.65
CA VAL B 46 35.90 -7.07 13.71
C VAL B 46 36.59 -6.67 15.01
N GLN B 47 35.87 -6.80 16.12
CA GLN B 47 36.40 -6.52 17.45
C GLN B 47 37.21 -7.70 17.97
N ARG B 48 38.51 -7.47 18.19
CA ARG B 48 39.42 -8.49 18.69
C ARG B 48 39.82 -8.16 20.13
N ALA B 49 39.86 -9.17 20.99
CA ALA B 49 40.09 -8.88 22.40
C ALA B 49 40.67 -10.05 23.18
N LYS B 50 41.40 -9.71 24.24
CA LYS B 50 41.72 -10.66 25.29
C LYS B 50 41.03 -10.20 26.56
N LEU B 51 40.57 -11.18 27.36
CA LEU B 51 39.90 -10.91 28.62
C LEU B 51 40.93 -11.19 29.72
N VAL B 52 41.41 -10.13 30.35
CA VAL B 52 42.49 -10.27 31.33
C VAL B 52 41.96 -9.96 32.72
N PRO B 53 42.27 -10.83 33.70
CA PRO B 53 41.84 -10.60 35.08
C PRO B 53 42.55 -9.36 35.65
N ALA B 54 41.96 -8.70 36.64
CA ALA B 54 42.48 -7.42 37.12
C ALA B 54 43.92 -7.52 37.60
N ARG B 55 44.30 -8.68 38.13
CA ARG B 55 45.65 -8.86 38.65
C ARG B 55 46.73 -8.63 37.59
N ALA B 56 46.35 -8.72 36.32
CA ALA B 56 47.35 -8.63 35.25
C ALA B 56 47.28 -7.35 34.43
N ILE B 57 46.38 -6.44 34.78
CA ILE B 57 46.18 -5.26 33.95
C ILE B 57 47.38 -4.29 33.93
N ALA B 58 48.07 -4.12 35.05
CA ALA B 58 49.17 -3.16 35.13
C ALA B 58 50.26 -3.49 34.13
N ASP B 59 50.64 -4.76 34.06
CA ASP B 59 51.63 -5.20 33.10
C ASP B 59 51.13 -4.94 31.68
N MET B 60 49.89 -5.33 31.41
CA MET B 60 49.31 -5.22 30.07
C MET B 60 49.16 -3.79 29.60
N ALA B 61 48.81 -2.90 30.52
CA ALA B 61 48.67 -1.48 30.20
C ALA B 61 49.99 -0.88 29.73
N VAL B 62 51.10 -1.33 30.31
CA VAL B 62 52.40 -0.79 29.93
C VAL B 62 52.94 -1.48 28.69
N ASN B 63 52.90 -2.80 28.68
CA ASN B 63 53.54 -3.58 27.62
C ASN B 63 52.60 -3.99 26.49
N GLY B 64 51.30 -3.94 26.75
CA GLY B 64 50.31 -4.33 25.76
C GLY B 64 50.02 -5.82 25.82
N ALA B 65 48.86 -6.22 25.29
CA ALA B 65 48.51 -7.63 25.15
C ALA B 65 49.04 -8.16 23.81
N GLY B 66 49.56 -9.38 23.83
CA GLY B 66 50.15 -9.96 22.63
C GLY B 66 49.11 -10.69 21.78
N PHE B 67 49.23 -10.55 20.47
CA PHE B 67 48.37 -11.28 19.52
C PHE B 67 49.17 -11.70 18.30
N ALA B 68 48.77 -12.81 17.70
CA ALA B 68 49.28 -13.19 16.39
C ALA B 68 48.44 -12.49 15.33
N GLY B 69 48.99 -11.42 14.74
CA GLY B 69 48.23 -10.52 13.88
C GLY B 69 47.60 -11.11 12.65
N PHE B 70 48.23 -12.14 12.09
CA PHE B 70 47.68 -12.81 10.90
C PHE B 70 46.31 -13.43 11.18
N ALA B 71 46.06 -13.80 12.44
CA ALA B 71 44.76 -14.37 12.83
C ALA B 71 43.61 -13.36 12.82
N ALA B 72 43.94 -12.08 12.71
CA ALA B 72 42.92 -11.03 12.53
C ALA B 72 43.07 -10.44 11.13
N TRP B 73 42.18 -9.51 10.75
CA TRP B 73 42.27 -8.91 9.44
C TRP B 73 43.26 -7.73 9.46
N LEU B 74 44.55 -8.06 9.50
CA LEU B 74 45.61 -7.05 9.51
C LEU B 74 46.60 -7.23 8.36
N ASP B 75 46.40 -8.28 7.57
CA ASP B 75 47.24 -8.58 6.44
C ASP B 75 48.70 -8.80 6.84
N MET B 76 48.92 -9.77 7.73
CA MET B 76 50.28 -10.09 8.17
C MET B 76 50.66 -11.51 7.79
N SER B 77 51.66 -12.05 8.47
CA SER B 77 52.12 -13.41 8.20
C SER B 77 52.17 -14.24 9.47
N PRO B 78 51.84 -15.59 9.32
CA PRO B 78 51.91 -16.35 10.58
C PRO B 78 53.33 -16.39 11.13
N ALA B 79 54.29 -16.08 10.27
CA ALA B 79 55.69 -16.03 10.65
C ALA B 79 56.11 -14.73 11.38
N ASP B 80 55.25 -13.71 11.35
CA ASP B 80 55.54 -12.44 12.04
C ASP B 80 55.52 -12.58 13.56
N ALA B 81 56.32 -11.75 14.23
CA ALA B 81 56.29 -11.65 15.68
C ALA B 81 54.95 -11.13 16.15
N ASP B 82 54.62 -11.41 17.40
CA ASP B 82 53.41 -10.88 18.04
C ASP B 82 53.28 -9.39 17.85
N ILE B 83 52.08 -8.93 17.52
CA ILE B 83 51.76 -7.52 17.72
C ILE B 83 51.39 -7.32 19.19
N LEU B 84 51.50 -6.08 19.65
CA LEU B 84 51.15 -5.75 21.02
C LEU B 84 50.10 -4.65 21.00
N ALA B 85 48.92 -4.97 21.55
CA ALA B 85 47.82 -4.04 21.62
C ALA B 85 47.93 -3.29 22.94
N ILE B 86 48.18 -2.00 22.86
CA ILE B 86 48.40 -1.21 24.06
C ILE B 86 47.16 -0.38 24.31
N PRO B 87 46.48 -0.63 25.44
CA PRO B 87 45.16 -0.03 25.64
C PRO B 87 45.26 1.43 25.98
N ASP B 88 44.30 2.21 25.51
CA ASP B 88 44.18 3.61 25.87
C ASP B 88 43.35 3.72 27.13
N PRO B 89 44.00 4.05 28.26
CA PRO B 89 43.30 4.06 29.55
C PRO B 89 42.12 5.04 29.59
N GLU B 90 42.18 6.09 28.78
CA GLU B 90 41.12 7.08 28.75
C GLU B 90 39.85 6.53 28.10
N SER B 91 39.98 5.46 27.33
CA SER B 91 38.83 4.87 26.62
C SER B 91 37.99 3.98 27.52
N LEU B 92 38.45 3.74 28.75
CA LEU B 92 37.86 2.73 29.62
C LEU B 92 36.34 2.88 29.74
N ILE B 93 35.64 1.76 29.55
CA ILE B 93 34.21 1.72 29.80
C ILE B 93 33.87 0.49 30.63
N GLN B 94 33.28 0.67 31.80
CA GLN B 94 32.71 -0.45 32.54
C GLN B 94 31.42 -0.88 31.83
N LEU B 95 31.36 -2.11 31.35
CA LEU B 95 30.17 -2.58 30.62
C LEU B 95 28.93 -2.34 31.47
N PRO B 96 28.04 -1.45 31.01
CA PRO B 96 26.89 -1.09 31.84
C PRO B 96 25.98 -2.29 32.15
N TRP B 97 25.98 -3.32 31.30
CA TRP B 97 25.15 -4.50 31.55
C TRP B 97 25.93 -5.57 32.32
N LYS B 98 27.19 -5.29 32.64
CA LYS B 98 28.06 -6.26 33.32
C LYS B 98 29.30 -5.54 33.87
N PRO B 99 29.11 -4.73 34.92
CA PRO B 99 30.12 -3.77 35.38
C PRO B 99 31.41 -4.38 35.95
N SER B 100 31.45 -5.70 36.11
CA SER B 100 32.68 -6.33 36.57
C SER B 100 33.71 -6.44 35.43
N VAL B 101 33.33 -6.02 34.23
CA VAL B 101 34.22 -6.06 33.07
C VAL B 101 34.44 -4.65 32.51
N GLY B 102 35.70 -4.27 32.36
CA GLY B 102 36.04 -3.00 31.76
C GLY B 102 36.58 -3.15 30.34
N TRP B 103 36.00 -2.40 29.41
CA TRP B 103 36.41 -2.43 28.02
C TRP B 103 37.39 -1.29 27.73
N LEU B 104 38.46 -1.62 27.01
CA LEU B 104 39.49 -0.67 26.61
C LEU B 104 39.74 -0.80 25.13
N ALA B 105 39.78 0.32 24.41
CA ALA B 105 40.23 0.32 23.02
C ALA B 105 41.76 0.40 23.03
N ALA B 106 42.40 -0.21 22.02
CA ALA B 106 43.84 -0.29 22.01
C ALA B 106 44.44 0.02 20.64
N ASP B 107 45.67 0.55 20.68
CA ASP B 107 46.49 0.73 19.49
C ASP B 107 47.38 -0.49 19.31
N VAL B 108 47.37 -1.07 18.11
CA VAL B 108 48.22 -2.20 17.78
C VAL B 108 49.63 -1.69 17.47
N HIS B 109 50.62 -2.26 18.14
CA HIS B 109 52.02 -1.93 17.89
C HIS B 109 52.72 -3.15 17.32
N PHE B 110 53.66 -2.90 16.42
CA PHE B 110 54.43 -3.97 15.81
C PHE B 110 55.86 -3.50 15.67
N GLU B 111 56.79 -4.35 16.08
CA GLU B 111 58.20 -4.02 16.03
C GLU B 111 58.53 -2.66 16.64
N GLY B 112 57.91 -2.36 17.78
CA GLY B 112 58.24 -1.18 18.54
C GLY B 112 57.47 0.09 18.21
N ARG B 113 56.76 0.11 17.09
CA ARG B 113 56.03 1.30 16.65
C ARG B 113 54.55 0.99 16.44
N PRO B 114 53.70 2.03 16.49
CA PRO B 114 52.31 1.83 16.10
C PRO B 114 52.22 1.25 14.69
N PHE B 115 51.39 0.22 14.54
CA PHE B 115 51.25 -0.50 13.27
C PHE B 115 50.32 0.26 12.34
N PRO B 116 50.85 0.77 11.21
CA PRO B 116 50.03 1.57 10.30
C PRO B 116 48.85 0.86 9.62
N LYS B 117 48.82 -0.48 9.61
CA LYS B 117 47.66 -1.19 9.06
C LYS B 117 46.46 -1.27 10.03
N ALA B 118 46.70 -0.98 11.32
CA ALA B 118 45.64 -0.96 12.33
C ALA B 118 44.77 0.29 12.20
N PRO B 119 43.45 0.10 11.98
CA PRO B 119 42.56 1.24 11.75
C PRO B 119 42.68 2.37 12.78
N ARG B 120 42.74 2.05 14.07
CA ARG B 120 42.79 3.13 15.07
C ARG B 120 44.09 3.93 14.93
N VAL B 121 45.18 3.26 14.57
CA VAL B 121 46.45 3.93 14.37
C VAL B 121 46.41 4.80 13.13
N ALA B 122 45.85 4.27 12.04
CA ALA B 122 45.70 5.02 10.81
C ALA B 122 44.94 6.33 11.06
N LEU B 123 43.84 6.24 11.81
CA LEU B 123 43.05 7.43 12.13
C LEU B 123 43.87 8.42 12.95
N LYS B 124 44.52 7.95 14.00
CA LYS B 124 45.35 8.85 14.82
C LYS B 124 46.40 9.59 13.98
N SER B 125 46.92 8.94 12.95
CA SER B 125 47.94 9.57 12.11
C SER B 125 47.37 10.73 11.31
N VAL B 126 46.17 10.56 10.77
CA VAL B 126 45.54 11.64 10.01
C VAL B 126 45.13 12.77 10.97
N LEU B 127 44.61 12.40 12.14
CA LEU B 127 44.23 13.41 13.12
C LEU B 127 45.44 14.27 13.51
N ALA B 128 46.59 13.65 13.72
CA ALA B 128 47.81 14.37 14.05
C ALA B 128 48.24 15.36 12.95
N ARG B 129 48.17 14.95 11.69
CA ARG B 129 48.47 15.87 10.60
C ARG B 129 47.55 17.08 10.64
N ALA B 130 46.25 16.82 10.74
CA ALA B 130 45.28 17.88 10.75
C ALA B 130 45.55 18.79 11.95
N ALA B 131 45.80 18.17 13.10
CA ALA B 131 45.95 18.92 14.34
C ALA B 131 47.20 19.80 14.29
N GLY B 132 48.16 19.42 13.46
CA GLY B 132 49.38 20.20 13.31
C GLY B 132 49.10 21.49 12.58
N LYS B 133 47.96 21.55 11.91
CA LYS B 133 47.51 22.75 11.21
C LYS B 133 46.40 23.43 12.00
N ASP B 134 46.27 23.06 13.27
CA ASP B 134 45.22 23.59 14.14
C ASP B 134 43.81 23.33 13.58
N MET B 135 43.63 22.17 12.96
CA MET B 135 42.29 21.75 12.52
C MET B 135 41.88 20.41 13.14
N HIS B 136 40.83 20.44 13.94
CA HIS B 136 40.42 19.29 14.72
C HIS B 136 39.06 18.76 14.28
N LEU B 137 39.03 17.53 13.77
CA LEU B 137 37.77 16.93 13.32
C LEU B 137 36.90 16.48 14.49
N LYS B 138 35.66 16.96 14.52
CA LYS B 138 34.66 16.43 15.43
C LYS B 138 33.55 15.87 14.57
N HIS B 139 33.00 14.72 14.97
CA HIS B 139 31.94 14.07 14.21
C HIS B 139 30.96 13.30 15.11
N GLY B 140 29.73 13.17 14.63
CA GLY B 140 28.72 12.33 15.24
C GLY B 140 28.29 11.29 14.21
N VAL B 141 27.90 10.10 14.70
CA VAL B 141 27.49 9.00 13.83
C VAL B 141 26.03 8.60 14.06
N GLU B 142 25.35 8.27 12.97
CA GLU B 142 23.97 7.82 13.02
C GLU B 142 23.93 6.33 12.71
N CYS B 143 24.07 5.52 13.74
CA CYS B 143 24.30 4.08 13.58
C CYS B 143 22.99 3.31 13.47
N GLU B 144 22.30 3.46 12.35
CA GLU B 144 21.05 2.75 12.12
C GLU B 144 21.29 1.24 12.20
N PHE B 145 20.33 0.52 12.81
CA PHE B 145 20.38 -0.95 12.89
C PHE B 145 18.98 -1.54 12.81
N PHE B 146 18.90 -2.85 12.51
CA PHE B 146 17.64 -3.60 12.57
C PHE B 146 17.67 -4.51 13.77
N LEU B 147 16.51 -4.76 14.37
CA LEU B 147 16.40 -5.83 15.36
C LEU B 147 15.76 -7.00 14.64
N ILE B 148 16.43 -8.15 14.64
CA ILE B 148 15.95 -9.30 13.88
C ILE B 148 15.89 -10.56 14.73
N GLN B 149 15.26 -11.62 14.20
CA GLN B 149 15.24 -12.93 14.86
C GLN B 149 16.68 -13.41 14.98
N PRO B 150 16.98 -14.16 16.05
CA PRO B 150 18.33 -14.74 16.21
C PRO B 150 18.83 -15.51 14.98
N ASP B 151 17.94 -16.21 14.28
CA ASP B 151 18.39 -16.99 13.13
C ASP B 151 18.61 -16.15 11.88
N GLY B 152 18.27 -14.86 11.97
CA GLY B 152 18.49 -13.95 10.86
C GLY B 152 17.43 -14.01 9.76
N SER B 153 16.36 -14.76 9.98
CA SER B 153 15.37 -15.02 8.93
C SER B 153 14.43 -13.85 8.66
N ALA B 154 14.13 -13.07 9.69
CA ALA B 154 13.16 -12.01 9.59
C ALA B 154 13.40 -10.99 10.68
N ILE B 155 12.67 -9.87 10.65
CA ILE B 155 12.78 -8.86 11.69
C ILE B 155 12.17 -9.40 12.97
N SER B 156 12.45 -8.76 14.09
CA SER B 156 12.09 -9.30 15.40
C SER B 156 10.61 -9.15 15.72
N ASP B 157 9.95 -8.21 15.05
CA ASP B 157 8.58 -7.85 15.39
C ASP B 157 7.65 -8.13 14.22
N PRO B 158 6.92 -9.25 14.26
CA PRO B 158 6.02 -9.64 13.17
C PRO B 158 4.84 -8.68 12.99
N ALA B 159 4.56 -7.84 13.97
CA ALA B 159 3.48 -6.86 13.82
C ALA B 159 3.92 -5.53 13.19
N ASP B 160 5.21 -5.42 12.86
CA ASP B 160 5.74 -4.20 12.25
C ASP B 160 5.69 -4.40 10.74
N THR B 161 4.59 -4.02 10.10
CA THR B 161 4.32 -4.41 8.72
C THR B 161 3.91 -3.29 7.79
N GLN B 162 3.55 -2.13 8.33
CA GLN B 162 2.99 -1.07 7.48
C GLN B 162 4.01 -0.55 6.45
N ALA B 163 3.50 0.02 5.36
CA ALA B 163 4.33 0.50 4.27
C ALA B 163 5.25 1.67 4.64
N LYS B 164 4.73 2.62 5.41
CA LYS B 164 5.56 3.72 5.92
C LYS B 164 5.65 3.62 7.44
N PRO B 165 6.65 2.89 7.96
CA PRO B 165 6.77 2.73 9.42
C PRO B 165 7.71 3.71 10.11
N CYS B 166 8.26 4.68 9.39
CA CYS B 166 9.22 5.59 10.02
C CYS B 166 8.61 6.30 11.23
N TYR B 167 9.35 6.38 12.32
CA TYR B 167 8.89 7.01 13.56
C TYR B 167 7.63 6.37 14.16
N ASP B 168 7.34 5.12 13.81
CA ASP B 168 6.15 4.47 14.33
C ASP B 168 6.19 4.43 15.85
N GLN B 169 5.19 5.02 16.49
CA GLN B 169 5.15 5.03 17.94
C GLN B 169 4.90 3.62 18.48
N ASP B 170 3.95 2.91 17.89
CA ASP B 170 3.56 1.58 18.36
C ASP B 170 4.75 0.62 18.37
N ALA B 171 5.42 0.51 17.23
CA ALA B 171 6.49 -0.45 17.08
C ALA B 171 7.75 -0.04 17.84
N LEU B 172 7.98 1.25 18.00
CA LEU B 172 9.04 1.71 18.89
C LEU B 172 8.76 1.26 20.34
N MET B 173 7.56 1.54 20.83
CA MET B 173 7.26 1.19 22.21
C MET B 173 7.19 -0.33 22.40
N ARG B 174 6.94 -1.06 21.32
CA ARG B 174 6.97 -2.53 21.43
C ARG B 174 8.40 -3.03 21.75
N ARG B 175 9.41 -2.23 21.40
CA ARG B 175 10.79 -2.57 21.74
C ARG B 175 11.36 -1.57 22.74
N PHE B 176 10.48 -0.96 23.54
CA PHE B 176 10.93 0.01 24.54
C PHE B 176 12.00 -0.56 25.46
N ASP B 177 11.81 -1.80 25.94
CA ASP B 177 12.72 -2.35 26.94
C ASP B 177 14.17 -2.41 26.45
N VAL B 178 14.38 -2.84 25.21
CA VAL B 178 15.74 -2.89 24.66
C VAL B 178 16.28 -1.49 24.41
N ILE B 179 15.49 -0.69 23.70
CA ILE B 179 15.94 0.66 23.33
C ILE B 179 16.21 1.52 24.56
N ALA B 180 15.28 1.49 25.51
CA ALA B 180 15.41 2.32 26.71
C ALA B 180 16.62 1.92 27.54
N GLU B 181 16.86 0.60 27.66
CA GLU B 181 18.02 0.11 28.39
C GLU B 181 19.30 0.65 27.77
N ILE B 182 19.41 0.57 26.45
CA ILE B 182 20.64 1.03 25.80
C ILE B 182 20.82 2.56 25.92
N CYS B 183 19.72 3.31 25.81
CA CYS B 183 19.79 4.77 25.94
C CYS B 183 20.21 5.19 27.34
N SER B 184 19.68 4.51 28.35
CA SER B 184 20.04 4.79 29.74
C SER B 184 21.50 4.55 29.99
N TYR B 185 22.06 3.56 29.31
CA TYR B 185 23.48 3.26 29.44
C TYR B 185 24.28 4.42 28.87
N MET B 186 23.82 4.96 27.74
CA MET B 186 24.52 6.08 27.10
C MET B 186 24.38 7.34 27.94
N VAL B 187 23.25 7.50 28.62
CA VAL B 187 23.09 8.61 29.55
C VAL B 187 24.16 8.47 30.62
N ASP B 188 24.22 7.30 31.25
CA ASP B 188 25.15 7.05 32.35
C ASP B 188 26.63 7.14 31.94
N LEU B 189 26.93 6.78 30.70
CA LEU B 189 28.31 6.85 30.21
C LEU B 189 28.69 8.27 29.83
N GLY B 190 27.70 9.17 29.82
CA GLY B 190 27.97 10.57 29.55
C GLY B 190 28.17 10.88 28.08
N TRP B 191 27.63 10.04 27.19
CA TRP B 191 27.71 10.27 25.75
C TRP B 191 26.76 11.37 25.29
N GLY B 192 25.86 11.79 26.17
CA GLY B 192 24.83 12.77 25.81
C GLY B 192 23.88 12.30 24.71
N PRO B 193 23.19 11.17 24.92
CA PRO B 193 22.15 10.75 23.96
C PRO B 193 20.95 11.69 24.01
N TYR B 194 20.27 11.90 22.89
CA TYR B 194 19.21 12.89 22.91
C TYR B 194 17.93 12.46 22.21
N GLN B 195 17.96 11.34 21.48
CA GLN B 195 16.74 10.83 20.84
C GLN B 195 16.89 9.40 20.32
N ASN B 196 15.76 8.69 20.28
CA ASN B 196 15.68 7.36 19.69
C ASN B 196 14.42 7.26 18.87
N ASP B 197 14.45 6.52 17.78
CA ASP B 197 13.21 6.27 17.07
C ASP B 197 13.22 4.95 16.32
N HIS B 198 12.05 4.60 15.79
CA HIS B 198 11.92 3.57 14.79
C HIS B 198 12.29 4.28 13.49
N GLU B 199 13.10 3.64 12.65
CA GLU B 199 13.52 4.26 11.39
C GLU B 199 12.66 3.79 10.21
N ASP B 200 13.09 4.11 8.99
CA ASP B 200 12.22 4.03 7.80
C ASP B 200 11.89 2.60 7.31
N ALA B 201 12.72 1.64 7.64
CA ALA B 201 12.42 0.24 7.31
C ALA B 201 11.73 -0.44 8.48
N ASN B 202 10.77 -1.31 8.19
CA ASN B 202 10.25 -2.20 9.21
C ASN B 202 11.40 -2.89 9.91
N GLY B 203 11.38 -2.95 11.24
CA GLY B 203 12.43 -3.60 12.01
C GLY B 203 13.63 -2.74 12.38
N GLN B 204 13.66 -1.49 11.91
CA GLN B 204 14.87 -0.67 11.98
C GLN B 204 14.75 0.46 12.99
N PHE B 205 15.88 0.81 13.61
CA PHE B 205 15.89 1.77 14.69
C PHE B 205 17.11 2.68 14.61
N GLU B 206 17.06 3.81 15.31
CA GLU B 206 18.22 4.69 15.38
C GLU B 206 18.26 5.36 16.74
N MET B 207 19.44 5.37 17.35
CA MET B 207 19.63 5.99 18.65
C MET B 207 20.75 7.02 18.51
N ASN B 208 20.45 8.30 18.72
CA ASN B 208 21.45 9.33 18.49
C ASN B 208 22.12 9.87 19.76
N TRP B 209 23.39 10.22 19.64
CA TRP B 209 24.12 10.83 20.75
C TRP B 209 25.09 11.92 20.28
N ASP B 210 25.52 12.75 21.23
CA ASP B 210 26.35 13.92 20.94
C ASP B 210 27.62 13.61 20.22
N TYR B 211 27.91 14.40 19.18
CA TYR B 211 29.22 14.39 18.55
C TYR B 211 30.33 14.74 19.53
N ALA B 212 31.56 14.52 19.09
CA ALA B 212 32.73 14.64 19.93
C ALA B 212 33.96 14.62 19.03
N ASP B 213 35.15 14.80 19.62
CA ASP B 213 36.39 14.67 18.85
C ASP B 213 36.40 13.33 18.13
N ALA B 214 36.92 13.31 16.91
CA ALA B 214 36.83 12.11 16.08
C ALA B 214 37.23 10.81 16.80
N LEU B 215 38.32 10.83 17.55
CA LEU B 215 38.80 9.61 18.19
C LEU B 215 37.82 9.11 19.26
N VAL B 216 37.24 10.04 19.99
CA VAL B 216 36.23 9.70 21.01
C VAL B 216 35.02 9.08 20.33
N THR B 217 34.55 9.70 19.26
CA THR B 217 33.37 9.21 18.56
C THR B 217 33.65 7.84 17.96
N ALA B 218 34.84 7.67 17.41
CA ALA B 218 35.26 6.39 16.83
C ALA B 218 35.28 5.28 17.88
N ASP B 219 35.84 5.56 19.05
CA ASP B 219 35.82 4.57 20.13
C ASP B 219 34.37 4.28 20.57
N ARG B 220 33.57 5.33 20.73
CA ARG B 220 32.17 5.16 21.12
C ARG B 220 31.41 4.35 20.07
N HIS B 221 31.69 4.62 18.79
CA HIS B 221 31.07 3.94 17.65
C HIS B 221 31.35 2.43 17.71
N ALA B 222 32.62 2.08 17.92
CA ALA B 222 33.04 0.69 18.07
C ALA B 222 32.37 0.02 19.28
N PHE B 223 32.30 0.74 20.40
CA PHE B 223 31.63 0.20 21.58
C PHE B 223 30.12 0.08 21.36
N PHE B 224 29.53 1.05 20.71
CA PHE B 224 28.07 1.09 20.55
C PHE B 224 27.56 -0.15 19.83
N LYS B 225 28.24 -0.57 18.77
CA LYS B 225 27.78 -1.71 17.99
C LYS B 225 27.86 -2.96 18.85
N PHE B 226 28.94 -3.08 19.61
CA PHE B 226 29.09 -4.17 20.56
C PHE B 226 28.00 -4.16 21.64
N MET B 227 27.70 -2.99 22.18
CA MET B 227 26.66 -2.86 23.19
C MET B 227 25.27 -3.24 22.66
N VAL B 228 24.93 -2.73 21.48
CA VAL B 228 23.62 -3.02 20.90
C VAL B 228 23.45 -4.53 20.61
N LYS B 229 24.48 -5.14 20.04
CA LYS B 229 24.45 -6.58 19.78
C LYS B 229 24.33 -7.38 21.07
N SER B 230 25.11 -7.00 22.08
CA SER B 230 25.11 -7.69 23.38
C SER B 230 23.78 -7.59 24.10
N VAL B 231 23.21 -6.39 24.16
CA VAL B 231 21.93 -6.20 24.82
C VAL B 231 20.79 -6.84 24.03
N ALA B 232 20.82 -6.71 22.71
CA ALA B 232 19.82 -7.37 21.88
C ALA B 232 19.78 -8.86 22.23
N GLU B 233 20.97 -9.47 22.28
CA GLU B 233 21.08 -10.89 22.56
C GLU B 233 20.51 -11.28 23.93
N ARG B 234 20.73 -10.42 24.93
CA ARG B 234 20.21 -10.66 26.27
C ARG B 234 18.70 -10.63 26.29
N HIS B 235 18.10 -10.01 25.27
CA HIS B 235 16.64 -9.94 25.20
C HIS B 235 16.08 -11.01 24.26
N GLY B 236 16.92 -11.93 23.81
CA GLY B 236 16.49 -13.00 22.92
C GLY B 236 16.39 -12.50 21.49
N LEU B 237 16.97 -11.34 21.23
CA LEU B 237 16.88 -10.73 19.91
C LEU B 237 18.26 -10.70 19.27
N ARG B 238 18.34 -10.14 18.06
CA ARG B 238 19.63 -10.00 17.37
C ARG B 238 19.69 -8.66 16.64
N ALA B 239 20.81 -7.96 16.76
CA ALA B 239 20.96 -6.67 16.07
C ALA B 239 21.88 -6.83 14.86
N THR B 240 21.52 -6.16 13.75
CA THR B 240 22.41 -6.12 12.60
C THR B 240 22.60 -4.71 12.02
N PHE B 241 23.83 -4.41 11.58
CA PHE B 241 24.15 -3.14 10.95
C PHE B 241 24.40 -3.34 9.46
N MET B 242 23.99 -4.50 8.96
CA MET B 242 24.14 -4.85 7.56
C MET B 242 23.55 -3.76 6.66
N PRO B 243 24.28 -3.36 5.60
CA PRO B 243 23.81 -2.22 4.79
C PRO B 243 22.44 -2.39 4.14
N LYS B 244 22.14 -3.58 3.64
CA LYS B 244 20.91 -3.79 2.90
C LYS B 244 20.43 -5.21 3.18
N PRO B 245 19.88 -5.43 4.38
CA PRO B 245 19.48 -6.79 4.77
C PRO B 245 18.22 -7.28 4.06
N PHE B 246 17.38 -6.37 3.57
CA PHE B 246 16.15 -6.75 2.83
C PHE B 246 16.03 -5.91 1.55
N ALA B 247 15.78 -6.56 0.42
CA ALA B 247 15.87 -5.89 -0.88
C ALA B 247 14.86 -4.77 -1.14
N HIS B 248 13.70 -4.86 -0.48
CA HIS B 248 12.58 -3.95 -0.74
C HIS B 248 12.44 -2.86 0.33
N LEU B 249 13.29 -2.92 1.35
CA LEU B 249 13.24 -1.97 2.45
C LEU B 249 14.50 -1.10 2.50
N THR B 250 14.35 0.05 3.14
CA THR B 250 15.45 0.99 3.34
C THR B 250 16.62 0.29 4.02
N GLY B 251 17.84 0.69 3.68
CA GLY B 251 19.03 0.07 4.24
C GLY B 251 19.54 0.76 5.49
N ASN B 252 20.64 0.24 6.07
CA ASN B 252 21.28 0.85 7.24
C ASN B 252 22.36 1.81 6.76
N GLY B 253 22.17 3.10 6.99
CA GLY B 253 23.25 4.05 6.75
C GLY B 253 24.09 4.21 8.00
N CYS B 254 25.27 4.84 7.87
CA CYS B 254 25.95 5.39 9.04
C CYS B 254 26.40 6.82 8.71
N HIS B 255 25.44 7.75 8.61
CA HIS B 255 25.78 9.13 8.22
C HIS B 255 26.76 9.70 9.23
N THR B 256 27.66 10.53 8.76
CA THR B 256 28.55 11.22 9.68
C THR B 256 28.30 12.72 9.55
N HIS B 257 27.98 13.37 10.67
CA HIS B 257 27.92 14.82 10.70
C HIS B 257 29.31 15.29 11.11
N LEU B 258 29.81 16.32 10.42
CA LEU B 258 31.24 16.67 10.42
C LEU B 258 31.50 18.16 10.59
N SER B 259 32.47 18.51 11.43
CA SER B 259 32.90 19.89 11.53
C SER B 259 34.35 19.92 11.97
N MET B 260 35.05 21.02 11.64
CA MET B 260 36.47 21.19 11.96
C MET B 260 36.62 22.36 12.92
N TRP B 261 37.35 22.15 14.01
CA TRP B 261 37.52 23.17 15.04
C TRP B 261 39.00 23.51 15.32
N THR B 262 39.24 24.73 15.78
CA THR B 262 40.58 25.12 16.22
C THR B 262 40.76 24.67 17.64
N ALA B 263 42.02 24.55 18.05
CA ALA B 263 42.34 24.23 19.44
C ALA B 263 41.63 25.18 20.40
N ALA B 264 41.43 26.42 19.97
CA ALA B 264 40.78 27.41 20.83
C ALA B 264 39.26 27.21 21.00
N GLY B 265 38.68 26.31 20.22
CA GLY B 265 37.28 25.98 20.37
C GLY B 265 36.33 26.67 19.42
N ASP B 266 36.85 27.10 18.27
CA ASP B 266 36.03 27.72 17.25
C ASP B 266 35.75 26.76 16.11
N ASN B 267 34.50 26.75 15.67
CA ASN B 267 34.07 25.91 14.56
C ASN B 267 34.36 26.58 13.22
N LEU B 268 35.42 26.14 12.56
CA LEU B 268 35.84 26.71 11.28
C LEU B 268 34.78 26.58 10.19
N PHE B 269 33.81 25.68 10.37
CA PHE B 269 32.76 25.50 9.36
C PHE B 269 31.69 26.58 9.44
N GLU B 270 31.59 27.25 10.59
CA GLU B 270 30.63 28.33 10.78
C GLU B 270 31.07 29.52 9.95
N GLY B 271 30.15 30.10 9.19
CA GLY B 271 30.52 31.16 8.26
C GLY B 271 29.38 32.04 7.77
N ASP B 272 29.70 32.87 6.78
CA ASP B 272 28.74 33.83 6.26
C ASP B 272 28.32 33.52 4.84
N GLY B 273 28.78 32.39 4.31
CA GLY B 273 28.36 31.95 2.97
C GLY B 273 27.00 31.29 2.98
N GLU B 274 26.63 30.69 1.84
CA GLU B 274 25.36 30.00 1.72
C GLU B 274 25.13 29.05 2.89
N LEU B 275 23.90 29.05 3.40
CA LEU B 275 23.45 28.08 4.39
C LEU B 275 24.28 28.08 5.68
N GLY B 276 24.91 29.21 5.97
CA GLY B 276 25.62 29.36 7.23
C GLY B 276 26.94 28.62 7.30
N LEU B 277 27.56 28.42 6.14
CA LEU B 277 28.83 27.71 6.04
C LEU B 277 29.94 28.66 5.61
N SER B 278 31.17 28.30 5.94
CA SER B 278 32.34 29.12 5.65
C SER B 278 33.05 28.65 4.38
N PRO B 279 33.95 29.48 3.84
CA PRO B 279 34.75 29.00 2.71
C PRO B 279 35.50 27.72 3.06
N THR B 280 36.00 27.62 4.29
CA THR B 280 36.68 26.41 4.73
C THR B 280 35.77 25.16 4.67
N ALA B 281 34.51 25.31 5.10
CA ALA B 281 33.55 24.22 5.01
C ALA B 281 33.35 23.75 3.58
N TYR B 282 33.21 24.72 2.65
CA TYR B 282 33.01 24.40 1.24
C TYR B 282 34.24 23.79 0.58
N ALA B 283 35.44 24.20 1.00
CA ALA B 283 36.64 23.54 0.49
C ALA B 283 36.74 22.10 0.99
N PHE B 284 36.41 21.86 2.26
CA PHE B 284 36.34 20.52 2.83
C PHE B 284 35.37 19.70 2.00
N LEU B 285 34.17 20.27 1.77
CA LEU B 285 33.14 19.64 0.93
C LEU B 285 33.70 19.33 -0.45
N GLY B 286 34.49 20.26 -0.99
CA GLY B 286 35.13 20.06 -2.27
C GLY B 286 36.03 18.83 -2.30
N GLY B 287 36.71 18.55 -1.19
CA GLY B 287 37.56 17.36 -1.08
C GLY B 287 36.74 16.09 -1.03
N LEU B 288 35.59 16.16 -0.37
CA LEU B 288 34.65 15.06 -0.28
C LEU B 288 34.10 14.75 -1.66
N ILE B 289 33.68 15.79 -2.38
CA ILE B 289 33.20 15.61 -3.75
C ILE B 289 34.31 15.05 -4.63
N GLY B 290 35.50 15.64 -4.52
CA GLY B 290 36.61 15.31 -5.40
C GLY B 290 37.13 13.90 -5.21
N HIS B 291 37.08 13.42 -3.97
CA HIS B 291 37.62 12.09 -3.66
C HIS B 291 36.54 11.05 -3.44
N ALA B 292 35.33 11.35 -3.87
CA ALA B 292 34.17 10.55 -3.50
C ALA B 292 34.25 9.10 -3.97
N LYS B 293 34.84 8.87 -5.15
CA LYS B 293 34.90 7.53 -5.72
C LYS B 293 35.73 6.56 -4.86
N GLY B 294 36.94 6.98 -4.52
CA GLY B 294 37.78 6.20 -3.64
C GLY B 294 37.25 6.18 -2.21
N LEU B 295 36.64 7.28 -1.78
CA LEU B 295 36.06 7.31 -0.43
C LEU B 295 35.00 6.22 -0.28
N THR B 296 34.21 6.01 -1.32
CA THR B 296 33.18 4.97 -1.35
C THR B 296 33.71 3.57 -0.97
N ALA B 297 34.89 3.22 -1.46
CA ALA B 297 35.46 1.91 -1.15
C ALA B 297 35.57 1.71 0.37
N VAL B 298 36.00 2.75 1.06
CA VAL B 298 36.19 2.68 2.51
C VAL B 298 34.88 2.71 3.28
N VAL B 299 33.99 3.63 2.93
CA VAL B 299 32.79 3.85 3.75
C VAL B 299 31.59 3.02 3.27
N ASN B 300 31.74 2.36 2.14
CA ASN B 300 30.79 1.34 1.66
C ASN B 300 31.60 0.09 1.35
N PRO B 301 32.07 -0.60 2.41
CA PRO B 301 33.18 -1.53 2.24
C PRO B 301 32.81 -2.99 1.91
N THR B 302 31.53 -3.29 1.64
CA THR B 302 31.15 -4.68 1.38
C THR B 302 30.43 -4.81 0.03
N VAL B 303 30.36 -6.02 -0.50
CA VAL B 303 29.58 -6.25 -1.71
C VAL B 303 28.17 -5.68 -1.56
N ASN B 304 27.57 -5.97 -0.42
CA ASN B 304 26.18 -5.66 -0.12
C ASN B 304 25.93 -4.16 0.03
N SER B 305 26.99 -3.43 0.35
CA SER B 305 26.94 -1.96 0.39
C SER B 305 26.37 -1.40 -0.91
N TYR B 306 26.68 -2.05 -2.03
CA TYR B 306 26.29 -1.50 -3.33
C TYR B 306 24.85 -1.84 -3.72
N LYS B 307 24.15 -2.54 -2.84
CA LYS B 307 22.70 -2.76 -2.99
C LYS B 307 21.89 -1.73 -2.18
N ARG B 308 22.55 -1.05 -1.25
CA ARG B 308 21.96 0.11 -0.60
C ARG B 308 22.11 1.39 -1.43
N LEU B 309 23.29 1.62 -1.99
CA LEU B 309 23.52 2.75 -2.89
C LEU B 309 22.80 2.49 -4.21
N ASN B 310 22.32 3.55 -4.85
CA ASN B 310 21.62 3.37 -6.13
C ASN B 310 20.57 2.25 -6.15
N ALA B 311 19.73 2.22 -5.13
CA ALA B 311 18.78 1.13 -4.97
C ALA B 311 17.44 1.50 -5.59
N PRO B 312 16.67 0.51 -6.02
CA PRO B 312 15.33 0.82 -6.51
C PRO B 312 14.46 1.34 -5.37
N VAL B 313 13.39 2.05 -5.69
CA VAL B 313 12.54 2.62 -4.65
C VAL B 313 12.03 1.51 -3.72
N THR B 314 11.92 1.84 -2.43
CA THR B 314 11.50 0.89 -1.40
C THR B 314 10.01 0.99 -1.15
N VAL B 315 9.47 0.13 -0.29
CA VAL B 315 8.04 0.17 0.00
C VAL B 315 7.64 1.49 0.67
N SER B 316 8.58 2.13 1.38
CA SER B 316 8.32 3.40 2.08
C SER B 316 8.39 4.63 1.18
N GLY B 317 8.78 4.45 -0.07
CA GLY B 317 8.76 5.56 -1.01
C GLY B 317 10.09 6.22 -1.32
N ALA B 318 11.12 5.96 -0.52
CA ALA B 318 12.46 6.51 -0.81
C ALA B 318 13.55 5.66 -0.20
N THR B 319 14.70 5.57 -0.87
CA THR B 319 15.83 4.85 -0.31
C THR B 319 16.52 5.69 0.76
N TRP B 320 16.49 7.01 0.58
CA TRP B 320 17.18 7.93 1.49
C TRP B 320 18.69 7.78 1.49
N SER B 321 19.21 7.04 0.50
CA SER B 321 20.66 6.84 0.38
C SER B 321 21.15 7.51 -0.89
N PRO B 322 22.45 7.82 -0.97
CA PRO B 322 23.00 8.54 -2.12
C PRO B 322 23.08 7.72 -3.41
N ASN B 323 22.83 8.39 -4.54
CA ASN B 323 23.01 7.80 -5.86
C ASN B 323 24.17 8.44 -6.61
N THR B 324 24.47 9.68 -6.26
CA THR B 324 25.30 10.54 -7.10
C THR B 324 26.33 11.31 -6.26
N ILE B 325 27.37 11.81 -6.91
CA ILE B 325 28.37 12.61 -6.22
C ILE B 325 27.92 14.07 -6.29
N THR B 326 27.01 14.43 -5.39
CA THR B 326 26.36 15.73 -5.40
C THR B 326 26.03 16.16 -3.97
N TYR B 327 25.71 17.42 -3.79
CA TYR B 327 25.26 17.87 -2.48
C TYR B 327 24.04 18.77 -2.60
N GLY B 328 23.21 18.78 -1.56
CA GLY B 328 22.06 19.66 -1.49
C GLY B 328 22.13 20.53 -0.23
N GLY B 329 21.07 21.27 0.03
CA GLY B 329 20.93 21.97 1.30
C GLY B 329 20.44 20.97 2.33
N ASN B 330 19.46 21.37 3.13
CA ASN B 330 18.80 20.43 4.03
C ASN B 330 17.89 19.53 3.17
N ASN B 331 18.49 18.49 2.61
CA ASN B 331 17.95 17.71 1.51
C ASN B 331 18.57 16.32 1.63
N ARG B 332 17.74 15.29 1.77
CA ARG B 332 18.24 13.96 2.08
C ARG B 332 18.46 13.11 0.83
N THR B 333 18.50 13.71 -0.36
CA THR B 333 18.58 12.91 -1.59
C THR B 333 19.97 12.93 -2.26
N HIS B 334 20.96 13.53 -1.62
CA HIS B 334 22.30 13.60 -2.20
C HIS B 334 23.37 12.90 -1.37
N MET B 335 24.61 12.96 -1.86
CA MET B 335 25.72 12.37 -1.14
C MET B 335 26.00 13.15 0.12
N VAL B 336 25.82 14.47 0.04
CA VAL B 336 26.04 15.35 1.17
C VAL B 336 24.81 16.21 1.41
N ARG B 337 24.43 16.34 2.67
CA ARG B 337 23.34 17.23 3.07
C ARG B 337 23.95 18.30 3.95
N ILE B 338 23.40 19.51 3.88
CA ILE B 338 23.78 20.55 4.82
C ILE B 338 22.61 20.70 5.78
N PRO B 339 22.72 20.13 6.99
CA PRO B 339 21.56 20.01 7.88
C PRO B 339 21.30 21.27 8.69
N ASP B 340 22.31 22.12 8.83
CA ASP B 340 22.22 23.28 9.70
C ASP B 340 23.52 24.05 9.51
N ALA B 341 23.55 25.31 9.93
CA ALA B 341 24.78 26.10 9.85
C ALA B 341 25.93 25.38 10.55
N GLY B 342 27.10 25.41 9.92
CA GLY B 342 28.31 25.01 10.62
C GLY B 342 28.66 23.53 10.63
N ARG B 343 27.95 22.73 9.84
CA ARG B 343 28.36 21.33 9.68
C ARG B 343 27.88 20.72 8.36
N LEU B 344 28.49 19.59 8.01
CA LEU B 344 28.11 18.83 6.82
C LEU B 344 27.62 17.48 7.29
N GLU B 345 26.65 16.92 6.58
CA GLU B 345 26.28 15.53 6.81
C GLU B 345 26.72 14.74 5.60
N LEU B 346 27.69 13.83 5.78
CA LEU B 346 28.02 12.91 4.70
C LEU B 346 27.12 11.68 4.84
N ARG B 347 26.26 11.46 3.84
CA ARG B 347 25.24 10.42 3.93
C ARG B 347 25.71 9.14 3.25
N LEU B 348 26.93 9.18 2.73
CA LEU B 348 27.47 8.06 1.96
C LEU B 348 27.68 6.76 2.77
N PRO B 349 28.24 6.86 3.99
CA PRO B 349 28.68 5.66 4.72
C PRO B 349 27.51 4.74 5.09
N ASP B 350 27.76 3.43 5.16
CA ASP B 350 26.70 2.50 5.59
C ASP B 350 27.07 1.83 6.90
N GLY B 351 26.19 0.96 7.39
CA GLY B 351 26.40 0.29 8.65
C GLY B 351 27.65 -0.58 8.78
N ALA B 352 28.24 -0.99 7.66
CA ALA B 352 29.48 -1.77 7.70
C ALA B 352 30.75 -0.93 7.79
N ALA B 353 30.62 0.38 7.71
CA ALA B 353 31.84 1.22 7.64
C ALA B 353 32.64 1.08 8.93
N ASN B 354 33.96 0.90 8.78
CA ASN B 354 34.87 0.80 9.92
C ASN B 354 34.86 2.08 10.77
N PRO B 355 34.62 1.96 12.08
CA PRO B 355 34.59 3.12 12.99
C PRO B 355 35.85 4.00 12.94
N TYR B 356 36.99 3.45 12.54
CA TYR B 356 38.22 4.25 12.47
C TYR B 356 38.62 4.64 11.04
N LEU B 357 38.55 3.70 10.12
CA LEU B 357 38.90 4.03 8.74
C LEU B 357 37.95 5.06 8.14
N MET B 358 36.67 4.99 8.49
CA MET B 358 35.69 5.95 7.98
C MET B 358 36.07 7.43 8.25
N PRO B 359 36.23 7.82 9.52
CA PRO B 359 36.68 9.20 9.79
C PRO B 359 38.07 9.49 9.22
N ALA B 360 38.96 8.50 9.25
CA ALA B 360 40.32 8.70 8.72
C ALA B 360 40.28 9.08 7.24
N ALA B 361 39.52 8.32 6.44
CA ALA B 361 39.42 8.55 5.00
C ALA B 361 38.69 9.85 4.67
N ILE B 362 37.62 10.11 5.42
CA ILE B 362 36.84 11.35 5.29
C ILE B 362 37.73 12.57 5.56
N LEU B 363 38.50 12.52 6.65
CA LEU B 363 39.41 13.60 7.00
C LEU B 363 40.48 13.83 5.92
N ALA B 364 41.05 12.73 5.43
CA ALA B 364 42.12 12.83 4.46
C ALA B 364 41.60 13.54 3.22
N ALA B 365 40.39 13.20 2.81
CA ALA B 365 39.78 13.85 1.65
C ALA B 365 39.43 15.30 1.95
N GLY B 366 38.89 15.54 3.14
CA GLY B 366 38.48 16.88 3.52
C GLY B 366 39.67 17.82 3.60
N LEU B 367 40.74 17.36 4.24
CA LEU B 367 41.97 18.13 4.39
C LEU B 367 42.53 18.53 3.04
N ASP B 368 42.49 17.61 2.10
CA ASP B 368 43.02 17.89 0.78
C ASP B 368 42.13 18.88 0.05
N GLY B 369 40.84 18.86 0.36
CA GLY B 369 39.91 19.83 -0.19
C GLY B 369 40.25 21.24 0.31
N ILE B 370 40.51 21.34 1.61
CA ILE B 370 40.88 22.62 2.21
C ILE B 370 42.23 23.11 1.70
N GLU B 371 43.18 22.21 1.54
CA GLU B 371 44.53 22.57 1.13
C GLU B 371 44.61 22.98 -0.34
N THR B 372 43.74 22.39 -1.17
CA THR B 372 43.72 22.76 -2.58
C THR B 372 42.63 23.75 -2.90
N GLN B 373 41.91 24.21 -1.87
CA GLN B 373 40.76 25.08 -2.09
C GLN B 373 39.79 24.51 -3.13
N ALA B 374 39.44 23.23 -2.93
CA ALA B 374 38.59 22.50 -3.86
C ALA B 374 37.20 23.11 -3.99
N ASP B 375 36.71 23.13 -5.22
CA ASP B 375 35.39 23.65 -5.52
C ASP B 375 34.41 22.48 -5.55
N PRO B 376 33.40 22.50 -4.66
CA PRO B 376 32.47 21.38 -4.58
C PRO B 376 31.42 21.44 -5.68
N GLY B 377 31.39 22.53 -6.43
CA GLY B 377 30.43 22.69 -7.50
C GLY B 377 29.13 23.31 -7.04
N GLN B 378 28.08 23.13 -7.84
CA GLN B 378 26.80 23.76 -7.57
C GLN B 378 25.88 22.92 -6.67
N ARG B 379 25.35 23.55 -5.62
CA ARG B 379 24.38 22.89 -4.76
C ARG B 379 23.14 22.55 -5.57
N LEU B 380 22.59 21.36 -5.36
CA LEU B 380 21.40 20.94 -6.09
C LEU B 380 20.18 20.92 -5.16
N ASP B 381 19.21 21.81 -5.39
CA ASP B 381 18.02 21.89 -4.56
C ASP B 381 16.87 21.13 -5.19
N ILE B 382 17.14 19.89 -5.61
CA ILE B 382 16.12 19.05 -6.22
C ILE B 382 16.10 17.70 -5.53
N ASP B 383 15.02 16.95 -5.73
CA ASP B 383 14.93 15.57 -5.29
C ASP B 383 15.66 14.76 -6.35
N MET B 384 16.86 14.28 -6.02
CA MET B 384 17.69 13.58 -7.01
C MET B 384 17.08 12.26 -7.47
N TYR B 385 16.19 11.68 -6.66
CA TYR B 385 15.55 10.42 -7.02
C TYR B 385 14.57 10.59 -8.18
N VAL B 386 14.03 11.80 -8.29
CA VAL B 386 12.97 12.05 -9.25
C VAL B 386 13.48 12.88 -10.42
N GLU B 387 14.39 13.81 -10.13
CA GLU B 387 14.87 14.79 -11.12
C GLU B 387 16.34 14.61 -11.45
N GLY B 388 16.92 13.49 -11.03
CA GLY B 388 18.31 13.20 -11.32
C GLY B 388 18.55 13.03 -12.80
N HIS B 389 17.62 12.34 -13.45
CA HIS B 389 17.65 12.10 -14.89
C HIS B 389 17.90 13.39 -15.66
N SER B 390 17.39 14.49 -15.13
CA SER B 390 17.53 15.79 -15.76
C SER B 390 18.97 16.29 -15.73
N VAL B 391 19.43 16.68 -14.55
CA VAL B 391 20.76 17.25 -14.37
C VAL B 391 21.90 16.30 -14.73
N GLU B 392 23.01 16.87 -15.19
CA GLU B 392 24.22 16.11 -15.46
C GLU B 392 24.99 15.91 -14.16
N ALA B 393 24.96 14.68 -13.63
CA ALA B 393 25.65 14.40 -12.39
C ALA B 393 26.47 13.12 -12.49
N GLU B 394 27.61 13.10 -11.82
CA GLU B 394 28.44 11.92 -11.79
C GLU B 394 27.85 10.88 -10.83
N GLN B 395 27.73 9.64 -11.29
CA GLN B 395 27.23 8.56 -10.46
C GLN B 395 28.33 8.02 -9.55
N LEU B 396 27.93 7.50 -8.39
CA LEU B 396 28.86 6.81 -7.49
C LEU B 396 29.30 5.49 -8.11
N PRO B 397 30.46 4.96 -7.69
CA PRO B 397 30.87 3.61 -8.06
C PRO B 397 29.70 2.65 -7.88
N LEU B 398 29.49 1.74 -8.82
CA LEU B 398 28.33 0.86 -8.81
C LEU B 398 28.55 -0.48 -8.10
N ASN B 399 29.81 -0.84 -7.82
CA ASN B 399 30.09 -2.12 -7.17
C ASN B 399 31.44 -2.07 -6.44
N LEU B 400 31.63 -3.01 -5.51
CA LEU B 400 32.82 -3.03 -4.66
C LEU B 400 34.12 -2.98 -5.44
N LEU B 401 34.22 -3.78 -6.49
CA LEU B 401 35.46 -3.88 -7.24
C LEU B 401 35.85 -2.53 -7.84
N ASP B 402 34.90 -1.84 -8.48
CA ASP B 402 35.16 -0.53 -9.04
C ASP B 402 35.52 0.49 -7.96
N ALA B 403 34.82 0.45 -6.83
CA ALA B 403 35.13 1.37 -5.74
C ALA B 403 36.56 1.15 -5.25
N VAL B 404 36.96 -0.10 -5.11
CA VAL B 404 38.32 -0.42 -4.65
C VAL B 404 39.38 0.04 -5.66
N ARG B 405 39.15 -0.23 -6.94
CA ARG B 405 40.01 0.32 -8.00
C ARG B 405 40.17 1.83 -7.81
N ALA B 406 39.06 2.52 -7.55
CA ALA B 406 39.13 3.97 -7.39
C ALA B 406 39.95 4.35 -6.17
N LEU B 407 39.82 3.57 -5.11
CA LEU B 407 40.57 3.81 -3.88
C LEU B 407 42.08 3.72 -4.17
N GLU B 408 42.48 2.64 -4.84
CA GLU B 408 43.89 2.41 -5.14
C GLU B 408 44.44 3.52 -6.05
N ALA B 409 43.58 4.08 -6.90
CA ALA B 409 43.98 5.09 -7.86
C ALA B 409 44.05 6.47 -7.22
N ASP B 410 43.58 6.59 -5.99
CA ASP B 410 43.49 7.90 -5.35
C ASP B 410 44.68 8.12 -4.41
N GLU B 411 45.62 8.94 -4.87
CA GLU B 411 46.85 9.24 -4.15
C GLU B 411 46.64 9.80 -2.76
N VAL B 412 45.72 10.75 -2.63
CA VAL B 412 45.50 11.38 -1.33
C VAL B 412 44.96 10.36 -0.33
N LEU B 413 43.92 9.65 -0.73
CA LEU B 413 43.31 8.65 0.13
C LEU B 413 44.29 7.54 0.43
N ALA B 414 44.76 6.87 -0.62
CA ALA B 414 45.66 5.74 -0.43
C ALA B 414 46.83 6.18 0.43
N GLY B 415 47.42 7.31 0.08
CA GLY B 415 48.53 7.86 0.84
C GLY B 415 48.17 8.21 2.28
N GLY B 416 47.04 8.87 2.46
CA GLY B 416 46.62 9.32 3.77
C GLY B 416 46.29 8.19 4.74
N LEU B 417 45.79 7.08 4.21
CA LEU B 417 45.47 5.92 5.05
C LEU B 417 46.71 5.06 5.30
N GLY B 418 47.76 5.31 4.52
CA GLY B 418 48.98 4.54 4.63
C GLY B 418 48.76 3.09 4.25
N ALA B 419 49.51 2.20 4.87
CA ALA B 419 49.48 0.79 4.48
C ALA B 419 48.11 0.12 4.71
N ALA B 420 47.25 0.75 5.50
CA ALA B 420 45.91 0.21 5.68
C ALA B 420 45.15 0.17 4.36
N ALA B 421 45.42 1.13 3.48
CA ALA B 421 44.67 1.20 2.24
C ALA B 421 44.91 -0.05 1.39
N ALA B 422 46.17 -0.42 1.21
CA ALA B 422 46.52 -1.55 0.35
C ALA B 422 46.05 -2.88 0.96
N ALA B 423 46.15 -3.00 2.28
CA ALA B 423 45.68 -4.21 2.98
C ALA B 423 44.18 -4.36 2.80
N PHE B 424 43.47 -3.26 3.02
CA PHE B 424 42.02 -3.23 2.88
C PHE B 424 41.62 -3.65 1.45
N ALA B 425 42.29 -3.08 0.45
CA ALA B 425 41.95 -3.37 -0.94
C ALA B 425 42.11 -4.84 -1.24
N LYS B 426 43.18 -5.41 -0.71
CA LYS B 426 43.52 -6.80 -0.92
C LYS B 426 42.40 -7.70 -0.38
N PHE B 427 41.95 -7.42 0.84
CA PHE B 427 40.88 -8.22 1.43
C PHE B 427 39.59 -8.10 0.65
N LYS B 428 39.28 -6.89 0.21
CA LYS B 428 38.05 -6.62 -0.52
C LYS B 428 38.02 -7.30 -1.87
N ARG B 429 39.18 -7.38 -2.50
CA ARG B 429 39.31 -8.08 -3.76
C ARG B 429 39.10 -9.57 -3.56
N ALA B 430 39.59 -10.09 -2.44
CA ALA B 430 39.40 -11.50 -2.15
C ALA B 430 37.90 -11.78 -1.91
N GLU B 431 37.24 -10.85 -1.21
CA GLU B 431 35.82 -11.02 -0.95
C GLU B 431 35.05 -11.00 -2.25
N TRP B 432 35.43 -10.09 -3.14
CA TRP B 432 34.76 -9.97 -4.42
C TRP B 432 34.87 -11.26 -5.22
N ALA B 433 36.08 -11.83 -5.25
CA ALA B 433 36.33 -13.04 -6.03
C ALA B 433 35.51 -14.20 -5.50
N ASP B 434 35.35 -14.25 -4.18
CA ASP B 434 34.59 -15.29 -3.53
C ASP B 434 33.11 -15.11 -3.88
N TYR B 435 32.62 -13.90 -3.68
CA TYR B 435 31.24 -13.52 -4.03
C TYR B 435 30.86 -13.79 -5.49
N LYS B 436 31.72 -13.38 -6.42
CA LYS B 436 31.36 -13.43 -7.84
C LYS B 436 31.16 -14.84 -8.38
N SER B 437 31.56 -15.84 -7.60
CA SER B 437 31.46 -17.23 -8.05
C SER B 437 30.24 -17.94 -7.48
N GLN B 438 29.49 -17.24 -6.63
CA GLN B 438 28.34 -17.83 -5.96
C GLN B 438 27.13 -17.80 -6.87
N LEU B 439 26.52 -18.96 -7.09
CA LEU B 439 25.33 -19.07 -7.93
C LEU B 439 24.12 -18.56 -7.18
N THR B 440 23.33 -17.69 -7.81
CA THR B 440 22.15 -17.12 -7.14
C THR B 440 20.83 -17.71 -7.63
N GLU B 441 19.80 -17.58 -6.81
CA GLU B 441 18.49 -18.13 -7.15
C GLU B 441 17.87 -17.44 -8.36
N TRP B 442 18.04 -16.12 -8.47
CA TRP B 442 17.55 -15.37 -9.62
C TRP B 442 18.10 -15.97 -10.93
N GLU B 443 19.40 -16.28 -10.93
CA GLU B 443 20.05 -16.86 -12.13
C GLU B 443 19.42 -18.19 -12.53
N ARG B 444 19.21 -19.08 -11.57
CA ARG B 444 18.58 -20.36 -11.85
C ARG B 444 17.19 -20.18 -12.47
N ARG B 445 16.41 -19.30 -11.85
CA ARG B 445 15.04 -19.06 -12.26
C ARG B 445 14.96 -18.54 -13.69
N THR B 446 15.81 -17.56 -14.03
CA THR B 446 15.74 -16.88 -15.31
C THR B 446 16.58 -17.49 -16.42
N THR B 447 17.42 -18.47 -16.10
CA THR B 447 18.38 -18.98 -17.09
C THR B 447 18.26 -20.48 -17.35
N LEU B 448 17.63 -21.19 -16.43
CA LEU B 448 17.51 -22.64 -16.56
C LEU B 448 16.88 -23.03 -17.90
N ASP B 449 15.95 -22.22 -18.40
CA ASP B 449 15.25 -22.56 -19.65
C ASP B 449 15.82 -21.88 -20.89
N CYS B 450 17.04 -21.39 -20.80
CA CYS B 450 17.65 -20.70 -21.94
C CYS B 450 17.79 -21.63 -23.15
N THR C 22 -34.24 -34.22 -44.07
CA THR C 22 -34.29 -35.21 -43.00
C THR C 22 -34.62 -34.55 -41.64
N ASP C 23 -35.39 -35.25 -40.81
CA ASP C 23 -35.72 -34.76 -39.48
C ASP C 23 -34.85 -35.45 -38.43
N LEU C 24 -34.85 -34.91 -37.21
CA LEU C 24 -33.94 -35.37 -36.16
C LEU C 24 -34.02 -36.85 -35.83
N ALA C 25 -35.22 -37.42 -35.84
CA ALA C 25 -35.36 -38.84 -35.56
C ALA C 25 -34.61 -39.70 -36.58
N SER C 26 -34.70 -39.33 -37.86
CA SER C 26 -34.00 -40.09 -38.90
C SER C 26 -32.50 -39.92 -38.77
N ILE C 27 -32.06 -38.70 -38.52
CA ILE C 27 -30.65 -38.43 -38.35
C ILE C 27 -30.08 -39.24 -37.18
N ALA C 28 -30.86 -39.33 -36.10
CA ALA C 28 -30.39 -40.04 -34.90
C ALA C 28 -30.10 -41.48 -35.27
N ARG C 29 -31.00 -42.05 -36.06
CA ARG C 29 -30.88 -43.43 -36.51
C ARG C 29 -29.68 -43.60 -37.44
N GLU C 30 -29.50 -42.67 -38.37
CA GLU C 30 -28.39 -42.74 -39.33
C GLU C 30 -27.02 -42.56 -38.69
N LYS C 31 -26.94 -41.63 -37.74
CA LYS C 31 -25.64 -41.24 -37.18
C LYS C 31 -25.31 -41.90 -35.86
N GLY C 32 -26.26 -42.65 -35.31
CA GLY C 32 -26.01 -43.36 -34.06
C GLY C 32 -26.14 -42.45 -32.85
N ILE C 33 -27.07 -41.51 -32.92
CA ILE C 33 -27.30 -40.60 -31.81
C ILE C 33 -28.32 -41.21 -30.84
N GLU C 34 -27.90 -41.47 -29.61
CA GLU C 34 -28.78 -42.14 -28.65
C GLU C 34 -29.50 -41.15 -27.74
N PHE C 35 -28.91 -39.99 -27.51
CA PHE C 35 -29.58 -38.94 -26.76
C PHE C 35 -29.32 -37.57 -27.40
N PHE C 36 -30.21 -36.61 -27.12
CA PHE C 36 -30.00 -35.22 -27.53
C PHE C 36 -29.99 -34.32 -26.31
N LEU C 37 -29.08 -33.36 -26.27
CA LEU C 37 -29.17 -32.26 -25.33
C LEU C 37 -29.94 -31.13 -26.00
N ILE C 38 -31.17 -30.90 -25.55
CA ILE C 38 -31.91 -29.70 -25.95
C ILE C 38 -31.50 -28.59 -24.98
N SER C 39 -30.80 -27.59 -25.51
CA SER C 39 -30.02 -26.66 -24.71
C SER C 39 -30.40 -25.20 -24.96
N PHE C 40 -30.42 -24.39 -23.91
CA PHE C 40 -30.52 -22.93 -24.12
C PHE C 40 -29.57 -22.17 -23.19
N THR C 41 -29.24 -20.93 -23.57
CA THR C 41 -28.35 -20.09 -22.78
C THR C 41 -29.18 -19.06 -22.03
N ASP C 42 -28.98 -18.98 -20.73
CA ASP C 42 -29.74 -18.03 -19.95
C ASP C 42 -28.99 -16.70 -19.86
N LEU C 43 -29.54 -15.72 -19.13
CA LEU C 43 -29.00 -14.37 -19.17
C LEU C 43 -27.58 -14.27 -18.65
N LEU C 44 -27.18 -15.21 -17.80
CA LEU C 44 -25.88 -15.18 -17.17
C LEU C 44 -24.91 -16.05 -17.93
N GLY C 45 -25.40 -16.59 -19.05
CA GLY C 45 -24.56 -17.39 -19.93
C GLY C 45 -24.54 -18.87 -19.61
N VAL C 46 -25.28 -19.27 -18.58
CA VAL C 46 -25.28 -20.67 -18.18
C VAL C 46 -26.03 -21.54 -19.19
N GLN C 47 -25.43 -22.67 -19.57
CA GLN C 47 -26.07 -23.59 -20.50
C GLN C 47 -27.05 -24.47 -19.73
N ARG C 48 -28.31 -24.41 -20.12
CA ARG C 48 -29.37 -25.21 -19.50
C ARG C 48 -29.82 -26.27 -20.50
N ALA C 49 -30.04 -27.49 -20.05
CA ALA C 49 -30.45 -28.53 -20.99
C ALA C 49 -31.21 -29.69 -20.38
N LYS C 50 -31.93 -30.39 -21.24
CA LYS C 50 -32.48 -31.69 -20.91
C LYS C 50 -31.81 -32.68 -21.85
N LEU C 51 -31.47 -33.85 -21.32
CA LEU C 51 -30.94 -34.94 -22.12
C LEU C 51 -32.09 -35.88 -22.48
N VAL C 52 -32.49 -35.89 -23.75
CA VAL C 52 -33.64 -36.70 -24.16
C VAL C 52 -33.21 -37.87 -25.06
N PRO C 53 -33.72 -39.07 -24.76
CA PRO C 53 -33.37 -40.26 -25.55
C PRO C 53 -33.92 -40.12 -26.96
N ALA C 54 -33.29 -40.75 -27.93
CA ALA C 54 -33.68 -40.54 -29.33
C ALA C 54 -35.17 -40.83 -29.56
N ARG C 55 -35.75 -41.76 -28.81
CA ARG C 55 -37.16 -42.12 -28.99
C ARG C 55 -38.09 -40.93 -28.78
N ALA C 56 -37.59 -39.89 -28.12
CA ALA C 56 -38.45 -38.76 -27.79
C ALA C 56 -38.14 -37.48 -28.58
N ILE C 57 -37.18 -37.53 -29.49
CA ILE C 57 -36.75 -36.28 -30.14
C ILE C 57 -37.80 -35.65 -31.05
N ALA C 58 -38.57 -36.47 -31.76
CA ALA C 58 -39.54 -35.96 -32.74
C ALA C 58 -40.57 -35.07 -32.07
N ASP C 59 -41.11 -35.52 -30.94
CA ASP C 59 -42.11 -34.73 -30.24
C ASP C 59 -41.49 -33.45 -29.68
N MET C 60 -40.28 -33.55 -29.14
CA MET C 60 -39.62 -32.41 -28.52
C MET C 60 -39.28 -31.37 -29.55
N ALA C 61 -38.86 -31.83 -30.73
CA ALA C 61 -38.46 -30.94 -31.80
C ALA C 61 -39.62 -30.07 -32.26
N VAL C 62 -40.84 -30.60 -32.22
CA VAL C 62 -41.99 -29.80 -32.64
C VAL C 62 -42.51 -28.91 -31.53
N ASN C 63 -42.74 -29.50 -30.36
CA ASN C 63 -43.38 -28.82 -29.25
C ASN C 63 -42.40 -28.14 -28.30
N GLY C 64 -41.14 -28.56 -28.36
CA GLY C 64 -40.12 -28.06 -27.44
C GLY C 64 -40.07 -28.86 -26.15
N ALA C 65 -38.97 -28.71 -25.40
CA ALA C 65 -38.84 -29.33 -24.08
C ALA C 65 -39.24 -28.33 -23.01
N GLY C 66 -39.93 -28.81 -21.96
CA GLY C 66 -40.46 -27.91 -20.96
C GLY C 66 -39.50 -27.64 -19.81
N PHE C 67 -39.47 -26.39 -19.34
CA PHE C 67 -38.63 -26.02 -18.22
C PHE C 67 -39.40 -25.05 -17.32
N ALA C 68 -39.07 -25.02 -16.04
CA ALA C 68 -39.56 -23.98 -15.15
C ALA C 68 -38.55 -22.84 -15.21
N GLY C 69 -38.94 -21.75 -15.89
CA GLY C 69 -38.00 -20.69 -16.24
C GLY C 69 -37.36 -19.97 -15.07
N PHE C 70 -38.08 -19.84 -13.96
CA PHE C 70 -37.53 -19.15 -12.79
C PHE C 70 -36.31 -19.89 -12.26
N ALA C 71 -36.20 -21.19 -12.53
CA ALA C 71 -35.06 -21.98 -12.04
C ALA C 71 -33.75 -21.66 -12.77
N ALA C 72 -33.87 -20.95 -13.89
CA ALA C 72 -32.70 -20.50 -14.65
C ALA C 72 -32.64 -18.99 -14.56
N TRP C 73 -31.60 -18.37 -15.12
CA TRP C 73 -31.52 -16.91 -15.07
C TRP C 73 -32.35 -16.26 -16.18
N LEU C 74 -33.66 -16.17 -15.96
CA LEU C 74 -34.54 -15.58 -16.96
C LEU C 74 -35.44 -14.51 -16.35
N ASP C 75 -35.34 -14.33 -15.04
CA ASP C 75 -36.13 -13.34 -14.33
C ASP C 75 -37.63 -13.60 -14.47
N MET C 76 -38.05 -14.81 -14.12
CA MET C 76 -39.46 -15.17 -14.20
C MET C 76 -39.99 -15.40 -12.79
N SER C 77 -41.02 -16.23 -12.68
CA SER C 77 -41.62 -16.53 -11.39
C SER C 77 -41.99 -18.01 -11.29
N PRO C 78 -41.87 -18.57 -10.10
CA PRO C 78 -42.17 -20.00 -9.90
C PRO C 78 -43.62 -20.28 -10.26
N ALA C 79 -44.45 -19.25 -10.30
CA ALA C 79 -45.86 -19.41 -10.61
C ALA C 79 -46.16 -19.46 -12.11
N ASP C 80 -45.16 -19.11 -12.93
CA ASP C 80 -45.33 -19.04 -14.38
C ASP C 80 -45.49 -20.42 -14.98
N ALA C 81 -46.16 -20.49 -16.13
CA ALA C 81 -46.21 -21.73 -16.90
C ALA C 81 -44.83 -22.10 -17.42
N ASP C 82 -44.63 -23.39 -17.68
CA ASP C 82 -43.42 -23.87 -18.33
C ASP C 82 -43.10 -23.01 -19.54
N ILE C 83 -41.82 -22.70 -19.71
CA ILE C 83 -41.39 -22.20 -21.00
C ILE C 83 -41.13 -23.45 -21.80
N LEU C 84 -41.10 -23.33 -23.11
CA LEU C 84 -40.79 -24.46 -23.97
C LEU C 84 -39.61 -24.09 -24.85
N ALA C 85 -38.55 -24.86 -24.76
CA ALA C 85 -37.36 -24.57 -25.55
C ALA C 85 -37.40 -25.39 -26.82
N ILE C 86 -37.55 -24.70 -27.94
CA ILE C 86 -37.71 -25.38 -29.21
C ILE C 86 -36.38 -25.40 -29.93
N PRO C 87 -35.84 -26.61 -30.16
CA PRO C 87 -34.49 -26.75 -30.71
C PRO C 87 -34.42 -26.33 -32.17
N ASP C 88 -33.30 -25.73 -32.54
CA ASP C 88 -33.02 -25.41 -33.94
C ASP C 88 -32.29 -26.58 -34.56
N PRO C 89 -32.99 -27.38 -35.38
CA PRO C 89 -32.36 -28.57 -35.95
C PRO C 89 -31.11 -28.26 -36.77
N GLU C 90 -30.99 -27.04 -37.28
CA GLU C 90 -29.79 -26.67 -38.05
C GLU C 90 -28.53 -26.54 -37.18
N SER C 91 -28.73 -26.35 -35.87
CA SER C 91 -27.62 -26.17 -34.94
C SER C 91 -27.01 -27.50 -34.47
N LEU C 92 -27.51 -28.63 -34.97
CA LEU C 92 -27.13 -29.93 -34.40
C LEU C 92 -25.63 -30.17 -34.44
N ILE C 93 -25.08 -30.62 -33.32
CA ILE C 93 -23.69 -31.03 -33.23
C ILE C 93 -23.56 -32.35 -32.48
N GLN C 94 -23.05 -33.39 -33.15
CA GLN C 94 -22.71 -34.63 -32.45
C GLN C 94 -21.46 -34.36 -31.66
N LEU C 95 -21.52 -34.51 -30.34
CA LEU C 95 -20.34 -34.25 -29.53
C LEU C 95 -19.17 -35.06 -30.09
N PRO C 96 -18.12 -34.35 -30.55
CA PRO C 96 -17.01 -35.08 -31.16
C PRO C 96 -16.34 -36.02 -30.19
N TRP C 97 -16.39 -35.71 -28.89
CA TRP C 97 -15.78 -36.57 -27.88
C TRP C 97 -16.75 -37.63 -27.37
N LYS C 98 -17.99 -37.58 -27.85
CA LYS C 98 -19.02 -38.53 -27.41
C LYS C 98 -20.17 -38.53 -28.41
N PRO C 99 -19.95 -39.12 -29.60
CA PRO C 99 -20.84 -38.98 -30.76
C PRO C 99 -22.23 -39.56 -30.59
N SER C 100 -22.47 -40.36 -29.56
CA SER C 100 -23.82 -40.88 -29.28
C SER C 100 -24.75 -39.78 -28.73
N VAL C 101 -24.21 -38.59 -28.52
CA VAL C 101 -24.98 -37.48 -27.99
C VAL C 101 -25.00 -36.32 -29.00
N GLY C 102 -26.19 -35.78 -29.26
CA GLY C 102 -26.33 -34.63 -30.13
C GLY C 102 -26.76 -33.37 -29.40
N TRP C 103 -26.01 -32.29 -29.60
CA TRP C 103 -26.29 -31.01 -28.93
C TRP C 103 -27.10 -30.13 -29.86
N LEU C 104 -28.12 -29.48 -29.31
CA LEU C 104 -28.98 -28.58 -30.07
C LEU C 104 -29.15 -27.27 -29.32
N ALA C 105 -29.02 -26.16 -30.04
CA ALA C 105 -29.33 -24.84 -29.49
C ALA C 105 -30.83 -24.61 -29.65
N ALA C 106 -31.44 -23.95 -28.67
CA ALA C 106 -32.90 -23.80 -28.69
C ALA C 106 -33.34 -22.37 -28.37
N ASP C 107 -34.49 -21.99 -28.94
CA ASP C 107 -35.17 -20.73 -28.61
C ASP C 107 -36.19 -20.98 -27.52
N VAL C 108 -36.08 -20.25 -26.42
CA VAL C 108 -37.08 -20.33 -25.36
C VAL C 108 -38.38 -19.65 -25.80
N HIS C 109 -39.49 -20.36 -25.65
CA HIS C 109 -40.82 -19.83 -25.95
C HIS C 109 -41.63 -19.78 -24.66
N PHE C 110 -42.42 -18.73 -24.53
CA PHE C 110 -43.32 -18.59 -23.40
C PHE C 110 -44.66 -18.09 -23.92
N GLU C 111 -45.74 -18.71 -23.49
CA GLU C 111 -47.07 -18.28 -23.88
C GLU C 111 -47.23 -18.17 -25.39
N GLY C 112 -46.76 -19.20 -26.10
CA GLY C 112 -46.95 -19.31 -27.53
C GLY C 112 -46.04 -18.48 -28.42
N ARG C 113 -45.14 -17.68 -27.84
CA ARG C 113 -44.25 -16.80 -28.62
C ARG C 113 -42.82 -16.91 -28.13
N PRO C 114 -41.84 -16.59 -28.99
CA PRO C 114 -40.47 -16.45 -28.53
C PRO C 114 -40.41 -15.53 -27.30
N PHE C 115 -39.63 -15.92 -26.30
CA PHE C 115 -39.56 -15.19 -25.03
C PHE C 115 -38.46 -14.13 -25.15
N PRO C 116 -38.82 -12.84 -25.06
CA PRO C 116 -37.84 -11.77 -25.29
C PRO C 116 -36.67 -11.66 -24.27
N LYS C 117 -36.83 -12.23 -23.08
CA LYS C 117 -35.74 -12.26 -22.12
C LYS C 117 -34.68 -13.35 -22.38
N ALA C 118 -34.91 -14.24 -23.35
CA ALA C 118 -33.91 -15.27 -23.64
C ALA C 118 -32.89 -14.74 -24.63
N PRO C 119 -31.60 -14.86 -24.29
CA PRO C 119 -30.51 -14.29 -25.10
C PRO C 119 -30.60 -14.62 -26.60
N ARG C 120 -30.77 -15.88 -26.97
CA ARG C 120 -30.80 -16.24 -28.40
C ARG C 120 -31.96 -15.56 -29.11
N VAL C 121 -33.11 -15.47 -28.42
CA VAL C 121 -34.29 -14.81 -28.99
C VAL C 121 -34.03 -13.33 -29.15
N ALA C 122 -33.41 -12.71 -28.13
CA ALA C 122 -33.05 -11.30 -28.21
C ALA C 122 -32.14 -11.02 -29.39
N LEU C 123 -31.14 -11.86 -29.59
CA LEU C 123 -30.24 -11.66 -30.72
C LEU C 123 -30.98 -11.75 -32.05
N LYS C 124 -31.80 -12.78 -32.23
CA LYS C 124 -32.50 -12.97 -33.49
C LYS C 124 -33.41 -11.79 -33.84
N SER C 125 -33.95 -11.13 -32.83
CA SER C 125 -34.76 -9.92 -33.02
C SER C 125 -33.94 -8.79 -33.60
N VAL C 126 -32.79 -8.51 -32.99
CA VAL C 126 -31.90 -7.49 -33.51
C VAL C 126 -31.47 -7.86 -34.93
N LEU C 127 -31.12 -9.12 -35.14
CA LEU C 127 -30.71 -9.57 -36.47
C LEU C 127 -31.80 -9.36 -37.51
N ALA C 128 -33.05 -9.63 -37.14
CA ALA C 128 -34.18 -9.46 -38.06
C ALA C 128 -34.37 -8.00 -38.50
N ARG C 129 -34.21 -7.06 -37.56
CA ARG C 129 -34.30 -5.64 -37.86
C ARG C 129 -33.20 -5.19 -38.80
N ALA C 130 -31.99 -5.67 -38.57
CA ALA C 130 -30.88 -5.32 -39.46
C ALA C 130 -31.10 -5.94 -40.83
N ALA C 131 -31.54 -7.20 -40.84
CA ALA C 131 -31.77 -7.92 -42.09
C ALA C 131 -32.84 -7.25 -42.97
N GLY C 132 -33.85 -6.68 -42.34
CA GLY C 132 -34.85 -5.93 -43.07
C GLY C 132 -34.31 -4.68 -43.74
N LYS C 133 -33.07 -4.31 -43.40
CA LYS C 133 -32.38 -3.18 -44.04
C LYS C 133 -31.24 -3.69 -44.90
N ASP C 134 -31.31 -4.97 -45.24
CA ASP C 134 -30.26 -5.64 -46.01
C ASP C 134 -28.86 -5.47 -45.43
N MET C 135 -28.76 -5.61 -44.12
CA MET C 135 -27.48 -5.55 -43.41
C MET C 135 -27.34 -6.75 -42.50
N HIS C 136 -26.42 -7.63 -42.84
CA HIS C 136 -26.25 -8.88 -42.12
C HIS C 136 -24.91 -8.91 -41.36
N LEU C 137 -25.00 -8.90 -40.03
CA LEU C 137 -23.80 -8.96 -39.20
C LEU C 137 -23.12 -10.32 -39.30
N LYS C 138 -21.83 -10.31 -39.61
CA LYS C 138 -21.00 -11.50 -39.49
C LYS C 138 -19.89 -11.20 -38.48
N HIS C 139 -19.58 -12.17 -37.61
CA HIS C 139 -18.53 -11.95 -36.61
C HIS C 139 -17.77 -13.21 -36.27
N GLY C 140 -16.54 -13.00 -35.79
CA GLY C 140 -15.71 -14.05 -35.26
C GLY C 140 -15.32 -13.70 -33.84
N VAL C 141 -15.14 -14.72 -33.02
CA VAL C 141 -14.84 -14.51 -31.60
C VAL C 141 -13.46 -15.06 -31.25
N GLU C 142 -12.78 -14.38 -30.35
CA GLU C 142 -11.47 -14.82 -29.87
C GLU C 142 -11.59 -15.25 -28.39
N CYS C 143 -11.93 -16.52 -28.20
CA CYS C 143 -12.32 -17.03 -26.88
C CYS C 143 -11.10 -17.50 -26.09
N GLU C 144 -10.30 -16.55 -25.64
CA GLU C 144 -9.16 -16.83 -24.79
C GLU C 144 -9.61 -17.52 -23.50
N PHE C 145 -8.83 -18.51 -23.05
CA PHE C 145 -9.11 -19.23 -21.81
C PHE C 145 -7.80 -19.64 -21.15
N PHE C 146 -7.88 -20.00 -19.87
CA PHE C 146 -6.75 -20.55 -19.12
C PHE C 146 -6.98 -22.03 -18.87
N LEU C 147 -5.91 -22.81 -18.86
CA LEU C 147 -6.00 -24.17 -18.34
C LEU C 147 -5.43 -24.15 -16.93
N ILE C 148 -6.25 -24.58 -15.97
CA ILE C 148 -5.89 -24.48 -14.57
C ILE C 148 -6.05 -25.83 -13.87
N GLN C 149 -5.55 -25.94 -12.65
CA GLN C 149 -5.79 -27.14 -11.83
C GLN C 149 -7.30 -27.29 -11.58
N PRO C 150 -7.79 -28.53 -11.50
CA PRO C 150 -9.21 -28.71 -11.18
C PRO C 150 -9.68 -27.92 -9.95
N ASP C 151 -8.83 -27.75 -8.95
CA ASP C 151 -9.23 -27.01 -7.76
C ASP C 151 -9.20 -25.49 -7.95
N GLY C 152 -8.73 -25.02 -9.10
CA GLY C 152 -8.74 -23.61 -9.41
C GLY C 152 -7.65 -22.79 -8.75
N SER C 153 -6.74 -23.45 -8.04
CA SER C 153 -5.73 -22.73 -7.25
C SER C 153 -4.56 -22.17 -8.07
N ALA C 154 -4.25 -22.82 -9.18
CA ALA C 154 -3.08 -22.49 -9.99
C ALA C 154 -3.30 -22.87 -11.44
N ILE C 155 -2.44 -22.41 -12.34
CA ILE C 155 -2.49 -22.88 -13.72
C ILE C 155 -2.06 -24.34 -13.80
N SER C 156 -2.35 -25.00 -14.92
CA SER C 156 -2.17 -26.45 -15.01
C SER C 156 -0.73 -26.88 -15.19
N ASP C 157 0.13 -25.93 -15.57
CA ASP C 157 1.51 -26.22 -15.98
C ASP C 157 2.50 -25.40 -15.15
N PRO C 158 3.07 -26.00 -14.09
CA PRO C 158 3.95 -25.34 -13.13
C PRO C 158 5.26 -24.90 -13.76
N ALA C 159 5.57 -25.43 -14.95
CA ALA C 159 6.78 -25.02 -15.64
C ALA C 159 6.54 -23.83 -16.59
N ASP C 160 5.31 -23.30 -16.61
CA ASP C 160 4.99 -22.16 -17.47
C ASP C 160 5.17 -20.91 -16.62
N THR C 161 6.38 -20.36 -16.57
CA THR C 161 6.72 -19.34 -15.58
C THR C 161 7.31 -18.03 -16.12
N GLN C 162 7.79 -18.03 -17.35
CA GLN C 162 8.53 -16.85 -17.85
C GLN C 162 7.67 -15.59 -17.91
N ALA C 163 8.33 -14.44 -17.81
CA ALA C 163 7.68 -13.13 -17.80
C ALA C 163 6.90 -12.79 -19.08
N LYS C 164 7.48 -13.10 -20.25
CA LYS C 164 6.78 -12.96 -21.53
C LYS C 164 6.53 -14.32 -22.15
N PRO C 165 5.39 -14.96 -21.81
CA PRO C 165 5.12 -16.31 -22.29
C PRO C 165 4.35 -16.39 -23.61
N CYS C 166 3.99 -15.24 -24.20
CA CYS C 166 3.08 -15.25 -25.34
C CYS C 166 3.65 -16.05 -26.49
N TYR C 167 2.82 -16.87 -27.13
CA TYR C 167 3.27 -17.68 -28.26
C TYR C 167 4.36 -18.68 -27.86
N ASP C 168 4.53 -18.92 -26.57
CA ASP C 168 5.55 -19.87 -26.17
C ASP C 168 5.36 -21.24 -26.84
N GLN C 169 6.41 -21.70 -27.51
CA GLN C 169 6.35 -22.95 -28.23
C GLN C 169 6.37 -24.13 -27.25
N ASP C 170 7.26 -24.08 -26.26
CA ASP C 170 7.38 -25.17 -25.31
C ASP C 170 6.06 -25.41 -24.56
N ALA C 171 5.54 -24.36 -23.93
CA ALA C 171 4.34 -24.51 -23.11
C ALA C 171 3.11 -24.87 -23.96
N LEU C 172 3.06 -24.34 -25.17
CA LEU C 172 1.99 -24.78 -26.08
C LEU C 172 2.06 -26.30 -26.31
N MET C 173 3.23 -26.80 -26.69
CA MET C 173 3.37 -28.22 -27.02
C MET C 173 3.23 -29.13 -25.79
N ARG C 174 3.48 -28.58 -24.61
CA ARG C 174 3.22 -29.31 -23.38
C ARG C 174 1.73 -29.62 -23.20
N ARG C 175 0.88 -28.80 -23.82
CA ARG C 175 -0.56 -29.05 -23.79
C ARG C 175 -1.08 -29.44 -25.17
N PHE C 176 -0.18 -29.95 -26.01
CA PHE C 176 -0.54 -30.30 -27.37
C PHE C 176 -1.76 -31.21 -27.40
N ASP C 177 -1.74 -32.26 -26.59
CA ASP C 177 -2.83 -33.24 -26.61
C ASP C 177 -4.20 -32.60 -26.48
N VAL C 178 -4.38 -31.75 -25.48
CA VAL C 178 -5.67 -31.08 -25.29
C VAL C 178 -6.01 -30.17 -26.48
N ILE C 179 -5.06 -29.33 -26.86
CA ILE C 179 -5.30 -28.31 -27.88
C ILE C 179 -5.56 -28.93 -29.24
N ALA C 180 -4.72 -29.90 -29.63
CA ALA C 180 -4.89 -30.57 -30.91
C ALA C 180 -6.22 -31.31 -30.99
N GLU C 181 -6.62 -31.93 -29.88
CA GLU C 181 -7.86 -32.68 -29.87
C GLU C 181 -9.03 -31.76 -30.21
N ILE C 182 -9.09 -30.64 -29.51
CA ILE C 182 -10.17 -29.67 -29.74
C ILE C 182 -10.08 -29.03 -31.13
N CYS C 183 -8.89 -28.69 -31.59
CA CYS C 183 -8.77 -28.14 -32.94
C CYS C 183 -9.27 -29.13 -33.98
N SER C 184 -8.86 -30.39 -33.86
CA SER C 184 -9.29 -31.41 -34.82
C SER C 184 -10.80 -31.57 -34.82
N TYR C 185 -11.43 -31.39 -33.66
CA TYR C 185 -12.88 -31.42 -33.60
C TYR C 185 -13.45 -30.26 -34.41
N MET C 186 -12.85 -29.08 -34.28
CA MET C 186 -13.34 -27.93 -35.05
C MET C 186 -13.09 -28.13 -36.54
N VAL C 187 -12.03 -28.87 -36.88
CA VAL C 187 -11.80 -29.19 -38.29
C VAL C 187 -12.95 -30.04 -38.80
N ASP C 188 -13.31 -31.08 -38.06
CA ASP C 188 -14.36 -32.02 -38.46
C ASP C 188 -15.76 -31.39 -38.46
N LEU C 189 -16.02 -30.49 -37.51
CA LEU C 189 -17.30 -29.80 -37.47
C LEU C 189 -17.44 -28.75 -38.58
N GLY C 190 -16.33 -28.44 -39.25
CA GLY C 190 -16.36 -27.49 -40.36
C GLY C 190 -16.38 -26.01 -39.98
N TRP C 191 -15.89 -25.70 -38.79
CA TRP C 191 -15.81 -24.30 -38.36
C TRP C 191 -14.67 -23.54 -39.03
N GLY C 192 -13.77 -24.26 -39.67
CA GLY C 192 -12.63 -23.61 -40.30
C GLY C 192 -11.65 -23.00 -39.31
N PRO C 193 -11.16 -23.81 -38.35
CA PRO C 193 -10.11 -23.32 -37.45
C PRO C 193 -8.82 -23.14 -38.24
N TYR C 194 -7.98 -22.19 -37.85
CA TYR C 194 -6.81 -21.88 -38.66
C TYR C 194 -5.53 -21.61 -37.86
N GLN C 195 -5.65 -21.45 -36.53
CA GLN C 195 -4.47 -21.26 -35.67
C GLN C 195 -4.77 -21.46 -34.19
N ASN C 196 -3.75 -21.89 -33.46
CA ASN C 196 -3.81 -22.07 -32.01
C ASN C 196 -2.53 -21.51 -31.43
N ASP C 197 -2.60 -20.93 -30.24
CA ASP C 197 -1.34 -20.57 -29.59
C ASP C 197 -1.45 -20.55 -28.07
N HIS C 198 -0.29 -20.41 -27.43
CA HIS C 198 -0.25 -20.01 -26.04
C HIS C 198 -0.40 -18.49 -26.06
N GLU C 199 -1.25 -17.93 -25.20
CA GLU C 199 -1.49 -16.50 -25.16
C GLU C 199 -0.59 -15.77 -24.15
N ASP C 200 -0.91 -14.52 -23.85
CA ASP C 200 0.06 -13.63 -23.21
C ASP C 200 0.23 -13.84 -21.69
N ALA C 201 -0.76 -14.46 -21.05
CA ALA C 201 -0.62 -14.80 -19.64
C ALA C 201 -0.09 -16.23 -19.51
N ASN C 202 0.69 -16.50 -18.47
CA ASN C 202 1.06 -17.88 -18.17
C ASN C 202 -0.22 -18.67 -17.97
N GLY C 203 -0.31 -19.86 -18.59
CA GLY C 203 -1.47 -20.72 -18.45
C GLY C 203 -2.58 -20.52 -19.47
N GLN C 204 -2.42 -19.55 -20.36
CA GLN C 204 -3.50 -19.09 -21.21
C GLN C 204 -3.32 -19.44 -22.68
N PHE C 205 -4.43 -19.69 -23.35
CA PHE C 205 -4.42 -20.22 -24.72
C PHE C 205 -5.47 -19.54 -25.59
N GLU C 206 -5.34 -19.65 -26.90
CA GLU C 206 -6.38 -19.14 -27.79
C GLU C 206 -6.49 -19.97 -29.05
N MET C 207 -7.71 -20.30 -29.44
CA MET C 207 -7.95 -21.15 -30.59
C MET C 207 -8.93 -20.44 -31.50
N ASN C 208 -8.46 -20.11 -32.70
CA ASN C 208 -9.24 -19.28 -33.62
C ASN C 208 -9.91 -20.06 -34.73
N TRP C 209 -11.13 -19.65 -35.08
CA TRP C 209 -11.86 -20.25 -36.22
C TRP C 209 -12.60 -19.19 -37.03
N ASP C 210 -12.99 -19.59 -38.23
CA ASP C 210 -13.64 -18.69 -39.18
C ASP C 210 -14.89 -17.99 -38.64
N TYR C 211 -14.98 -16.70 -38.96
CA TYR C 211 -16.21 -15.94 -38.72
C TYR C 211 -17.37 -16.49 -39.56
N ALA C 212 -18.59 -16.11 -39.17
CA ALA C 212 -19.79 -16.59 -39.84
C ALA C 212 -20.91 -15.62 -39.54
N ASP C 213 -22.10 -15.90 -40.07
CA ASP C 213 -23.28 -15.13 -39.68
C ASP C 213 -23.39 -15.10 -38.16
N ALA C 214 -23.71 -13.94 -37.61
CA ALA C 214 -23.76 -13.78 -36.17
C ALA C 214 -24.41 -14.97 -35.42
N LEU C 215 -25.53 -15.47 -35.92
CA LEU C 215 -26.26 -16.51 -35.18
C LEU C 215 -25.45 -17.79 -35.15
N VAL C 216 -24.81 -18.09 -36.27
CA VAL C 216 -23.98 -19.27 -36.38
C VAL C 216 -22.81 -19.14 -35.42
N THR C 217 -22.18 -17.98 -35.39
CA THR C 217 -21.02 -17.79 -34.53
C THR C 217 -21.44 -17.87 -33.06
N ALA C 218 -22.57 -17.26 -32.75
CA ALA C 218 -23.08 -17.28 -31.39
C ALA C 218 -23.30 -18.70 -30.88
N ASP C 219 -23.96 -19.54 -31.66
CA ASP C 219 -24.16 -20.94 -31.29
C ASP C 219 -22.80 -21.65 -31.14
N ARG C 220 -21.90 -21.42 -32.09
CA ARG C 220 -20.55 -22.00 -32.02
C ARG C 220 -19.81 -21.52 -30.76
N HIS C 221 -19.93 -20.24 -30.47
CA HIS C 221 -19.35 -19.66 -29.26
C HIS C 221 -19.88 -20.41 -28.03
N ALA C 222 -21.19 -20.52 -27.89
CA ALA C 222 -21.78 -21.27 -26.77
C ALA C 222 -21.29 -22.72 -26.66
N PHE C 223 -21.23 -23.43 -27.80
CA PHE C 223 -20.74 -24.81 -27.81
C PHE C 223 -19.26 -24.93 -27.51
N PHE C 224 -18.47 -24.01 -28.07
CA PHE C 224 -17.02 -24.01 -27.90
C PHE C 224 -16.64 -24.03 -26.43
N LYS C 225 -17.22 -23.13 -25.65
CA LYS C 225 -16.93 -23.06 -24.22
C LYS C 225 -17.25 -24.39 -23.54
N PHE C 226 -18.39 -24.96 -23.89
CA PHE C 226 -18.77 -26.28 -23.37
C PHE C 226 -17.75 -27.34 -23.78
N MET C 227 -17.32 -27.30 -25.03
CA MET C 227 -16.36 -28.27 -25.54
C MET C 227 -15.01 -28.17 -24.85
N VAL C 228 -14.51 -26.95 -24.69
CA VAL C 228 -13.20 -26.77 -24.06
C VAL C 228 -13.25 -27.25 -22.61
N LYS C 229 -14.27 -26.82 -21.88
CA LYS C 229 -14.43 -27.22 -20.48
C LYS C 229 -14.51 -28.75 -20.34
N SER C 230 -15.37 -29.38 -21.14
CA SER C 230 -15.53 -30.84 -21.16
C SER C 230 -14.25 -31.61 -21.52
N VAL C 231 -13.58 -31.19 -22.58
CA VAL C 231 -12.34 -31.87 -22.97
C VAL C 231 -11.25 -31.66 -21.92
N ALA C 232 -11.12 -30.43 -21.44
CA ALA C 232 -10.16 -30.17 -20.37
C ALA C 232 -10.37 -31.17 -19.22
N GLU C 233 -11.61 -31.35 -18.81
CA GLU C 233 -11.94 -32.23 -17.70
C GLU C 233 -11.55 -33.67 -17.97
N ARG C 234 -11.76 -34.13 -19.21
CA ARG C 234 -11.34 -35.47 -19.60
C ARG C 234 -9.83 -35.64 -19.48
N HIS C 235 -9.09 -34.54 -19.63
CA HIS C 235 -7.63 -34.60 -19.52
C HIS C 235 -7.16 -34.36 -18.09
N GLY C 236 -8.09 -34.26 -17.15
CA GLY C 236 -7.75 -34.02 -15.76
C GLY C 236 -7.34 -32.59 -15.50
N LEU C 237 -7.74 -31.69 -16.41
CA LEU C 237 -7.50 -30.27 -16.28
C LEU C 237 -8.82 -29.54 -16.09
N ARG C 238 -8.77 -28.22 -16.12
CA ARG C 238 -9.98 -27.40 -16.01
C ARG C 238 -9.73 -26.15 -16.86
N ALA C 239 -10.75 -25.73 -17.61
CA ALA C 239 -10.66 -24.51 -18.38
C ALA C 239 -11.46 -23.42 -17.71
N THR C 240 -10.93 -22.19 -17.74
CA THR C 240 -11.73 -21.06 -17.31
C THR C 240 -11.66 -19.91 -18.29
N PHE C 241 -12.81 -19.26 -18.50
CA PHE C 241 -12.92 -18.06 -19.33
C PHE C 241 -13.04 -16.79 -18.46
N MET C 242 -12.75 -16.94 -17.17
CA MET C 242 -12.83 -15.82 -16.24
C MET C 242 -12.08 -14.59 -16.75
N PRO C 243 -12.69 -13.38 -16.66
CA PRO C 243 -12.05 -12.19 -17.23
C PRO C 243 -10.67 -11.89 -16.66
N LYS C 244 -10.50 -11.97 -15.34
CA LYS C 244 -9.20 -11.67 -14.74
C LYS C 244 -8.94 -12.63 -13.59
N PRO C 245 -8.50 -13.87 -13.90
CA PRO C 245 -8.29 -14.90 -12.87
C PRO C 245 -7.07 -14.67 -11.99
N PHE C 246 -6.09 -13.91 -12.47
CA PHE C 246 -4.84 -13.64 -11.72
C PHE C 246 -4.51 -12.16 -11.82
N ALA C 247 -4.28 -11.52 -10.68
CA ALA C 247 -4.18 -10.05 -10.64
C ALA C 247 -3.01 -9.44 -11.41
N HIS C 248 -1.93 -10.19 -11.55
CA HIS C 248 -0.69 -9.68 -12.15
C HIS C 248 -0.48 -10.18 -13.59
N LEU C 249 -1.43 -10.95 -14.08
CA LEU C 249 -1.32 -11.54 -15.41
C LEU C 249 -2.39 -10.98 -16.33
N THR C 250 -2.10 -10.99 -17.64
CA THR C 250 -3.09 -10.60 -18.64
C THR C 250 -4.40 -11.39 -18.43
N GLY C 251 -5.52 -10.77 -18.79
CA GLY C 251 -6.84 -11.40 -18.63
C GLY C 251 -7.38 -12.08 -19.88
N ASN C 252 -8.58 -12.66 -19.75
CA ASN C 252 -9.28 -13.32 -20.85
C ASN C 252 -10.18 -12.33 -21.56
N GLY C 253 -9.82 -11.94 -22.77
CA GLY C 253 -10.71 -11.16 -23.62
C GLY C 253 -11.61 -12.09 -24.43
N CYS C 254 -12.65 -11.53 -25.03
CA CYS C 254 -13.36 -12.23 -26.08
C CYS C 254 -13.56 -11.22 -27.22
N HIS C 255 -12.47 -10.82 -27.88
CA HIS C 255 -12.56 -9.86 -28.97
C HIS C 255 -13.50 -10.34 -30.05
N THR C 256 -14.14 -9.38 -30.68
CA THR C 256 -15.18 -9.62 -31.63
C THR C 256 -14.76 -8.88 -32.93
N HIS C 257 -14.39 -9.62 -33.96
CA HIS C 257 -14.16 -9.00 -35.28
C HIS C 257 -15.49 -8.95 -35.99
N LEU C 258 -15.78 -7.81 -36.63
CA LEU C 258 -17.14 -7.47 -37.04
C LEU C 258 -17.22 -6.93 -38.49
N SER C 259 -18.20 -7.42 -39.25
CA SER C 259 -18.46 -6.84 -40.57
C SER C 259 -19.94 -7.01 -40.90
N MET C 260 -20.47 -6.16 -41.79
CA MET C 260 -21.89 -6.17 -42.16
C MET C 260 -21.99 -6.39 -43.66
N TRP C 261 -22.88 -7.27 -44.08
CA TRP C 261 -22.96 -7.72 -45.48
C TRP C 261 -24.38 -7.59 -46.05
N THR C 262 -24.47 -7.33 -47.36
CA THR C 262 -25.75 -7.36 -48.05
C THR C 262 -26.11 -8.81 -48.30
N ALA C 263 -27.38 -9.07 -48.56
CA ALA C 263 -27.80 -10.45 -48.83
C ALA C 263 -27.09 -10.97 -50.07
N ALA C 264 -26.67 -10.06 -50.94
CA ALA C 264 -26.01 -10.43 -52.17
C ALA C 264 -24.55 -10.84 -51.96
N GLY C 265 -24.04 -10.62 -50.75
CA GLY C 265 -22.70 -11.09 -50.41
C GLY C 265 -21.58 -10.07 -50.50
N ASP C 266 -21.95 -8.80 -50.41
CA ASP C 266 -20.99 -7.71 -50.44
C ASP C 266 -20.71 -7.22 -49.02
N ASN C 267 -19.42 -7.05 -48.69
CA ASN C 267 -19.05 -6.54 -47.37
C ASN C 267 -19.18 -5.02 -47.36
N LEU C 268 -20.21 -4.52 -46.68
CA LEU C 268 -20.46 -3.09 -46.59
C LEU C 268 -19.30 -2.30 -45.94
N PHE C 269 -18.45 -3.00 -45.19
CA PHE C 269 -17.36 -2.35 -44.47
C PHE C 269 -16.11 -2.09 -45.34
N GLU C 270 -15.98 -2.84 -46.44
CA GLU C 270 -14.87 -2.65 -47.39
C GLU C 270 -15.07 -1.32 -48.12
N GLY C 271 -14.04 -0.50 -48.16
CA GLY C 271 -14.19 0.83 -48.74
C GLY C 271 -12.89 1.44 -49.22
N ASP C 272 -12.99 2.67 -49.70
CA ASP C 272 -11.86 3.39 -50.27
C ASP C 272 -11.30 4.40 -49.29
N GLY C 273 -11.88 4.43 -48.08
CA GLY C 273 -11.44 5.37 -47.07
C GLY C 273 -10.18 4.96 -46.32
N GLU C 274 -9.95 5.63 -45.19
CA GLU C 274 -8.85 5.30 -44.29
C GLU C 274 -8.83 3.81 -43.93
N LEU C 275 -7.65 3.19 -44.03
CA LEU C 275 -7.45 1.81 -43.62
C LEU C 275 -8.36 0.82 -44.35
N GLY C 276 -8.83 1.22 -45.53
CA GLY C 276 -9.67 0.34 -46.33
C GLY C 276 -11.07 0.13 -45.77
N LEU C 277 -11.58 1.13 -45.06
CA LEU C 277 -12.94 1.07 -44.52
C LEU C 277 -13.84 2.06 -45.26
N SER C 278 -15.13 1.71 -45.37
CA SER C 278 -16.15 2.56 -45.97
C SER C 278 -16.75 3.52 -44.92
N PRO C 279 -17.53 4.52 -45.37
CA PRO C 279 -18.21 5.38 -44.40
C PRO C 279 -19.19 4.60 -43.52
N THR C 280 -19.78 3.52 -44.05
CA THR C 280 -20.68 2.69 -43.25
C THR C 280 -19.93 2.02 -42.09
N ALA C 281 -18.70 1.58 -42.32
CA ALA C 281 -17.88 1.02 -41.24
C ALA C 281 -17.58 2.06 -40.17
N TYR C 282 -17.27 3.30 -40.58
CA TYR C 282 -16.99 4.36 -39.62
C TYR C 282 -18.22 4.81 -38.85
N ALA C 283 -19.40 4.78 -39.48
CA ALA C 283 -20.61 5.13 -38.78
C ALA C 283 -20.98 4.03 -37.76
N PHE C 284 -20.83 2.76 -38.15
CA PHE C 284 -21.02 1.63 -37.24
C PHE C 284 -20.06 1.82 -36.06
N LEU C 285 -18.80 2.11 -36.36
CA LEU C 285 -17.82 2.41 -35.33
C LEU C 285 -18.28 3.59 -34.47
N GLY C 286 -18.92 4.57 -35.08
CA GLY C 286 -19.42 5.73 -34.37
C GLY C 286 -20.46 5.29 -33.35
N GLY C 287 -21.21 4.26 -33.68
CA GLY C 287 -22.23 3.73 -32.79
C GLY C 287 -21.61 3.02 -31.60
N LEU C 288 -20.52 2.28 -31.83
CA LEU C 288 -19.84 1.58 -30.76
C LEU C 288 -19.26 2.57 -29.77
N ILE C 289 -18.62 3.59 -30.31
CA ILE C 289 -18.06 4.67 -29.50
C ILE C 289 -19.16 5.39 -28.73
N GLY C 290 -20.25 5.77 -29.42
CA GLY C 290 -21.33 6.54 -28.80
C GLY C 290 -22.05 5.77 -27.70
N HIS C 291 -22.21 4.47 -27.88
CA HIS C 291 -22.92 3.62 -26.91
C HIS C 291 -22.02 2.81 -25.98
N ALA C 292 -20.72 3.11 -25.97
CA ALA C 292 -19.74 2.29 -25.27
C ALA C 292 -20.05 2.05 -23.80
N LYS C 293 -20.51 3.10 -23.11
CA LYS C 293 -20.73 3.02 -21.67
C LYS C 293 -21.75 1.93 -21.31
N GLY C 294 -22.88 1.94 -22.00
CA GLY C 294 -23.88 0.91 -21.83
C GLY C 294 -23.46 -0.46 -22.38
N LEU C 295 -22.78 -0.45 -23.51
CA LEU C 295 -22.27 -1.69 -24.10
C LEU C 295 -21.42 -2.45 -23.08
N THR C 296 -20.60 -1.72 -22.35
CA THR C 296 -19.71 -2.33 -21.36
C THR C 296 -20.46 -3.22 -20.37
N ALA C 297 -21.63 -2.79 -19.93
CA ALA C 297 -22.41 -3.59 -18.98
C ALA C 297 -22.65 -4.99 -19.51
N VAL C 298 -22.92 -5.07 -20.81
CA VAL C 298 -23.30 -6.34 -21.42
C VAL C 298 -22.07 -7.18 -21.73
N VAL C 299 -21.04 -6.55 -22.29
CA VAL C 299 -19.89 -7.34 -22.76
C VAL C 299 -18.80 -7.50 -21.70
N ASN C 300 -18.95 -6.77 -20.59
CA ASN C 300 -18.10 -6.94 -19.42
C ASN C 300 -19.02 -7.14 -18.23
N PRO C 301 -19.68 -8.31 -18.18
CA PRO C 301 -20.90 -8.46 -17.38
C PRO C 301 -20.73 -8.86 -15.91
N THR C 302 -19.49 -8.89 -15.41
CA THR C 302 -19.25 -9.35 -14.04
C THR C 302 -18.42 -8.35 -13.27
N VAL C 303 -18.49 -8.42 -11.95
CA VAL C 303 -17.64 -7.59 -11.09
C VAL C 303 -16.18 -7.70 -11.54
N ASN C 304 -15.73 -8.93 -11.74
CA ASN C 304 -14.35 -9.24 -12.07
C ASN C 304 -13.91 -8.64 -13.42
N SER C 305 -14.87 -8.44 -14.31
CA SER C 305 -14.63 -7.85 -15.62
C SER C 305 -13.87 -6.54 -15.50
N TYR C 306 -14.17 -5.81 -14.43
CA TYR C 306 -13.61 -4.47 -14.22
C TYR C 306 -12.21 -4.48 -13.60
N LYS C 307 -11.71 -5.69 -13.33
CA LYS C 307 -10.30 -5.82 -12.98
C LYS C 307 -9.45 -6.13 -14.22
N ARG C 308 -10.09 -6.52 -15.31
CA ARG C 308 -9.38 -6.69 -16.58
C ARG C 308 -9.24 -5.36 -17.31
N LEU C 309 -10.35 -4.60 -17.39
CA LEU C 309 -10.33 -3.24 -17.94
C LEU C 309 -9.54 -2.30 -17.02
N ASN C 310 -8.80 -1.35 -17.60
CA ASN C 310 -8.09 -0.38 -16.78
C ASN C 310 -7.26 -1.03 -15.69
N ALA C 311 -6.54 -2.10 -16.05
CA ALA C 311 -5.73 -2.84 -15.09
C ALA C 311 -4.29 -2.32 -15.07
N PRO C 312 -3.61 -2.47 -13.93
CA PRO C 312 -2.18 -2.11 -13.86
C PRO C 312 -1.36 -2.97 -14.81
N VAL C 313 -0.18 -2.49 -15.18
CA VAL C 313 0.67 -3.24 -16.08
C VAL C 313 0.95 -4.64 -15.53
N THR C 314 0.95 -5.63 -16.41
CA THR C 314 1.13 -7.03 -16.04
C THR C 314 2.61 -7.39 -16.11
N VAL C 315 2.95 -8.61 -15.75
CA VAL C 315 4.35 -9.02 -15.78
C VAL C 315 4.89 -9.04 -17.21
N SER C 316 4.01 -9.31 -18.18
CA SER C 316 4.39 -9.39 -19.59
C SER C 316 4.52 -8.01 -20.24
N GLY C 317 4.19 -6.95 -19.50
CA GLY C 317 4.44 -5.59 -19.94
C GLY C 317 3.28 -4.82 -20.56
N ALA C 318 2.14 -5.48 -20.72
CA ALA C 318 0.93 -4.81 -21.22
C ALA C 318 -0.30 -5.62 -20.85
N THR C 319 -1.42 -4.94 -20.64
CA THR C 319 -2.69 -5.61 -20.35
C THR C 319 -3.37 -6.05 -21.64
N TRP C 320 -3.14 -5.32 -22.71
CA TRP C 320 -3.77 -5.61 -23.99
C TRP C 320 -5.30 -5.45 -23.96
N SER C 321 -5.82 -4.85 -22.90
CA SER C 321 -7.27 -4.61 -22.81
C SER C 321 -7.54 -3.11 -22.85
N PRO C 322 -8.77 -2.72 -23.18
CA PRO C 322 -9.17 -1.31 -23.29
C PRO C 322 -9.25 -0.58 -21.95
N ASN C 323 -8.83 0.69 -21.98
CA ASN C 323 -8.97 1.59 -20.83
C ASN C 323 -9.94 2.71 -21.14
N THR C 324 -10.06 3.02 -22.43
CA THR C 324 -10.72 4.24 -22.88
C THR C 324 -11.66 3.97 -24.05
N ILE C 325 -12.59 4.88 -24.25
CA ILE C 325 -13.52 4.80 -25.36
C ILE C 325 -12.86 5.48 -26.55
N THR C 326 -11.98 4.75 -27.23
CA THR C 326 -11.17 5.28 -28.32
C THR C 326 -10.92 4.17 -29.33
N TYR C 327 -10.42 4.53 -30.51
CA TYR C 327 -10.01 3.52 -31.47
C TYR C 327 -8.67 3.88 -32.09
N GLY C 328 -7.98 2.88 -32.64
CA GLY C 328 -6.73 3.11 -33.33
C GLY C 328 -6.78 2.42 -34.67
N GLY C 329 -5.65 2.37 -35.37
CA GLY C 329 -5.57 1.62 -36.61
C GLY C 329 -5.32 0.19 -36.16
N ASN C 330 -4.29 -0.44 -36.73
CA ASN C 330 -3.89 -1.76 -36.27
C ASN C 330 -3.04 -1.61 -35.01
N ASN C 331 -3.73 -1.56 -33.88
CA ASN C 331 -3.19 -1.00 -32.64
C ASN C 331 -4.00 -1.61 -31.51
N ARG C 332 -3.34 -2.35 -30.61
CA ARG C 332 -4.08 -3.15 -29.62
C ARG C 332 -4.27 -2.45 -28.28
N THR C 333 -4.14 -1.13 -28.26
CA THR C 333 -4.19 -0.41 -26.98
C THR C 333 -5.50 0.35 -26.79
N HIS C 334 -6.46 0.12 -27.69
CA HIS C 334 -7.72 0.85 -27.69
C HIS C 334 -8.95 -0.03 -27.52
N MET C 335 -10.11 0.61 -27.46
CA MET C 335 -11.37 -0.13 -27.38
C MET C 335 -11.64 -0.85 -28.70
N VAL C 336 -11.33 -0.19 -29.80
CA VAL C 336 -11.51 -0.74 -31.14
C VAL C 336 -10.18 -0.70 -31.89
N ARG C 337 -9.85 -1.80 -32.56
CA ARG C 337 -8.70 -1.87 -33.44
C ARG C 337 -9.22 -2.08 -34.85
N ILE C 338 -8.53 -1.52 -35.84
CA ILE C 338 -8.82 -1.80 -37.23
C ILE C 338 -7.71 -2.72 -37.71
N PRO C 339 -7.98 -4.03 -37.74
CA PRO C 339 -6.94 -5.05 -37.94
C PRO C 339 -6.56 -5.21 -39.41
N ASP C 340 -7.43 -4.74 -40.29
CA ASP C 340 -7.29 -5.02 -41.71
C ASP C 340 -8.43 -4.32 -42.39
N ALA C 341 -8.36 -4.21 -43.71
CA ALA C 341 -9.44 -3.64 -44.50
C ALA C 341 -10.73 -4.44 -44.32
N GLY C 342 -11.85 -3.74 -44.26
CA GLY C 342 -13.14 -4.39 -44.33
C GLY C 342 -13.72 -4.94 -43.04
N ARG C 343 -13.09 -4.63 -41.91
CA ARG C 343 -13.65 -5.07 -40.63
C ARG C 343 -13.15 -4.28 -39.43
N LEU C 344 -13.89 -4.39 -38.33
CA LEU C 344 -13.53 -3.75 -37.06
C LEU C 344 -13.27 -4.80 -35.99
N GLU C 345 -12.30 -4.56 -35.13
CA GLU C 345 -12.14 -5.42 -33.97
C GLU C 345 -12.56 -4.70 -32.68
N LEU C 346 -13.68 -5.13 -32.09
CA LEU C 346 -14.07 -4.62 -30.77
C LEU C 346 -13.34 -5.41 -29.68
N ARG C 347 -12.41 -4.75 -29.00
CA ARG C 347 -11.54 -5.45 -28.05
C ARG C 347 -12.14 -5.46 -26.64
N LEU C 348 -13.26 -4.77 -26.49
CA LEU C 348 -13.91 -4.57 -25.19
C LEU C 348 -14.39 -5.85 -24.45
N PRO C 349 -15.05 -6.79 -25.17
CA PRO C 349 -15.69 -7.89 -24.43
C PRO C 349 -14.70 -8.80 -23.73
N ASP C 350 -15.12 -9.45 -22.65
CA ASP C 350 -14.25 -10.41 -21.95
C ASP C 350 -14.82 -11.82 -22.01
N GLY C 351 -14.12 -12.76 -21.38
CA GLY C 351 -14.50 -14.14 -21.42
C GLY C 351 -15.85 -14.47 -20.80
N ALA C 352 -16.41 -13.55 -20.02
CA ALA C 352 -17.74 -13.78 -19.43
C ALA C 352 -18.90 -13.33 -20.32
N ALA C 353 -18.59 -12.58 -21.38
CA ALA C 353 -19.62 -12.03 -22.26
C ALA C 353 -20.57 -13.11 -22.76
N ASN C 354 -21.88 -12.84 -22.66
CA ASN C 354 -22.89 -13.77 -23.15
C ASN C 354 -22.79 -13.95 -24.67
N PRO C 355 -22.67 -15.20 -25.14
CA PRO C 355 -22.52 -15.50 -26.57
C PRO C 355 -23.61 -14.88 -27.46
N TYR C 356 -24.81 -14.67 -26.93
CA TYR C 356 -25.91 -14.09 -27.69
C TYR C 356 -26.11 -12.61 -27.37
N LEU C 357 -26.12 -12.24 -26.10
CA LEU C 357 -26.31 -10.84 -25.75
C LEU C 357 -25.19 -9.95 -26.29
N MET C 358 -23.98 -10.50 -26.41
CA MET C 358 -22.84 -9.71 -26.85
C MET C 358 -23.05 -9.24 -28.30
N PRO C 359 -23.25 -10.17 -29.24
CA PRO C 359 -23.54 -9.66 -30.59
C PRO C 359 -24.83 -8.83 -30.69
N ALA C 360 -25.87 -9.20 -29.95
CA ALA C 360 -27.09 -8.39 -29.98
C ALA C 360 -26.82 -6.95 -29.57
N ALA C 361 -26.09 -6.76 -28.48
CA ALA C 361 -25.83 -5.37 -28.03
C ALA C 361 -24.89 -4.63 -28.98
N ILE C 362 -23.92 -5.36 -29.52
CA ILE C 362 -22.97 -4.75 -30.46
C ILE C 362 -23.71 -4.26 -31.72
N LEU C 363 -24.60 -5.09 -32.22
CA LEU C 363 -25.39 -4.78 -33.42
C LEU C 363 -26.35 -3.63 -33.18
N ALA C 364 -27.06 -3.66 -32.06
CA ALA C 364 -27.94 -2.53 -31.76
C ALA C 364 -27.16 -1.22 -31.80
N ALA C 365 -25.97 -1.23 -31.21
CA ALA C 365 -25.16 -0.02 -31.12
C ALA C 365 -24.71 0.41 -32.50
N GLY C 366 -24.12 -0.54 -33.23
CA GLY C 366 -23.55 -0.27 -34.54
C GLY C 366 -24.63 0.19 -35.51
N LEU C 367 -25.80 -0.47 -35.47
CA LEU C 367 -26.95 -0.12 -36.32
C LEU C 367 -27.37 1.32 -36.10
N ASP C 368 -27.43 1.73 -34.84
CA ASP C 368 -27.80 3.10 -34.53
C ASP C 368 -26.72 4.05 -35.04
N GLY C 369 -25.47 3.60 -35.01
CA GLY C 369 -24.37 4.37 -35.54
C GLY C 369 -24.55 4.59 -37.03
N ILE C 370 -24.96 3.55 -37.74
CA ILE C 370 -25.20 3.67 -39.17
C ILE C 370 -26.39 4.59 -39.47
N GLU C 371 -27.50 4.35 -38.76
CA GLU C 371 -28.72 5.14 -38.95
C GLU C 371 -28.53 6.62 -38.64
N THR C 372 -27.68 6.96 -37.69
CA THR C 372 -27.47 8.36 -37.35
C THR C 372 -26.17 8.94 -37.93
N GLN C 373 -25.47 8.15 -38.73
CA GLN C 373 -24.18 8.57 -39.27
C GLN C 373 -23.29 9.10 -38.15
N ALA C 374 -23.11 8.29 -37.11
CA ALA C 374 -22.37 8.70 -35.93
C ALA C 374 -20.90 8.91 -36.25
N ASP C 375 -20.32 9.96 -35.67
CA ASP C 375 -18.89 10.28 -35.81
C ASP C 375 -18.09 9.56 -34.71
N PRO C 376 -17.18 8.66 -35.11
CA PRO C 376 -16.37 7.89 -34.16
C PRO C 376 -15.28 8.72 -33.50
N GLY C 377 -15.06 9.94 -34.01
CA GLY C 377 -14.00 10.80 -33.50
C GLY C 377 -12.69 10.55 -34.22
N GLN C 378 -11.61 11.08 -33.65
CA GLN C 378 -10.27 10.95 -34.23
C GLN C 378 -9.60 9.62 -33.88
N ARG C 379 -9.08 8.93 -34.89
CA ARG C 379 -8.27 7.74 -34.67
C ARG C 379 -6.98 8.14 -33.93
N LEU C 380 -6.63 7.38 -32.90
CA LEU C 380 -5.44 7.69 -32.11
C LEU C 380 -4.30 6.71 -32.41
N ASP C 381 -3.28 7.16 -33.13
CA ASP C 381 -2.18 6.28 -33.51
C ASP C 381 -1.09 6.36 -32.45
N ILE C 382 -1.46 6.11 -31.20
CA ILE C 382 -0.54 6.16 -30.08
C ILE C 382 -0.76 4.95 -29.21
N ASP C 383 0.19 4.69 -28.32
CA ASP C 383 0.06 3.65 -27.31
C ASP C 383 -0.70 4.23 -26.13
N MET C 384 -1.97 3.85 -26.00
CA MET C 384 -2.80 4.47 -24.97
C MET C 384 -2.31 4.20 -23.54
N TYR C 385 -1.56 3.12 -23.37
CA TYR C 385 -1.08 2.76 -22.04
C TYR C 385 0.04 3.72 -21.62
N VAL C 386 0.78 4.20 -22.60
CA VAL C 386 1.92 5.06 -22.34
C VAL C 386 1.60 6.53 -22.53
N GLU C 387 0.79 6.81 -23.55
CA GLU C 387 0.56 8.18 -24.01
C GLU C 387 -0.86 8.69 -23.79
N GLY C 388 -1.68 7.89 -23.11
CA GLY C 388 -3.07 8.24 -22.90
C GLY C 388 -3.24 9.53 -22.14
N HIS C 389 -2.24 9.86 -21.33
CA HIS C 389 -2.23 11.06 -20.50
C HIS C 389 -2.07 12.33 -21.35
N SER C 390 -1.49 12.19 -22.54
CA SER C 390 -1.20 13.33 -23.39
C SER C 390 -2.39 13.68 -24.27
N VAL C 391 -3.50 12.96 -24.06
CA VAL C 391 -4.68 13.13 -24.88
C VAL C 391 -5.94 13.06 -24.02
N GLU C 392 -6.93 13.88 -24.34
CA GLU C 392 -8.20 13.81 -23.63
C GLU C 392 -9.03 12.67 -24.22
N ALA C 393 -9.45 11.76 -23.35
CA ALA C 393 -10.24 10.62 -23.79
C ALA C 393 -11.16 10.18 -22.68
N GLU C 394 -12.38 9.82 -23.03
CA GLU C 394 -13.32 9.34 -22.01
C GLU C 394 -12.89 7.94 -21.54
N GLN C 395 -12.79 7.77 -20.23
CA GLN C 395 -12.52 6.45 -19.65
C GLN C 395 -13.76 5.57 -19.74
N LEU C 396 -13.56 4.26 -19.81
CA LEU C 396 -14.68 3.33 -19.75
C LEU C 396 -15.24 3.28 -18.34
N PRO C 397 -16.51 2.84 -18.18
CA PRO C 397 -17.06 2.70 -16.83
C PRO C 397 -16.11 1.88 -15.96
N LEU C 398 -15.94 2.28 -14.71
CA LEU C 398 -14.88 1.71 -13.86
C LEU C 398 -15.34 0.53 -13.00
N ASN C 399 -16.64 0.31 -12.89
CA ASN C 399 -17.14 -0.81 -12.11
C ASN C 399 -18.49 -1.26 -12.66
N LEU C 400 -18.94 -2.45 -12.25
CA LEU C 400 -20.16 -3.04 -12.79
C LEU C 400 -21.41 -2.17 -12.59
N LEU C 401 -21.56 -1.63 -11.39
CA LEU C 401 -22.72 -0.80 -11.06
C LEU C 401 -22.84 0.42 -11.99
N ASP C 402 -21.71 1.07 -12.24
CA ASP C 402 -21.70 2.22 -13.13
C ASP C 402 -22.03 1.83 -14.57
N ALA C 403 -21.51 0.70 -15.03
CA ALA C 403 -21.84 0.20 -16.36
C ALA C 403 -23.34 -0.11 -16.46
N VAL C 404 -23.89 -0.74 -15.43
CA VAL C 404 -25.29 -1.12 -15.47
C VAL C 404 -26.20 0.13 -15.52
N ARG C 405 -25.89 1.14 -14.72
CA ARG C 405 -26.61 2.41 -14.80
C ARG C 405 -26.56 2.96 -16.24
N ALA C 406 -25.38 2.89 -16.86
CA ALA C 406 -25.23 3.37 -18.22
C ALA C 406 -26.11 2.57 -19.18
N LEU C 407 -26.15 1.25 -19.00
CA LEU C 407 -27.02 0.40 -19.80
C LEU C 407 -28.47 0.87 -19.69
N GLU C 408 -28.92 1.03 -18.44
CA GLU C 408 -30.31 1.41 -18.16
C GLU C 408 -30.65 2.76 -18.80
N ALA C 409 -29.69 3.68 -18.81
CA ALA C 409 -29.91 5.02 -19.35
C ALA C 409 -29.72 5.11 -20.87
N ASP C 410 -29.36 4.00 -21.51
CA ASP C 410 -29.12 4.02 -22.95
C ASP C 410 -30.32 3.44 -23.68
N GLU C 411 -31.15 4.32 -24.26
CA GLU C 411 -32.41 3.89 -24.87
C GLU C 411 -32.22 2.94 -26.05
N VAL C 412 -31.19 3.17 -26.83
CA VAL C 412 -30.96 2.33 -28.01
C VAL C 412 -30.62 0.91 -27.59
N LEU C 413 -29.76 0.79 -26.59
CA LEU C 413 -29.36 -0.52 -26.08
C LEU C 413 -30.50 -1.20 -25.35
N ALA C 414 -31.02 -0.54 -24.32
CA ALA C 414 -32.09 -1.14 -23.54
C ALA C 414 -33.28 -1.45 -24.44
N GLY C 415 -33.60 -0.52 -25.35
CA GLY C 415 -34.66 -0.74 -26.31
C GLY C 415 -34.38 -1.91 -27.21
N GLY C 416 -33.17 -1.98 -27.75
CA GLY C 416 -32.79 -3.02 -28.69
C GLY C 416 -32.74 -4.44 -28.13
N LEU C 417 -32.43 -4.57 -26.84
CA LEU C 417 -32.33 -5.88 -26.20
C LEU C 417 -33.67 -6.28 -25.62
N GLY C 418 -34.61 -5.35 -25.61
CA GLY C 418 -35.93 -5.60 -25.05
C GLY C 418 -35.88 -5.91 -23.56
N ALA C 419 -36.77 -6.80 -23.13
CA ALA C 419 -36.88 -7.12 -21.71
C ALA C 419 -35.63 -7.78 -21.16
N ALA C 420 -34.79 -8.32 -22.04
CA ALA C 420 -33.52 -8.88 -21.59
C ALA C 420 -32.69 -7.84 -20.84
N ALA C 421 -32.72 -6.59 -21.29
CA ALA C 421 -31.85 -5.58 -20.70
C ALA C 421 -32.20 -5.32 -19.24
N ALA C 422 -33.48 -5.13 -18.93
CA ALA C 422 -33.91 -4.90 -17.55
C ALA C 422 -33.66 -6.11 -16.65
N ALA C 423 -33.97 -7.32 -17.15
CA ALA C 423 -33.72 -8.54 -16.40
C ALA C 423 -32.21 -8.69 -16.10
N PHE C 424 -31.39 -8.49 -17.12
CA PHE C 424 -29.94 -8.51 -16.95
C PHE C 424 -29.49 -7.52 -15.86
N ALA C 425 -29.97 -6.29 -15.94
CA ALA C 425 -29.59 -5.25 -14.98
C ALA C 425 -30.00 -5.65 -13.58
N LYS C 426 -31.19 -6.22 -13.45
CA LYS C 426 -31.67 -6.63 -12.13
C LYS C 426 -30.70 -7.63 -11.52
N PHE C 427 -30.35 -8.66 -12.28
CA PHE C 427 -29.45 -9.69 -11.77
C PHE C 427 -28.09 -9.12 -11.39
N LYS C 428 -27.54 -8.23 -12.22
CA LYS C 428 -26.21 -7.68 -11.99
C LYS C 428 -26.18 -6.79 -10.76
N ARG C 429 -27.28 -6.11 -10.50
CA ARG C 429 -27.39 -5.28 -9.33
C ARG C 429 -27.40 -6.16 -8.08
N ALA C 430 -28.05 -7.31 -8.17
CA ALA C 430 -28.07 -8.27 -7.06
C ALA C 430 -26.67 -8.83 -6.80
N GLU C 431 -25.95 -9.15 -7.88
CA GLU C 431 -24.58 -9.61 -7.76
C GLU C 431 -23.71 -8.56 -7.10
N TRP C 432 -23.84 -7.31 -7.56
CA TRP C 432 -23.10 -6.20 -6.96
C TRP C 432 -23.37 -6.08 -5.48
N ALA C 433 -24.64 -6.11 -5.09
CA ALA C 433 -25.01 -5.97 -3.67
C ALA C 433 -24.37 -7.06 -2.81
N ASP C 434 -24.31 -8.27 -3.36
CA ASP C 434 -23.66 -9.40 -2.71
C ASP C 434 -22.15 -9.18 -2.57
N TYR C 435 -21.51 -8.90 -3.70
CA TYR C 435 -20.09 -8.62 -3.73
C TYR C 435 -19.67 -7.50 -2.77
N LYS C 436 -20.39 -6.39 -2.75
CA LYS C 436 -19.93 -5.23 -1.98
C LYS C 436 -19.89 -5.46 -0.47
N SER C 437 -20.49 -6.55 0.00
CA SER C 437 -20.51 -6.79 1.43
C SER C 437 -19.42 -7.78 1.86
N GLN C 438 -18.67 -8.30 0.89
CA GLN C 438 -17.64 -9.30 1.18
C GLN C 438 -16.34 -8.65 1.68
N LEU C 439 -15.95 -8.99 2.90
CA LEU C 439 -14.68 -8.49 3.44
C LEU C 439 -13.51 -9.10 2.68
N THR C 440 -12.52 -8.27 2.36
CA THR C 440 -11.37 -8.74 1.60
C THR C 440 -10.10 -8.71 2.45
N GLU C 441 -9.11 -9.52 2.07
CA GLU C 441 -7.87 -9.61 2.83
C GLU C 441 -7.07 -8.31 2.82
N TRP C 442 -7.06 -7.62 1.67
CA TRP C 442 -6.38 -6.34 1.57
C TRP C 442 -6.90 -5.38 2.65
N GLU C 443 -8.23 -5.30 2.78
CA GLU C 443 -8.86 -4.46 3.80
C GLU C 443 -8.40 -4.83 5.22
N ARG C 444 -8.38 -6.12 5.53
CA ARG C 444 -7.95 -6.55 6.86
C ARG C 444 -6.51 -6.13 7.13
N ARG C 445 -5.64 -6.41 6.16
CA ARG C 445 -4.23 -6.09 6.28
C ARG C 445 -3.97 -4.60 6.49
N THR C 446 -4.68 -3.76 5.75
CA THR C 446 -4.37 -2.33 5.73
C THR C 446 -5.21 -1.51 6.71
N THR C 447 -6.22 -2.11 7.32
CA THR C 447 -7.13 -1.35 8.19
C THR C 447 -7.14 -1.82 9.64
N LEU C 448 -6.69 -3.05 9.90
CA LEU C 448 -6.79 -3.59 11.25
C LEU C 448 -6.13 -2.68 12.29
N ASP C 449 -5.08 -1.97 11.89
CA ASP C 449 -4.31 -1.11 12.79
C ASP C 449 -4.66 0.36 12.72
N CYS C 450 -5.82 0.69 12.19
CA CYS C 450 -6.20 2.09 12.09
C CYS C 450 -6.36 2.71 13.48
MG MG D . -22.20 5.14 23.14
MG MG E . -23.54 7.15 20.21
MG MG F . -21.73 2.44 20.89
PB ADP G . -24.72 7.40 23.34
O1B ADP G . -24.76 7.76 21.91
O2B ADP G . -24.28 5.98 23.49
O3B ADP G . -26.09 7.59 23.91
PA ADP G . -22.45 8.01 24.93
O1A ADP G . -21.75 6.74 24.46
O2A ADP G . -22.75 7.96 26.41
O3A ADP G . -23.77 8.37 24.11
O5' ADP G . -21.44 9.24 24.70
C5' ADP G . -21.83 10.56 24.91
C4' ADP G . -20.76 11.52 24.73
O4' ADP G . -21.33 12.84 24.52
C3' ADP G . -19.97 11.55 25.98
O3' ADP G . -18.63 11.64 25.66
C2' ADP G . -20.46 12.76 26.65
O2' ADP G . -19.55 13.29 27.49
C1' ADP G . -20.71 13.66 25.49
N9 ADP G . -21.47 14.87 25.78
C8 ADP G . -22.34 15.08 26.78
N7 ADP G . -22.79 16.34 26.67
C5 ADP G . -22.20 16.91 25.60
C6 ADP G . -22.28 18.17 25.01
N6 ADP G . -23.17 19.17 25.60
N1 ADP G . -21.54 18.43 23.92
C2 ADP G . -20.73 17.50 23.38
N3 ADP G . -20.62 16.28 23.91
C4 ADP G . -21.34 15.97 25.02
O3A P3S H . -25.67 3.48 21.46
PA P3S H . -24.32 3.94 20.84
O1A P3S H . -24.40 5.28 20.21
O2A P3S H . -23.22 3.84 21.91
NE P3S H . -23.76 2.85 19.75
SD P3S H . -24.84 1.86 19.06
OE P3S H . -25.92 2.60 18.40
CE P3S H . -25.48 0.69 20.21
CG P3S H . -23.95 1.02 17.79
CB P3S H . -23.19 1.82 16.78
CA P3S H . -22.47 1.03 15.73
N P3S H . -21.36 0.31 16.31
C P3S H . -21.93 1.88 14.61
OT P3S H . -21.35 1.30 13.63
O P3S H . -22.02 3.14 14.63
MG MG I . 19.32 10.66 12.12
MG MG J . 21.32 11.60 9.05
MG MG K . 18.44 7.72 10.20
PB ADP L . 19.81 13.74 11.16
O1B ADP L . 20.59 13.41 9.95
O2B ADP L . 18.77 12.71 11.42
O3B ADP L . 19.10 15.04 10.97
PA ADP L . 20.80 13.12 13.76
O1A ADP L . 20.08 13.89 14.84
O2A ADP L . 20.30 11.67 13.67
O3A ADP L . 20.79 13.92 12.37
O5' ADP L . 22.35 13.07 14.17
C5' ADP L . 23.13 14.23 14.19
C4' ADP L . 24.49 14.06 14.68
O4' ADP L . 25.25 15.26 14.34
C3' ADP L . 24.49 13.96 16.16
O3' ADP L . 25.40 13.01 16.53
C2' ADP L . 24.93 15.30 16.58
O2' ADP L . 25.50 15.29 17.79
C1' ADP L . 25.91 15.64 15.52
N9 ADP L . 26.35 17.03 15.46
C8 ADP L . 25.68 18.11 15.88
N7 ADP L . 26.46 19.19 15.64
C5 ADP L . 27.62 18.79 15.08
C6 ADP L . 28.77 19.44 14.63
N6 ADP L . 28.91 20.92 14.72
N1 ADP L . 29.75 18.71 14.09
C2 ADP L . 29.66 17.36 13.99
N3 ADP L . 28.58 16.72 14.41
C4 ADP L . 27.55 17.39 14.96
O3A P3S M . 16.84 11.27 8.91
PA P3S M . 18.15 10.45 9.00
O1A P3S M . 19.37 11.11 8.46
O2A P3S M . 18.35 10.02 10.46
NE P3S M . 18.06 9.01 8.21
SD P3S M . 16.95 8.84 7.05
OE P3S M . 17.11 9.78 5.96
CE P3S M . 15.31 8.93 7.70
CG P3S M . 17.26 7.20 6.43
CB P3S M . 18.61 6.90 5.83
CA P3S M . 18.78 5.52 5.24
N P3S M . 18.63 4.54 6.28
C P3S M . 20.11 5.27 4.58
OT P3S M . 20.26 4.21 3.91
O P3S M . 21.09 6.07 4.72
MG MG N . -6.41 -13.37 -31.49
MG MG O . -7.94 -9.95 -31.16
MG MG P . -5.73 -13.16 -28.07
PB ADP Q . -6.34 -11.07 -33.84
O1B ADP Q . -5.40 -10.45 -34.80
O2B ADP Q . -5.55 -11.96 -32.95
O3B ADP Q . -7.07 -10.03 -33.08
PA ADP Q . -7.62 -13.46 -34.67
O1A ADP Q . -6.91 -14.16 -35.81
O2A ADP Q . -7.39 -14.15 -33.32
O3A ADP Q . -7.37 -11.88 -34.68
O5' ADP Q . -9.19 -13.58 -34.97
C5' ADP Q . -9.79 -12.96 -36.07
C4' ADP Q . -11.19 -13.30 -36.24
O4' ADP Q . -11.80 -12.36 -37.18
C3' ADP Q . -11.30 -14.66 -36.82
O3' ADP Q . -12.32 -15.33 -36.19
C2' ADP Q . -11.62 -14.38 -38.23
O2' ADP Q . -12.22 -15.40 -38.85
C1' ADP Q . -12.47 -13.15 -38.12
N9 ADP Q . -12.71 -12.42 -39.36
C8 ADP Q . -11.95 -12.41 -40.46
N7 ADP Q . -12.55 -11.61 -41.36
C5 ADP Q . -13.68 -11.11 -40.81
C6 ADP Q . -14.69 -10.25 -41.26
N6 ADP Q . -14.66 -9.64 -42.62
N1 ADP Q . -15.69 -9.96 -40.43
C2 ADP Q . -15.77 -10.48 -39.19
N3 ADP Q . -14.82 -11.30 -38.74
C4 ADP Q . -13.78 -11.63 -39.53
O3A P3S R . -5.36 -12.31 -30.17
PA P3S R . -5.03 -10.87 -29.80
O1A P3S R . -3.66 -10.51 -30.44
O2A P3S R . -6.08 -9.89 -30.21
NE P3S R . -4.95 -11.00 -28.16
SD P3S R . -3.89 -10.09 -27.39
OE P3S R . -3.98 -8.68 -27.76
CE P3S R . -2.26 -10.73 -27.62
CG P3S R . -4.34 -10.23 -25.68
CB P3S R . -5.66 -9.67 -25.28
CA P3S R . -5.94 -9.74 -23.81
N P3S R . -5.95 -11.11 -23.37
C P3S R . -7.25 -9.13 -23.44
OT P3S R . -7.54 -9.05 -22.23
O P3S R . -8.07 -8.69 -24.31
#